data_2X05
#
_entry.id   2X05
#
_cell.length_a   86.120
_cell.length_b   121.800
_cell.length_c   91.560
_cell.angle_alpha   90.00
_cell.angle_beta   90.51
_cell.angle_gamma   90.00
#
_symmetry.space_group_name_H-M   'P 1 21 1'
#
loop_
_entity.id
_entity.type
_entity.pdbx_description
1 polymer EXO-BETA-D-GLUCOSAMINIDASE
2 non-polymer AMINO-CASTANOSPERMINE
3 non-polymer 'CADMIUM ION'
4 water water
#
_entity_poly.entity_id   1
_entity_poly.type   'polypeptide(L)'
_entity_poly.pdbx_seq_one_letter_code
;VSFRQKRTRIPLLAMTVTALAAAVCGVTTAPAATGAEVAVPLSVGAAAGNATPIPGYVIQSSAQVSDDSAVSKPGFPTSG
WYPVSSRSTVYAGLLQNGKYADPFYSTNMQNVPAAQFSVPWWYRTDLNVDDTSSRTYLDFSGVLSKADVWVNGTKVATKD
QVNGAYTRHDLDITAQVHTGVNSVAFKVYPNDPNRDLSMGWIDWAQTPPDQNMGIVRDVLVRRSGAVALRSAHVIQKLNS
ALDHADLTVKADVRNDSANAVQTTVAGTVAGKPISQTVSLAAKERKTVTFPLVGLDRPNVWWPAGMGGQHRYDLDLTASV
GGTPSDAAKSKFGVRDVKATLNSSGGRQYSVNGKPLLIRGGGYTPDLFLRWNETAAADKLKYVLNLGLNTVRLEGHIEPD
EFFDIADDLGVLTMPGWECCDKWEGQVNGEEKGEPWVESDYPIAKASMFSEAERLRDHPSVISFHIGSDFAPDRRIEQGY
LDAMKAADFLLPVIPAASARPSPITGASGMKMNGPYDYVPPVYWYDKSQKDRGGAWSFNSETSAGVDIPTMDTLKRMMSA
SELDTMWKNPSAKQYHRSSSDTFGNLKLFGDALTKRYGASANLNDFVRKAQLSQYENVRAEFESHSRNYTDSTNPSTGLI
YWMLNSPWTSLHWQLFDAYMDQNGAYYGAKKANEPLHIQYSHDNRSVVVINQTSNAVSGLTATTKLYNLDGTEKYSNTKT
GLSVGALGAKATAVTVPAVSGLSTTYLAKNVLTDSSGKEVSRNVYWLSTKADTLNWGGSDWYYTPQSAFADLSGLNNLGQ
SAVGATANSVAGADGTTTTTVTLKNTSGGRLPAFYVDSKVVDSAGKPVLPVEWNDNAVSLWPGETTTLTAKYRTADLKGS
KPSVRISGWNTGTQTVPADGSGPGPSDPVDYQAEDATIVQGAVESNHAGYTGTGFVNYDNVAGSSVEWTVTVPSAGTYDV
VVRYANGTTTSRPLDFSVNGSISASGVAFGSTGTWPAWTTKTVRVTLAAGVNKIKAVATTANGGPNVDKITL
;
_entity_poly.pdbx_strand_id   A,B
#
loop_
_chem_comp.id
_chem_comp.type
_chem_comp.name
_chem_comp.formula
CD non-polymer 'CADMIUM ION' 'Cd 2'
X05 non-polymer AMINO-CASTANOSPERMINE 'C8 H16 N2 O3'
#
# COMPACT_ATOMS: atom_id res chain seq x y z
N ALA A 48 -2.34 -14.17 -19.00
CA ALA A 48 -1.21 -15.16 -19.00
C ALA A 48 -0.07 -14.73 -18.05
N GLY A 49 0.13 -15.51 -16.99
CA GLY A 49 1.13 -15.23 -15.95
C GLY A 49 0.50 -15.21 -14.57
N ASN A 50 -0.49 -16.07 -14.41
CA ASN A 50 -1.42 -16.06 -13.29
C ASN A 50 -1.08 -17.15 -12.29
N ALA A 51 -1.26 -16.85 -11.00
CA ALA A 51 -1.12 -17.84 -9.94
C ALA A 51 -2.03 -17.43 -8.79
N THR A 52 -3.14 -18.15 -8.62
CA THR A 52 -4.11 -17.78 -7.58
C THR A 52 -4.35 -18.89 -6.56
N PRO A 53 -4.11 -18.62 -5.25
CA PRO A 53 -4.39 -19.57 -4.18
C PRO A 53 -5.86 -19.92 -4.13
N ILE A 54 -6.16 -21.20 -3.96
CA ILE A 54 -7.52 -21.61 -3.66
C ILE A 54 -7.82 -21.08 -2.26
N PRO A 55 -8.91 -20.29 -2.13
CA PRO A 55 -9.16 -19.64 -0.84
C PRO A 55 -9.68 -20.56 0.26
N GLY A 56 -10.27 -21.69 -0.11
CA GLY A 56 -10.92 -22.58 0.85
C GLY A 56 -11.53 -23.81 0.19
N TYR A 57 -11.93 -24.75 1.02
CA TYR A 57 -12.48 -26.03 0.56
C TYR A 57 -13.64 -26.39 1.48
N VAL A 58 -14.38 -27.41 1.08
CA VAL A 58 -15.31 -28.12 1.94
C VAL A 58 -14.70 -29.48 2.11
N ILE A 59 -14.74 -30.01 3.34
CA ILE A 59 -14.07 -31.28 3.64
C ILE A 59 -15.07 -32.24 4.29
N GLN A 60 -14.78 -33.52 4.13
CA GLN A 60 -15.53 -34.62 4.77
C GLN A 60 -14.66 -35.87 4.73
N SER A 61 -14.88 -36.77 5.68
CA SER A 61 -14.26 -38.10 5.64
C SER A 61 -14.66 -38.91 4.38
N SER A 62 -13.69 -39.67 3.86
CA SER A 62 -13.93 -40.60 2.75
C SER A 62 -14.86 -41.73 3.18
N ALA A 63 -15.13 -41.84 4.48
CA ALA A 63 -16.15 -42.74 5.01
C ALA A 63 -17.51 -42.51 4.34
N GLN A 64 -17.72 -41.29 3.86
CA GLN A 64 -19.03 -40.92 3.33
C GLN A 64 -19.03 -40.80 1.82
N VAL A 65 -17.93 -41.24 1.20
CA VAL A 65 -17.75 -41.17 -0.24
C VAL A 65 -17.51 -42.58 -0.77
N SER A 66 -18.45 -43.11 -1.54
CA SER A 66 -18.31 -44.48 -2.03
C SER A 66 -17.81 -44.53 -3.46
N ASP A 67 -17.88 -43.41 -4.16
CA ASP A 67 -17.37 -43.31 -5.54
C ASP A 67 -16.42 -42.13 -5.55
N ASP A 68 -15.12 -42.42 -5.50
CA ASP A 68 -14.09 -41.38 -5.43
C ASP A 68 -14.18 -40.38 -6.60
N SER A 69 -14.46 -40.89 -7.79
CA SER A 69 -14.58 -40.09 -9.04
C SER A 69 -15.71 -39.06 -8.99
N ALA A 70 -16.74 -39.34 -8.21
CA ALA A 70 -17.89 -38.43 -8.10
C ALA A 70 -17.52 -37.11 -7.45
N VAL A 71 -16.54 -37.12 -6.56
CA VAL A 71 -16.28 -35.93 -5.75
C VAL A 71 -15.98 -34.70 -6.62
N SER A 72 -15.10 -34.86 -7.61
CA SER A 72 -14.62 -33.74 -8.41
C SER A 72 -15.44 -33.44 -9.67
N LYS A 73 -16.56 -34.16 -9.87
CA LYS A 73 -17.50 -33.77 -10.94
C LYS A 73 -18.26 -32.52 -10.48
N PRO A 74 -18.39 -31.50 -11.35
CA PRO A 74 -19.21 -30.33 -11.02
C PRO A 74 -20.63 -30.77 -10.68
N GLY A 75 -21.21 -30.16 -9.65
CA GLY A 75 -22.55 -30.55 -9.20
C GLY A 75 -22.60 -31.58 -8.08
N PHE A 76 -21.44 -32.11 -7.68
CA PHE A 76 -21.38 -33.05 -6.56
C PHE A 76 -21.99 -32.40 -5.32
N PRO A 77 -22.94 -33.07 -4.65
CA PRO A 77 -23.58 -32.50 -3.46
C PRO A 77 -22.69 -32.60 -2.23
N THR A 78 -22.70 -31.58 -1.39
CA THR A 78 -21.80 -31.51 -0.26
C THR A 78 -22.54 -31.11 1.03
N SER A 79 -23.82 -31.49 1.09
CA SER A 79 -24.60 -31.22 2.29
C SER A 79 -23.89 -31.82 3.48
N GLY A 80 -23.56 -30.98 4.45
CA GLY A 80 -22.94 -31.43 5.68
C GLY A 80 -21.42 -31.53 5.63
N TRP A 81 -20.82 -31.15 4.49
CA TRP A 81 -19.36 -31.07 4.41
C TRP A 81 -18.90 -29.83 5.19
N TYR A 82 -17.68 -29.87 5.71
CA TYR A 82 -17.19 -28.77 6.55
C TYR A 82 -16.41 -27.72 5.74
N PRO A 83 -16.89 -26.47 5.76
CA PRO A 83 -16.17 -25.41 5.04
C PRO A 83 -14.92 -25.02 5.82
N VAL A 84 -13.77 -24.99 5.13
CA VAL A 84 -12.50 -24.61 5.75
C VAL A 84 -11.69 -23.68 4.86
N SER A 85 -10.89 -22.84 5.50
CA SER A 85 -10.01 -21.93 4.78
CA SER A 85 -9.99 -21.91 4.81
C SER A 85 -8.81 -22.70 4.25
N SER A 86 -8.05 -22.07 3.39
CA SER A 86 -6.79 -22.62 2.92
C SER A 86 -5.84 -22.86 4.11
N ARG A 87 -4.94 -23.82 3.96
CA ARG A 87 -3.91 -24.18 4.96
C ARG A 87 -4.42 -24.88 6.23
N SER A 88 -5.53 -25.61 6.13
CA SER A 88 -6.10 -26.33 7.29
C SER A 88 -5.81 -27.82 7.28
N THR A 89 -5.38 -28.31 8.44
CA THR A 89 -5.49 -29.71 8.78
C THR A 89 -6.96 -30.01 9.01
N VAL A 90 -7.31 -31.28 8.94
CA VAL A 90 -8.69 -31.70 9.14
C VAL A 90 -9.23 -31.17 10.46
N TYR A 91 -8.50 -31.42 11.54
CA TYR A 91 -8.95 -31.02 12.87
C TYR A 91 -9.05 -29.51 13.01
N ALA A 92 -8.13 -28.78 12.38
CA ALA A 92 -8.24 -27.31 12.38
C ALA A 92 -9.57 -26.93 11.76
N GLY A 93 -9.91 -27.60 10.66
CA GLY A 93 -11.13 -27.30 9.91
C GLY A 93 -12.36 -27.59 10.71
N LEU A 94 -12.29 -28.61 11.56
CA LEU A 94 -13.41 -28.99 12.42
C LEU A 94 -13.57 -28.06 13.63
N LEU A 95 -12.44 -27.55 14.16
CA LEU A 95 -12.45 -26.49 15.15
C LEU A 95 -13.06 -25.20 14.60
N GLN A 96 -12.73 -24.91 13.35
CA GLN A 96 -13.20 -23.75 12.63
C GLN A 96 -14.73 -23.76 12.55
N ASN A 97 -15.29 -24.97 12.46
CA ASN A 97 -16.74 -25.17 12.42
C ASN A 97 -17.34 -25.41 13.80
N GLY A 98 -16.53 -25.20 14.83
CA GLY A 98 -16.94 -25.42 16.23
C GLY A 98 -17.41 -26.83 16.57
N LYS A 99 -16.72 -27.86 16.04
CA LYS A 99 -17.19 -29.23 16.21
C LYS A 99 -16.70 -29.90 17.49
N TYR A 100 -15.64 -29.35 18.07
CA TYR A 100 -15.07 -29.87 19.31
C TYR A 100 -14.63 -28.68 20.14
N ALA A 101 -14.47 -28.90 21.45
CA ALA A 101 -14.12 -27.81 22.37
C ALA A 101 -12.66 -27.39 22.22
N ASP A 102 -12.29 -26.31 22.91
CA ASP A 102 -10.98 -25.69 22.80
C ASP A 102 -9.87 -26.63 23.28
N PRO A 103 -9.03 -27.12 22.34
CA PRO A 103 -7.93 -28.03 22.69
C PRO A 103 -6.91 -27.40 23.63
N PHE A 104 -6.90 -26.07 23.70
CA PHE A 104 -5.98 -25.33 24.58
C PHE A 104 -6.38 -25.39 26.07
N TYR A 105 -7.58 -25.89 26.33
CA TYR A 105 -8.05 -25.95 27.71
C TYR A 105 -8.15 -27.38 28.20
N SER A 106 -7.42 -27.66 29.29
CA SER A 106 -7.53 -28.90 30.02
C SER A 106 -7.20 -30.14 29.17
N THR A 107 -8.02 -31.18 29.28
CA THR A 107 -7.90 -32.39 28.47
C THR A 107 -8.94 -32.41 27.34
N ASN A 108 -9.47 -31.24 26.96
CA ASN A 108 -10.41 -31.22 25.85
C ASN A 108 -9.93 -32.10 24.70
N MET A 109 -8.63 -32.00 24.39
CA MET A 109 -8.07 -32.68 23.22
C MET A 109 -8.21 -34.21 23.28
N GLN A 110 -8.21 -34.77 24.48
CA GLN A 110 -8.37 -36.23 24.66
C GLN A 110 -9.77 -36.72 24.23
N ASN A 111 -10.77 -35.87 24.41
CA ASN A 111 -12.15 -36.19 24.11
C ASN A 111 -12.49 -36.21 22.63
N VAL A 112 -11.46 -36.07 21.80
CA VAL A 112 -11.64 -36.12 20.35
C VAL A 112 -11.44 -37.56 19.85
N PRO A 113 -12.49 -38.17 19.27
CA PRO A 113 -12.34 -39.51 18.70
C PRO A 113 -11.33 -39.45 17.57
N ALA A 114 -10.21 -40.15 17.73
CA ALA A 114 -9.13 -40.10 16.73
C ALA A 114 -9.26 -41.17 15.64
N ALA A 115 -10.11 -42.17 15.86
CA ALA A 115 -10.27 -43.24 14.86
C ALA A 115 -10.62 -42.68 13.49
N GLN A 116 -11.54 -41.73 13.45
CA GLN A 116 -11.99 -41.09 12.21
C GLN A 116 -10.86 -40.48 11.38
N PHE A 117 -9.67 -40.33 11.94
CA PHE A 117 -8.54 -39.77 11.17
C PHE A 117 -7.56 -40.86 10.70
N SER A 118 -7.99 -42.12 10.80
CA SER A 118 -7.20 -43.19 10.26
C SER A 118 -7.71 -43.60 8.89
N VAL A 119 -8.63 -42.80 8.33
CA VAL A 119 -9.03 -42.95 6.92
C VAL A 119 -8.83 -41.62 6.17
N PRO A 120 -8.94 -41.66 4.83
CA PRO A 120 -8.77 -40.36 4.17
C PRO A 120 -9.91 -39.35 4.37
N TRP A 121 -9.57 -38.07 4.19
CA TRP A 121 -10.53 -36.98 4.15
C TRP A 121 -10.43 -36.28 2.78
N TRP A 122 -11.57 -35.91 2.21
CA TRP A 122 -11.55 -35.13 0.97
C TRP A 122 -11.49 -33.61 1.18
N TYR A 123 -10.69 -32.94 0.35
CA TYR A 123 -10.66 -31.50 0.24
C TYR A 123 -11.18 -31.14 -1.14
N ARG A 124 -12.29 -30.42 -1.17
CA ARG A 124 -12.99 -30.20 -2.41
C ARG A 124 -13.37 -28.77 -2.56
N THR A 125 -13.21 -28.28 -3.80
CA THR A 125 -13.58 -26.90 -4.17
C THR A 125 -13.95 -26.80 -5.65
N ASP A 126 -14.81 -25.84 -5.97
CA ASP A 126 -15.05 -25.44 -7.36
C ASP A 126 -13.94 -24.50 -7.82
N LEU A 127 -13.71 -24.45 -9.12
CA LEU A 127 -12.88 -23.41 -9.66
C LEU A 127 -13.46 -22.98 -11.00
N ASN A 128 -13.67 -21.67 -11.14
CA ASN A 128 -14.23 -21.16 -12.39
C ASN A 128 -13.17 -20.85 -13.44
N VAL A 129 -13.46 -21.26 -14.68
CA VAL A 129 -12.61 -20.92 -15.82
C VAL A 129 -13.46 -20.32 -16.96
N ASP A 130 -13.30 -18.99 -17.16
CA ASP A 130 -14.04 -18.22 -18.18
C ASP A 130 -13.58 -18.49 -19.60
N ASP A 131 -12.35 -18.98 -19.74
CA ASP A 131 -11.70 -19.13 -21.03
C ASP A 131 -10.65 -20.24 -20.98
N THR A 132 -10.71 -21.17 -21.94
CA THR A 132 -9.73 -22.25 -22.00
C THR A 132 -8.62 -21.98 -23.02
N SER A 133 -8.27 -20.72 -23.21
CA SER A 133 -7.11 -20.40 -24.05
C SER A 133 -5.85 -20.71 -23.25
N SER A 134 -5.83 -20.31 -21.98
CA SER A 134 -4.69 -20.61 -21.14
C SER A 134 -4.64 -22.06 -20.64
N ARG A 135 -3.43 -22.61 -20.58
CA ARG A 135 -3.15 -23.83 -19.84
C ARG A 135 -3.43 -23.65 -18.33
N THR A 136 -3.71 -24.75 -17.63
CA THR A 136 -4.08 -24.71 -16.21
C THR A 136 -3.27 -25.69 -15.37
N TYR A 137 -2.76 -25.19 -14.25
CA TYR A 137 -1.88 -25.98 -13.41
C TYR A 137 -2.30 -25.88 -11.97
N LEU A 138 -2.17 -27.00 -11.27
CA LEU A 138 -2.20 -27.01 -9.80
C LEU A 138 -0.78 -27.11 -9.31
N ASP A 139 -0.35 -26.08 -8.59
CA ASP A 139 0.97 -26.06 -8.02
C ASP A 139 0.88 -25.94 -6.51
N PHE A 140 1.40 -26.91 -5.77
CA PHE A 140 1.20 -26.93 -4.32
C PHE A 140 2.25 -27.76 -3.59
N SER A 141 2.27 -27.62 -2.28
CA SER A 141 2.99 -28.51 -1.38
C SER A 141 2.22 -28.52 -0.07
N GLY A 142 2.80 -29.12 0.96
CA GLY A 142 2.18 -29.15 2.29
C GLY A 142 1.05 -30.14 2.50
N VAL A 143 1.08 -31.25 1.75
CA VAL A 143 0.06 -32.30 1.87
C VAL A 143 0.55 -33.30 2.90
N LEU A 144 -0.17 -33.46 4.01
CA LEU A 144 0.21 -34.50 4.97
C LEU A 144 -0.86 -35.58 4.99
N SER A 145 -0.55 -36.83 4.62
CA SER A 145 0.78 -37.31 4.25
C SER A 145 0.99 -37.46 2.73
N LYS A 146 -0.10 -37.58 2.00
CA LYS A 146 -0.07 -37.94 0.58
C LYS A 146 -1.51 -37.78 0.08
N ALA A 147 -1.71 -37.75 -1.23
CA ALA A 147 -3.07 -37.56 -1.75
C ALA A 147 -3.31 -38.03 -3.17
N ASP A 148 -4.55 -38.40 -3.47
CA ASP A 148 -4.96 -38.54 -4.87
C ASP A 148 -5.49 -37.20 -5.28
N VAL A 149 -5.14 -36.78 -6.49
CA VAL A 149 -5.65 -35.53 -7.04
C VAL A 149 -6.57 -35.79 -8.23
N TRP A 150 -7.74 -35.16 -8.18
CA TRP A 150 -8.85 -35.42 -9.07
C TRP A 150 -9.35 -34.10 -9.63
N VAL A 151 -9.62 -34.06 -10.93
CA VAL A 151 -10.18 -32.87 -11.55
C VAL A 151 -11.31 -33.31 -12.45
N ASN A 152 -12.49 -32.72 -12.27
CA ASN A 152 -13.67 -33.00 -13.15
C ASN A 152 -14.00 -34.48 -13.36
N GLY A 153 -13.73 -35.32 -12.37
CA GLY A 153 -13.96 -36.77 -12.49
C GLY A 153 -12.81 -37.64 -13.01
N THR A 154 -11.65 -37.02 -13.26
CA THR A 154 -10.45 -37.77 -13.68
C THR A 154 -9.33 -37.68 -12.65
N LYS A 155 -8.74 -38.82 -12.32
CA LYS A 155 -7.60 -38.89 -11.41
C LYS A 155 -6.33 -38.44 -12.13
N VAL A 156 -5.86 -37.23 -11.80
CA VAL A 156 -4.67 -36.66 -12.46
C VAL A 156 -3.33 -37.06 -11.79
N ALA A 157 -3.41 -37.54 -10.56
CA ALA A 157 -2.24 -38.00 -9.80
C ALA A 157 -2.68 -38.79 -8.59
N THR A 158 -1.82 -39.71 -8.17
CA THR A 158 -2.09 -40.59 -7.04
C THR A 158 -1.13 -40.25 -5.89
N LYS A 159 -1.44 -40.83 -4.74
CA LYS A 159 -0.64 -40.70 -3.54
C LYS A 159 0.75 -41.30 -3.65
N ASP A 160 1.02 -42.05 -4.72
CA ASP A 160 2.37 -42.61 -4.98
C ASP A 160 3.28 -41.49 -5.50
N GLN A 161 2.68 -40.55 -6.24
CA GLN A 161 3.39 -39.38 -6.74
C GLN A 161 3.29 -38.18 -5.77
N VAL A 162 2.08 -37.87 -5.32
CA VAL A 162 1.79 -36.76 -4.45
C VAL A 162 1.95 -37.22 -2.98
N ASN A 163 3.19 -37.22 -2.51
CA ASN A 163 3.57 -37.95 -1.29
C ASN A 163 4.68 -37.22 -0.52
N GLY A 164 4.42 -36.89 0.73
CA GLY A 164 5.39 -36.15 1.53
C GLY A 164 5.05 -34.68 1.62
N ALA A 165 4.99 -34.18 2.86
CA ALA A 165 4.61 -32.78 3.19
C ALA A 165 5.37 -31.69 2.43
N TYR A 166 6.65 -31.91 2.15
CA TYR A 166 7.47 -30.85 1.61
C TYR A 166 7.59 -30.90 0.11
N THR A 167 7.10 -31.96 -0.51
CA THR A 167 7.30 -32.11 -1.94
C THR A 167 6.37 -31.21 -2.68
N ARG A 168 6.93 -30.53 -3.68
CA ARG A 168 6.17 -29.69 -4.56
C ARG A 168 5.68 -30.45 -5.80
N HIS A 169 4.50 -30.07 -6.27
CA HIS A 169 3.88 -30.69 -7.44
C HIS A 169 3.31 -29.62 -8.33
N ASP A 170 3.45 -29.81 -9.63
CA ASP A 170 3.07 -28.80 -10.61
C ASP A 170 2.34 -29.58 -11.71
N LEU A 171 1.03 -29.67 -11.55
CA LEU A 171 0.22 -30.64 -12.30
C LEU A 171 -0.46 -29.95 -13.45
N ASP A 172 -0.20 -30.39 -14.66
CA ASP A 172 -0.83 -29.80 -15.83
C ASP A 172 -2.21 -30.41 -15.98
N ILE A 173 -3.23 -29.62 -15.68
CA ILE A 173 -4.61 -30.11 -15.70
C ILE A 173 -5.40 -29.54 -16.89
N THR A 174 -4.67 -29.13 -17.92
CA THR A 174 -5.26 -28.54 -19.12
C THR A 174 -6.24 -29.46 -19.83
N ALA A 175 -5.90 -30.75 -19.93
CA ALA A 175 -6.74 -31.71 -20.65
C ALA A 175 -8.12 -31.85 -20.03
N GLN A 176 -8.19 -31.71 -18.70
CA GLN A 176 -9.40 -31.98 -17.93
C GLN A 176 -10.30 -30.77 -17.70
N VAL A 177 -9.72 -29.56 -17.81
CA VAL A 177 -10.42 -28.31 -17.54
C VAL A 177 -11.28 -27.88 -18.73
N HIS A 178 -12.51 -27.45 -18.46
CA HIS A 178 -13.42 -26.97 -19.50
C HIS A 178 -13.93 -25.56 -19.17
N THR A 179 -14.70 -24.97 -20.08
CA THR A 179 -15.26 -23.63 -19.86
C THR A 179 -16.36 -23.66 -18.80
N GLY A 180 -16.23 -22.80 -17.79
CA GLY A 180 -17.25 -22.65 -16.74
C GLY A 180 -16.81 -23.19 -15.38
N VAL A 181 -17.75 -23.89 -14.73
CA VAL A 181 -17.48 -24.56 -13.47
C VAL A 181 -16.59 -25.78 -13.67
N ASN A 182 -15.46 -25.79 -12.95
CA ASN A 182 -14.59 -26.94 -12.82
C ASN A 182 -14.48 -27.26 -11.34
N SER A 183 -14.11 -28.50 -11.03
CA SER A 183 -13.95 -28.90 -9.64
C SER A 183 -12.70 -29.72 -9.47
N VAL A 184 -12.12 -29.58 -8.28
CA VAL A 184 -10.91 -30.28 -7.90
C VAL A 184 -11.18 -30.89 -6.53
N ALA A 185 -10.74 -32.12 -6.33
CA ALA A 185 -10.77 -32.72 -5.02
C ALA A 185 -9.45 -33.43 -4.77
N PHE A 186 -8.96 -33.30 -3.53
CA PHE A 186 -7.81 -34.03 -3.04
C PHE A 186 -8.34 -35.05 -2.06
N LYS A 187 -8.03 -36.33 -2.30
CA LYS A 187 -8.23 -37.33 -1.27
C LYS A 187 -6.96 -37.37 -0.42
N VAL A 188 -7.03 -36.80 0.77
CA VAL A 188 -5.82 -36.67 1.61
C VAL A 188 -5.74 -37.85 2.58
N TYR A 189 -4.62 -38.57 2.53
CA TYR A 189 -4.50 -39.78 3.34
C TYR A 189 -3.98 -39.48 4.74
N PRO A 190 -4.27 -40.34 5.71
CA PRO A 190 -3.86 -40.12 7.11
C PRO A 190 -2.36 -39.89 7.28
N ASN A 191 -1.98 -39.18 8.32
CA ASN A 191 -0.59 -38.91 8.57
C ASN A 191 -0.05 -39.74 9.73
N ASP A 192 1.06 -40.43 9.50
CA ASP A 192 1.81 -41.06 10.57
C ASP A 192 3.26 -40.60 10.44
N PRO A 193 3.67 -39.69 11.35
CA PRO A 193 4.98 -39.01 11.28
C PRO A 193 6.16 -39.99 11.36
N ASN A 194 5.90 -41.16 11.93
CA ASN A 194 6.90 -42.19 12.01
C ASN A 194 7.00 -42.96 10.70
N ARG A 195 5.95 -42.88 9.89
CA ARG A 195 5.89 -43.66 8.64
C ARG A 195 6.11 -42.75 7.44
N ASP A 196 5.58 -41.55 7.53
CA ASP A 196 5.58 -40.61 6.44
C ASP A 196 6.61 -39.51 6.62
N LEU A 197 7.23 -39.15 5.49
CA LEU A 197 8.19 -38.04 5.41
C LEU A 197 7.41 -36.71 5.51
N SER A 198 7.15 -36.32 6.74
CA SER A 198 6.04 -35.45 7.02
C SER A 198 6.39 -34.51 8.18
N MET A 199 5.47 -34.42 9.15
CA MET A 199 5.67 -33.60 10.34
C MET A 199 5.08 -34.28 11.58
N GLY A 200 5.81 -34.19 12.69
CA GLY A 200 5.41 -34.80 13.95
C GLY A 200 5.83 -33.94 15.13
N TRP A 201 5.35 -34.30 16.32
CA TRP A 201 5.46 -33.41 17.46
C TRP A 201 6.45 -33.89 18.52
N ILE A 202 7.22 -34.92 18.16
CA ILE A 202 8.34 -35.37 18.99
C ILE A 202 7.86 -35.53 20.43
N ASP A 203 8.39 -34.74 21.36
CA ASP A 203 7.88 -34.74 22.72
C ASP A 203 7.54 -33.33 23.21
N TRP A 204 7.24 -32.44 22.27
CA TRP A 204 7.05 -31.04 22.58
C TRP A 204 5.70 -30.78 23.25
N ALA A 205 4.68 -31.49 22.80
CA ALA A 205 3.31 -31.24 23.27
C ALA A 205 2.53 -32.54 23.49
N GLN A 206 1.29 -32.62 23.00
CA GLN A 206 0.56 -33.90 22.94
C GLN A 206 0.10 -34.09 21.51
N THR A 207 -0.12 -35.34 21.09
CA THR A 207 -0.45 -35.64 19.68
C THR A 207 -1.79 -35.05 19.23
N PRO A 208 -1.78 -34.21 18.18
CA PRO A 208 -3.03 -33.77 17.53
C PRO A 208 -3.88 -34.96 17.09
N PRO A 209 -5.19 -34.92 17.36
CA PRO A 209 -6.04 -36.09 17.07
C PRO A 209 -5.95 -36.57 15.61
N ASP A 210 -5.78 -35.65 14.67
CA ASP A 210 -5.67 -36.02 13.25
C ASP A 210 -4.24 -36.21 12.76
N GLN A 211 -3.27 -36.10 13.67
CA GLN A 211 -1.85 -36.10 13.28
C GLN A 211 -1.54 -35.12 12.12
N ASN A 212 -2.32 -34.04 12.09
CA ASN A 212 -2.15 -32.93 11.16
C ASN A 212 -2.48 -33.23 9.70
N MET A 213 -3.25 -34.27 9.42
CA MET A 213 -3.55 -34.57 8.01
C MET A 213 -4.30 -33.40 7.38
N GLY A 214 -4.04 -33.16 6.10
CA GLY A 214 -4.73 -32.11 5.38
C GLY A 214 -3.74 -31.35 4.52
N ILE A 215 -4.16 -30.21 3.97
CA ILE A 215 -3.32 -29.40 3.10
C ILE A 215 -2.94 -28.10 3.84
N VAL A 216 -1.69 -28.04 4.35
CA VAL A 216 -1.25 -26.95 5.24
C VAL A 216 -0.56 -25.76 4.55
N ARG A 217 -0.46 -25.82 3.22
CA ARG A 217 -0.01 -24.68 2.43
C ARG A 217 -1.02 -24.48 1.31
N ASP A 218 -0.81 -23.41 0.54
CA ASP A 218 -1.71 -23.03 -0.54
C ASP A 218 -1.64 -23.99 -1.71
N VAL A 219 -2.76 -24.14 -2.40
CA VAL A 219 -2.76 -24.72 -3.73
C VAL A 219 -2.92 -23.57 -4.70
N LEU A 220 -1.94 -23.38 -5.59
CA LEU A 220 -2.03 -22.32 -6.58
C LEU A 220 -2.66 -22.87 -7.82
N VAL A 221 -3.71 -22.21 -8.27
CA VAL A 221 -4.20 -22.44 -9.61
C VAL A 221 -3.40 -21.54 -10.54
N ARG A 222 -2.69 -22.16 -11.47
CA ARG A 222 -1.86 -21.39 -12.40
C ARG A 222 -2.47 -21.39 -13.82
N ARG A 223 -2.27 -20.29 -14.51
CA ARG A 223 -2.76 -20.09 -15.86
C ARG A 223 -1.63 -19.46 -16.61
N SER A 224 -1.36 -19.95 -17.81
CA SER A 224 -0.30 -19.40 -18.63
C SER A 224 -0.50 -19.87 -20.05
N GLY A 225 0.36 -19.42 -20.96
CA GLY A 225 0.22 -19.84 -22.35
C GLY A 225 0.91 -21.15 -22.58
N ALA A 226 1.59 -21.24 -23.71
CA ALA A 226 2.30 -22.45 -24.12
C ALA A 226 3.50 -22.73 -23.24
N VAL A 227 4.11 -21.68 -22.71
CA VAL A 227 5.32 -21.79 -21.91
C VAL A 227 5.03 -21.48 -20.44
N ALA A 228 5.49 -22.34 -19.55
CA ALA A 228 5.33 -22.11 -18.14
C ALA A 228 6.69 -21.72 -17.58
N LEU A 229 6.71 -20.71 -16.72
CA LEU A 229 7.95 -20.21 -16.14
C LEU A 229 8.06 -20.68 -14.70
N ARG A 230 9.14 -21.39 -14.37
CA ARG A 230 9.26 -21.94 -13.04
C ARG A 230 10.64 -21.70 -12.45
N SER A 231 10.73 -21.81 -11.13
CA SER A 231 12.02 -21.86 -10.46
C SER A 231 12.97 -20.71 -10.82
N ALA A 232 12.45 -19.48 -10.85
CA ALA A 232 13.30 -18.31 -11.06
C ALA A 232 13.99 -17.95 -9.76
N HIS A 233 15.31 -17.93 -9.78
CA HIS A 233 16.12 -17.50 -8.63
C HIS A 233 17.30 -16.62 -9.05
N VAL A 234 18.01 -16.09 -8.06
CA VAL A 234 19.21 -15.28 -8.29
C VAL A 234 20.37 -15.79 -7.44
N ILE A 235 21.43 -16.24 -8.11
CA ILE A 235 22.64 -16.55 -7.40
C ILE A 235 23.34 -15.23 -7.16
N GLN A 236 23.74 -14.98 -5.92
CA GLN A 236 24.31 -13.69 -5.55
C GLN A 236 25.59 -13.84 -4.75
N LYS A 237 26.61 -13.09 -5.14
CA LYS A 237 27.93 -13.24 -4.52
C LYS A 237 28.53 -11.88 -4.20
N LEU A 238 28.71 -11.61 -2.93
CA LEU A 238 29.25 -10.36 -2.46
C LEU A 238 30.78 -10.44 -2.31
N ASN A 239 31.51 -9.42 -2.78
CA ASN A 239 32.94 -9.40 -2.54
C ASN A 239 33.21 -9.23 -1.04
N SER A 240 34.43 -9.48 -0.59
CA SER A 240 34.70 -9.38 0.84
C SER A 240 34.53 -7.96 1.41
N ALA A 241 34.70 -6.92 0.58
CA ALA A 241 34.54 -5.50 1.00
C ALA A 241 33.07 -5.07 1.14
N LEU A 242 32.19 -5.92 0.62
CA LEU A 242 30.74 -5.71 0.66
C LEU A 242 30.28 -4.59 -0.24
N ASP A 243 31.10 -4.19 -1.21
CA ASP A 243 30.72 -3.09 -2.11
C ASP A 243 30.46 -3.48 -3.58
N HIS A 244 30.38 -4.76 -3.90
CA HIS A 244 30.11 -5.20 -5.26
C HIS A 244 29.57 -6.59 -5.22
N ALA A 245 28.53 -6.84 -6.03
CA ALA A 245 27.93 -8.17 -6.07
C ALA A 245 27.74 -8.58 -7.50
N ASP A 246 27.82 -9.90 -7.72
CA ASP A 246 27.54 -10.46 -9.02
C ASP A 246 26.30 -11.30 -8.87
N LEU A 247 25.34 -11.02 -9.75
CA LEU A 247 24.06 -11.71 -9.76
C LEU A 247 23.95 -12.59 -10.99
N THR A 248 23.64 -13.87 -10.77
CA THR A 248 23.38 -14.79 -11.86
C THR A 248 21.94 -15.22 -11.77
N VAL A 249 21.12 -14.73 -12.69
CA VAL A 249 19.71 -15.10 -12.71
C VAL A 249 19.57 -16.41 -13.48
N LYS A 250 18.85 -17.35 -12.89
CA LYS A 250 18.48 -18.58 -13.58
C LYS A 250 16.97 -18.71 -13.57
N ALA A 251 16.40 -19.28 -14.63
CA ALA A 251 14.96 -19.56 -14.63
C ALA A 251 14.58 -20.63 -15.64
N ASP A 252 13.65 -21.49 -15.24
CA ASP A 252 13.21 -22.58 -16.11
C ASP A 252 12.02 -22.17 -16.95
N VAL A 253 12.08 -22.54 -18.23
CA VAL A 253 10.93 -22.44 -19.11
C VAL A 253 10.56 -23.85 -19.57
N ARG A 254 9.27 -24.14 -19.51
CA ARG A 254 8.75 -25.43 -19.92
C ARG A 254 7.70 -25.23 -21.03
N ASN A 255 7.95 -25.80 -22.19
CA ASN A 255 6.97 -25.72 -23.29
C ASN A 255 6.03 -26.90 -23.17
N ASP A 256 4.78 -26.65 -22.78
CA ASP A 256 3.82 -27.73 -22.58
C ASP A 256 2.83 -27.80 -23.74
N SER A 257 3.08 -26.98 -24.75
CA SER A 257 2.27 -27.02 -25.97
C SER A 257 2.68 -28.16 -26.92
N ALA A 258 1.90 -28.36 -27.97
CA ALA A 258 2.14 -29.44 -28.90
C ALA A 258 3.26 -29.09 -29.87
N ASN A 259 3.62 -27.82 -29.93
CA ASN A 259 4.57 -27.36 -30.95
C ASN A 259 5.76 -26.58 -30.43
N ALA A 260 6.88 -26.76 -31.12
CA ALA A 260 8.12 -26.00 -30.87
C ALA A 260 7.84 -24.51 -30.82
N VAL A 261 8.52 -23.82 -29.91
CA VAL A 261 8.31 -22.38 -29.72
C VAL A 261 9.65 -21.70 -29.52
N GLN A 262 9.68 -20.39 -29.76
CA GLN A 262 10.78 -19.57 -29.31
C GLN A 262 10.26 -18.77 -28.13
N THR A 263 10.94 -18.82 -27.01
CA THR A 263 10.52 -17.97 -25.92
C THR A 263 11.58 -16.98 -25.50
N THR A 264 11.15 -15.76 -25.21
CA THR A 264 11.99 -14.73 -24.64
C THR A 264 11.62 -14.57 -23.15
N VAL A 265 12.61 -14.78 -22.29
CA VAL A 265 12.48 -14.60 -20.84
C VAL A 265 13.21 -13.31 -20.48
N ALA A 266 12.45 -12.31 -20.07
CA ALA A 266 13.00 -10.95 -19.92
C ALA A 266 12.35 -10.19 -18.79
N GLY A 267 13.06 -9.21 -18.26
CA GLY A 267 12.53 -8.45 -17.17
C GLY A 267 13.61 -7.68 -16.46
N THR A 268 13.55 -7.68 -15.14
CA THR A 268 14.48 -6.93 -14.34
C THR A 268 14.97 -7.71 -13.16
N VAL A 269 16.25 -7.54 -12.84
CA VAL A 269 16.80 -7.97 -11.55
C VAL A 269 17.46 -6.74 -10.94
N ALA A 270 17.10 -6.43 -9.70
CA ALA A 270 17.70 -5.30 -8.97
C ALA A 270 17.69 -4.03 -9.82
N GLY A 271 16.63 -3.84 -10.61
CA GLY A 271 16.49 -2.65 -11.46
C GLY A 271 17.32 -2.58 -12.75
N LYS A 272 17.97 -3.69 -13.11
CA LYS A 272 18.69 -3.79 -14.39
C LYS A 272 17.87 -4.65 -15.37
N PRO A 273 17.81 -4.20 -16.63
CA PRO A 273 17.08 -5.00 -17.62
C PRO A 273 17.86 -6.24 -18.01
N ILE A 274 17.14 -7.32 -18.32
CA ILE A 274 17.75 -8.61 -18.72
C ILE A 274 16.84 -9.30 -19.73
N SER A 275 17.43 -10.07 -20.65
CA SER A 275 16.64 -10.73 -21.67
C SER A 275 17.41 -11.90 -22.25
N GLN A 276 16.75 -13.06 -22.32
CA GLN A 276 17.27 -14.16 -23.12
C GLN A 276 16.17 -14.78 -23.97
N THR A 277 16.53 -15.19 -25.18
CA THR A 277 15.63 -15.89 -26.09
C THR A 277 16.14 -17.29 -26.40
N VAL A 278 15.34 -18.28 -26.05
CA VAL A 278 15.67 -19.68 -26.32
C VAL A 278 14.56 -20.40 -27.09
N SER A 279 14.96 -21.51 -27.73
CA SER A 279 14.03 -22.44 -28.36
C SER A 279 13.68 -23.59 -27.41
N LEU A 280 12.42 -23.99 -27.48
CA LEU A 280 11.94 -25.14 -26.74
C LEU A 280 11.15 -26.07 -27.68
N ALA A 281 11.61 -27.32 -27.75
CA ALA A 281 10.82 -28.38 -28.36
C ALA A 281 9.51 -28.55 -27.57
N ALA A 282 8.50 -29.16 -28.20
CA ALA A 282 7.25 -29.49 -27.52
C ALA A 282 7.57 -30.37 -26.33
N LYS A 283 6.94 -30.07 -25.22
CA LYS A 283 7.19 -30.79 -23.96
C LYS A 283 8.58 -30.53 -23.35
N GLU A 284 9.37 -29.64 -23.94
CA GLU A 284 10.74 -29.36 -23.41
C GLU A 284 10.79 -28.36 -22.24
N ARG A 285 11.62 -28.68 -21.26
CA ARG A 285 11.95 -27.75 -20.19
C ARG A 285 13.44 -27.43 -20.24
N LYS A 286 13.76 -26.13 -20.19
CA LYS A 286 15.14 -25.62 -20.15
C LYS A 286 15.42 -24.75 -18.93
N THR A 287 16.67 -24.74 -18.53
CA THR A 287 17.11 -23.77 -17.55
C THR A 287 17.82 -22.65 -18.34
N VAL A 288 17.35 -21.42 -18.14
CA VAL A 288 17.97 -20.27 -18.78
C VAL A 288 18.90 -19.58 -17.77
N THR A 289 20.19 -19.59 -18.08
CA THR A 289 21.15 -18.84 -17.31
C THR A 289 21.37 -17.52 -18.02
N PHE A 290 21.16 -16.42 -17.30
CA PHE A 290 21.38 -15.08 -17.83
C PHE A 290 22.85 -14.70 -17.59
N PRO A 291 23.44 -13.88 -18.48
CA PRO A 291 24.78 -13.34 -18.25
C PRO A 291 24.87 -12.58 -16.93
N LEU A 292 26.01 -12.69 -16.27
CA LEU A 292 26.32 -12.05 -15.01
C LEU A 292 25.93 -10.57 -15.03
N VAL A 293 25.24 -10.15 -13.98
CA VAL A 293 24.97 -8.73 -13.78
C VAL A 293 25.77 -8.27 -12.55
N GLY A 294 26.56 -7.23 -12.76
CA GLY A 294 27.27 -6.56 -11.68
C GLY A 294 26.34 -5.60 -10.98
N LEU A 295 26.44 -5.54 -9.66
CA LEU A 295 25.68 -4.64 -8.87
C LEU A 295 26.64 -3.90 -7.92
N ASP A 296 26.82 -2.60 -8.16
CA ASP A 296 27.76 -1.78 -7.41
C ASP A 296 27.15 -1.18 -6.15
N ARG A 297 27.95 -1.18 -5.09
CA ARG A 297 27.59 -0.70 -3.77
C ARG A 297 26.18 -1.16 -3.33
N PRO A 298 25.96 -2.48 -3.33
CA PRO A 298 24.62 -3.00 -3.04
C PRO A 298 24.16 -2.67 -1.63
N ASN A 299 22.83 -2.63 -1.48
CA ASN A 299 22.21 -2.46 -0.19
C ASN A 299 22.19 -3.82 0.51
N VAL A 300 23.30 -4.10 1.18
CA VAL A 300 23.56 -5.35 1.85
C VAL A 300 22.51 -5.56 2.91
N TRP A 301 21.96 -6.78 2.93
CA TRP A 301 21.03 -7.22 3.95
C TRP A 301 21.84 -7.60 5.19
N TRP A 302 21.41 -7.09 6.34
CA TRP A 302 22.03 -7.38 7.63
C TRP A 302 21.03 -7.96 8.61
N PRO A 303 21.54 -8.77 9.57
CA PRO A 303 20.80 -9.12 10.79
C PRO A 303 20.36 -7.84 11.52
N ALA A 304 19.26 -7.91 12.26
CA ALA A 304 18.70 -6.76 12.95
C ALA A 304 19.72 -6.07 13.85
N GLY A 305 19.77 -4.75 13.78
CA GLY A 305 20.69 -4.02 14.62
C GLY A 305 22.08 -3.90 14.00
N MET A 306 22.33 -4.61 12.90
CA MET A 306 23.61 -4.48 12.22
C MET A 306 23.51 -3.65 10.93
N GLY A 307 22.33 -3.17 10.61
CA GLY A 307 22.11 -2.49 9.35
C GLY A 307 20.67 -2.70 8.91
N GLY A 308 20.40 -2.41 7.64
CA GLY A 308 19.05 -2.56 7.11
C GLY A 308 18.79 -3.96 6.55
N GLN A 309 17.54 -4.16 6.13
CA GLN A 309 17.04 -5.46 5.72
C GLN A 309 16.53 -5.40 4.29
N HIS A 310 17.25 -4.67 3.45
CA HIS A 310 16.86 -4.48 2.07
C HIS A 310 16.86 -5.81 1.33
N ARG A 311 15.82 -6.02 0.53
CA ARG A 311 15.78 -7.08 -0.45
C ARG A 311 15.52 -6.52 -1.83
N TYR A 312 16.19 -7.07 -2.83
CA TYR A 312 15.93 -6.69 -4.23
C TYR A 312 14.81 -7.52 -4.84
N ASP A 313 14.36 -7.12 -6.02
CA ASP A 313 13.30 -7.83 -6.71
C ASP A 313 13.87 -8.48 -7.94
N LEU A 314 13.43 -9.69 -8.22
CA LEU A 314 13.51 -10.25 -9.58
C LEU A 314 12.09 -10.30 -10.17
N ASP A 315 11.93 -9.81 -11.40
CA ASP A 315 10.65 -9.78 -12.06
C ASP A 315 10.82 -10.22 -13.52
N LEU A 316 10.28 -11.41 -13.83
CA LEU A 316 10.49 -12.04 -15.13
C LEU A 316 9.19 -12.38 -15.82
N THR A 317 9.17 -12.17 -17.14
CA THR A 317 8.06 -12.62 -18.00
C THR A 317 8.62 -13.49 -19.12
N ALA A 318 8.01 -14.67 -19.29
CA ALA A 318 8.30 -15.52 -20.43
C ALA A 318 7.26 -15.14 -21.46
N SER A 319 7.73 -14.74 -22.63
CA SER A 319 6.85 -14.38 -23.69
C SER A 319 6.96 -15.38 -24.81
N VAL A 320 5.89 -15.50 -25.58
CA VAL A 320 5.85 -16.35 -26.76
C VAL A 320 5.05 -15.66 -27.86
N GLY A 321 5.72 -15.44 -29.00
CA GLY A 321 5.10 -14.85 -30.17
C GLY A 321 4.69 -13.41 -29.97
N GLY A 322 5.55 -12.65 -29.28
CA GLY A 322 5.25 -11.26 -28.92
C GLY A 322 4.18 -11.08 -27.84
N THR A 323 3.74 -12.19 -27.23
CA THR A 323 2.71 -12.13 -26.19
C THR A 323 3.26 -12.76 -24.91
N PRO A 324 2.90 -12.19 -23.73
CA PRO A 324 3.31 -12.82 -22.45
C PRO A 324 2.69 -14.18 -22.30
N SER A 325 3.50 -15.14 -21.85
CA SER A 325 2.97 -16.46 -21.59
C SER A 325 2.87 -16.77 -20.10
N ASP A 326 3.90 -16.45 -19.34
CA ASP A 326 3.88 -16.67 -17.90
C ASP A 326 4.77 -15.63 -17.26
N ALA A 327 4.61 -15.43 -15.96
CA ALA A 327 5.39 -14.42 -15.28
C ALA A 327 5.55 -14.76 -13.81
N ALA A 328 6.67 -14.30 -13.24
CA ALA A 328 6.97 -14.57 -11.84
C ALA A 328 7.72 -13.40 -11.23
N LYS A 329 7.26 -13.01 -10.04
CA LYS A 329 7.93 -12.01 -9.22
C LYS A 329 8.45 -12.67 -7.95
N SER A 330 9.67 -12.30 -7.55
CA SER A 330 10.25 -12.78 -6.30
C SER A 330 11.25 -11.77 -5.73
N LYS A 331 11.74 -12.04 -4.53
CA LYS A 331 12.75 -11.18 -3.91
C LYS A 331 13.99 -11.98 -3.52
N PHE A 332 15.10 -11.28 -3.33
CA PHE A 332 16.33 -11.86 -2.84
C PHE A 332 17.10 -10.81 -2.07
N GLY A 333 18.03 -11.26 -1.24
CA GLY A 333 18.83 -10.33 -0.45
C GLY A 333 20.28 -10.53 -0.80
N VAL A 334 21.02 -9.43 -0.79
CA VAL A 334 22.45 -9.50 -1.02
C VAL A 334 23.17 -9.58 0.33
N ARG A 335 23.77 -10.74 0.60
CA ARG A 335 24.32 -11.08 1.91
C ARG A 335 25.14 -12.35 1.75
N ASP A 336 26.23 -12.42 2.52
CA ASP A 336 27.05 -13.60 2.59
C ASP A 336 27.04 -14.29 3.97
N VAL A 337 26.94 -15.63 4.00
CA VAL A 337 26.98 -16.36 5.26
C VAL A 337 27.94 -17.54 5.26
N LYS A 338 28.58 -17.77 6.39
CA LYS A 338 29.51 -18.87 6.58
C LYS A 338 29.28 -19.50 7.95
N ALA A 339 29.60 -20.79 8.03
CA ALA A 339 29.47 -21.53 9.26
C ALA A 339 30.55 -22.58 9.22
N THR A 340 31.68 -22.26 9.86
CA THR A 340 32.81 -23.14 9.79
C THR A 340 33.19 -23.61 11.18
N LEU A 341 33.93 -24.71 11.23
CA LEU A 341 34.47 -25.22 12.49
C LEU A 341 35.63 -24.34 12.90
N ASN A 342 35.58 -23.84 14.13
CA ASN A 342 36.75 -23.14 14.69
C ASN A 342 37.85 -24.13 15.14
N SER A 343 38.94 -23.62 15.71
CA SER A 343 40.06 -24.49 16.09
C SER A 343 39.69 -25.44 17.26
N SER A 344 38.61 -25.11 17.98
CA SER A 344 38.11 -25.95 19.07
C SER A 344 37.05 -26.93 18.58
N GLY A 345 36.82 -26.97 17.28
CA GLY A 345 35.81 -27.84 16.69
C GLY A 345 34.38 -27.31 16.87
N GLY A 346 34.25 -26.03 17.21
CA GLY A 346 32.94 -25.39 17.38
C GLY A 346 32.43 -24.73 16.11
N ARG A 347 31.13 -24.88 15.83
CA ARG A 347 30.54 -24.33 14.62
C ARG A 347 30.33 -22.85 14.78
N GLN A 348 31.04 -22.06 13.97
CA GLN A 348 31.01 -20.60 14.09
C GLN A 348 30.36 -19.95 12.86
N TYR A 349 29.26 -19.23 13.12
CA TYR A 349 28.55 -18.50 12.07
C TYR A 349 29.09 -17.09 11.88
N SER A 350 29.02 -16.63 10.65
CA SER A 350 29.26 -15.23 10.36
C SER A 350 28.33 -14.78 9.23
N VAL A 351 27.92 -13.52 9.33
CA VAL A 351 27.12 -12.93 8.28
C VAL A 351 27.94 -11.78 7.76
N ASN A 352 28.01 -11.66 6.42
CA ASN A 352 28.76 -10.60 5.75
C ASN A 352 30.17 -10.37 6.32
N GLY A 353 30.85 -11.44 6.72
CA GLY A 353 32.22 -11.37 7.22
C GLY A 353 32.30 -11.15 8.72
N LYS A 354 31.13 -10.91 9.33
CA LYS A 354 31.06 -10.64 10.75
C LYS A 354 30.73 -11.88 11.55
N PRO A 355 31.67 -12.31 12.43
CA PRO A 355 31.44 -13.44 13.33
C PRO A 355 30.30 -13.08 14.27
N LEU A 356 29.58 -14.07 14.76
CA LEU A 356 28.33 -13.85 15.50
C LEU A 356 28.14 -14.95 16.52
N LEU A 357 27.85 -14.60 17.76
CA LEU A 357 27.30 -15.61 18.67
C LEU A 357 25.83 -15.74 18.35
N ILE A 358 25.42 -16.90 17.84
CA ILE A 358 24.03 -17.17 17.63
C ILE A 358 23.35 -17.21 19.00
N ARG A 359 22.27 -16.46 19.15
CA ARG A 359 21.50 -16.38 20.39
C ARG A 359 20.06 -16.50 19.94
N GLY A 360 19.39 -17.58 20.31
CA GLY A 360 18.10 -17.87 19.68
C GLY A 360 17.25 -18.82 20.48
N GLY A 361 16.13 -19.24 19.87
CA GLY A 361 15.29 -20.26 20.46
C GLY A 361 14.71 -21.13 19.36
N GLY A 362 14.26 -22.33 19.70
CA GLY A 362 13.60 -23.20 18.74
C GLY A 362 12.18 -22.73 18.52
N TYR A 363 11.90 -22.30 17.29
CA TYR A 363 10.56 -21.90 16.90
C TYR A 363 9.71 -23.12 16.55
N THR A 364 8.44 -23.05 16.95
CA THR A 364 7.42 -24.01 16.53
C THR A 364 6.20 -23.25 16.01
N PRO A 365 5.48 -23.84 15.01
CA PRO A 365 4.16 -23.33 14.62
C PRO A 365 3.09 -23.81 15.60
N ASP A 366 1.84 -23.39 15.38
CA ASP A 366 0.65 -23.90 16.05
C ASP A 366 0.55 -25.42 15.94
N LEU A 367 0.24 -26.06 17.07
CA LEU A 367 0.06 -27.50 17.15
C LEU A 367 -0.78 -28.14 16.02
N PHE A 368 -1.75 -27.39 15.50
CA PHE A 368 -2.61 -27.91 14.45
C PHE A 368 -2.36 -27.20 13.11
N LEU A 369 -1.18 -26.57 13.00
CA LEU A 369 -0.69 -25.88 11.77
C LEU A 369 -1.63 -24.80 11.20
N ARG A 370 -2.45 -24.23 12.09
CA ARG A 370 -3.30 -23.10 11.76
C ARG A 370 -2.42 -21.88 11.45
N TRP A 371 -2.53 -21.38 10.23
CA TRP A 371 -1.69 -20.28 9.76
C TRP A 371 -2.42 -18.94 9.79
N ASN A 372 -1.69 -17.94 10.29
CA ASN A 372 -2.12 -16.55 10.28
C ASN A 372 -0.89 -15.69 10.18
N GLU A 373 -0.80 -14.92 9.09
CA GLU A 373 0.34 -14.08 8.79
C GLU A 373 0.73 -13.09 9.91
N THR A 374 -0.24 -12.31 10.38
CA THR A 374 -0.04 -11.36 11.47
C THR A 374 0.62 -12.05 12.68
N ALA A 375 0.05 -13.18 13.11
CA ALA A 375 0.59 -13.91 14.25
C ALA A 375 2.04 -14.35 13.97
N ALA A 376 2.32 -14.83 12.75
CA ALA A 376 3.70 -15.19 12.40
C ALA A 376 4.59 -13.98 12.64
N ALA A 377 4.14 -12.82 12.16
CA ALA A 377 4.90 -11.60 12.33
C ALA A 377 5.08 -11.20 13.80
N ASP A 378 4.04 -11.41 14.61
CA ASP A 378 4.09 -11.06 16.05
C ASP A 378 5.14 -11.91 16.76
N LYS A 379 5.12 -13.19 16.41
CA LYS A 379 6.04 -14.18 16.91
C LYS A 379 7.49 -13.83 16.60
N LEU A 380 7.76 -13.50 15.33
CA LEU A 380 9.10 -13.06 14.96
C LEU A 380 9.47 -11.73 15.61
N LYS A 381 8.50 -10.80 15.73
CA LYS A 381 8.75 -9.50 16.36
C LYS A 381 9.17 -9.63 17.82
N TYR A 382 8.63 -10.66 18.51
CA TYR A 382 9.00 -10.99 19.87
C TYR A 382 10.46 -11.48 19.98
N VAL A 383 10.92 -12.16 18.94
CA VAL A 383 12.31 -12.62 18.87
C VAL A 383 13.22 -11.41 19.09
N LEU A 384 12.91 -10.32 18.38
CA LEU A 384 13.66 -9.09 18.52
C LEU A 384 13.44 -8.40 19.88
N ASN A 385 12.20 -8.34 20.32
CA ASN A 385 11.90 -7.75 21.64
C ASN A 385 12.70 -8.43 22.77
N LEU A 386 12.97 -9.72 22.59
CA LEU A 386 13.80 -10.50 23.48
C LEU A 386 15.28 -10.17 23.40
N GLY A 387 15.73 -9.61 22.28
CA GLY A 387 17.15 -9.35 22.05
C GLY A 387 17.84 -10.52 21.35
N LEU A 388 17.06 -11.54 21.02
CA LEU A 388 17.56 -12.73 20.26
C LEU A 388 17.89 -12.38 18.82
N ASN A 389 18.80 -13.13 18.20
CA ASN A 389 19.06 -12.92 16.77
C ASN A 389 18.59 -14.03 15.83
N THR A 390 18.28 -15.21 16.37
CA THR A 390 18.04 -16.39 15.56
C THR A 390 16.87 -17.26 16.07
N VAL A 391 16.15 -17.88 15.13
CA VAL A 391 15.25 -18.96 15.49
C VAL A 391 15.63 -20.24 14.75
N ARG A 392 15.58 -21.35 15.48
CA ARG A 392 15.80 -22.65 14.86
C ARG A 392 14.45 -23.23 14.50
N LEU A 393 14.40 -23.90 13.36
CA LEU A 393 13.22 -24.65 12.98
C LEU A 393 13.57 -26.13 12.87
N GLU A 394 13.30 -26.91 13.92
CA GLU A 394 13.47 -28.34 13.82
C GLU A 394 12.25 -28.88 13.09
N GLY A 395 12.37 -28.97 11.77
CA GLY A 395 11.28 -29.44 10.92
C GLY A 395 10.14 -28.46 11.01
N HIS A 396 8.94 -28.92 10.64
CA HIS A 396 7.74 -28.08 10.65
C HIS A 396 8.03 -26.80 9.89
N ILE A 397 8.88 -26.87 8.86
CA ILE A 397 9.33 -25.67 8.16
C ILE A 397 8.15 -24.86 7.64
N GLU A 398 8.15 -23.57 8.01
CA GLU A 398 6.98 -22.72 7.84
C GLU A 398 6.74 -22.31 6.37
N PRO A 399 5.52 -21.85 6.05
CA PRO A 399 5.21 -21.33 4.69
C PRO A 399 5.98 -20.05 4.33
N ASP A 400 6.14 -19.79 3.02
CA ASP A 400 7.01 -18.72 2.49
C ASP A 400 7.06 -17.44 3.32
N GLU A 401 5.87 -16.91 3.63
CA GLU A 401 5.66 -15.63 4.29
C GLU A 401 6.42 -15.53 5.62
N PHE A 402 6.57 -16.64 6.31
CA PHE A 402 7.34 -16.63 7.53
C PHE A 402 8.78 -16.21 7.20
N PHE A 403 9.32 -16.69 6.08
CA PHE A 403 10.69 -16.34 5.74
C PHE A 403 10.84 -14.91 5.24
N ASP A 404 9.80 -14.43 4.53
CA ASP A 404 9.68 -13.04 4.11
C ASP A 404 9.70 -12.07 5.30
N ILE A 405 8.92 -12.41 6.34
CA ILE A 405 8.83 -11.61 7.52
C ILE A 405 10.18 -11.65 8.23
N ALA A 406 10.74 -12.84 8.33
CA ALA A 406 12.08 -13.00 8.92
C ALA A 406 13.08 -12.10 8.21
N ASP A 407 13.04 -12.15 6.88
CA ASP A 407 13.87 -11.32 6.02
C ASP A 407 13.67 -9.85 6.37
N ASP A 408 12.41 -9.40 6.35
CA ASP A 408 12.06 -7.99 6.57
C ASP A 408 12.51 -7.46 7.94
N LEU A 409 12.44 -8.30 8.97
CA LEU A 409 12.77 -7.92 10.35
C LEU A 409 14.24 -8.17 10.67
N GLY A 410 14.91 -9.00 9.86
CA GLY A 410 16.32 -9.34 10.09
C GLY A 410 16.55 -10.35 11.18
N VAL A 411 15.61 -11.30 11.32
CA VAL A 411 15.79 -12.42 12.22
C VAL A 411 16.40 -13.53 11.42
N LEU A 412 17.53 -14.07 11.88
CA LEU A 412 18.14 -15.24 11.26
C LEU A 412 17.38 -16.54 11.59
N THR A 413 17.37 -17.47 10.64
CA THR A 413 16.66 -18.74 10.79
C THR A 413 17.59 -19.90 10.47
N MET A 414 17.37 -21.00 11.20
CA MET A 414 18.09 -22.26 11.05
C MET A 414 17.13 -23.42 10.75
N PRO A 415 16.57 -23.46 9.52
CA PRO A 415 15.69 -24.58 9.22
C PRO A 415 16.45 -25.88 9.06
N GLY A 416 15.74 -27.00 9.14
CA GLY A 416 16.29 -28.30 8.84
C GLY A 416 15.26 -29.36 9.16
N TRP A 417 15.61 -30.61 8.89
CA TRP A 417 14.74 -31.74 9.18
C TRP A 417 14.70 -31.97 10.69
N GLU A 418 13.74 -32.80 11.12
CA GLU A 418 13.48 -33.04 12.55
C GLU A 418 13.93 -34.43 12.96
N CYS A 419 14.15 -34.64 14.27
CA CYS A 419 14.55 -35.93 14.80
C CYS A 419 13.35 -36.79 15.08
N CYS A 420 13.62 -38.03 15.49
CA CYS A 420 12.66 -38.81 16.28
C CYS A 420 11.44 -39.29 15.54
N ASP A 421 11.48 -39.29 14.21
CA ASP A 421 10.43 -39.89 13.41
C ASP A 421 10.96 -40.38 12.07
N LYS A 422 10.12 -40.42 11.03
CA LYS A 422 10.53 -41.01 9.77
C LYS A 422 11.86 -40.46 9.20
N TRP A 423 12.06 -39.16 9.34
CA TRP A 423 13.21 -38.48 8.72
C TRP A 423 14.52 -39.15 9.09
N GLU A 424 14.60 -39.61 10.33
CA GLU A 424 15.81 -40.25 10.83
C GLU A 424 15.62 -41.76 11.07
N GLY A 425 14.48 -42.30 10.62
CA GLY A 425 14.13 -43.71 10.82
C GLY A 425 15.14 -44.73 10.28
N GLN A 426 16.04 -44.30 9.40
CA GLN A 426 17.01 -45.21 8.81
C GLN A 426 18.36 -45.21 9.53
N VAL A 427 18.56 -44.22 10.43
CA VAL A 427 19.83 -44.13 11.18
C VAL A 427 19.68 -44.05 12.70
N ASN A 428 18.45 -43.95 13.22
CA ASN A 428 18.24 -43.69 14.65
C ASN A 428 17.96 -44.91 15.52
N GLY A 429 18.03 -46.09 14.90
CA GLY A 429 17.86 -47.35 15.59
C GLY A 429 16.55 -47.50 16.32
N GLU A 430 16.64 -47.65 17.64
CA GLU A 430 15.53 -47.96 18.53
C GLU A 430 14.54 -46.80 18.75
N GLU A 431 14.90 -45.61 18.29
CA GLU A 431 14.03 -44.44 18.41
C GLU A 431 12.93 -44.55 17.36
N LYS A 432 11.76 -43.99 17.66
CA LYS A 432 10.63 -44.00 16.74
C LYS A 432 11.11 -43.52 15.36
N GLY A 433 10.49 -44.06 14.32
CA GLY A 433 10.87 -43.74 12.96
C GLY A 433 11.25 -45.01 12.26
N GLU A 434 10.57 -45.29 11.17
CA GLU A 434 10.74 -46.57 10.49
C GLU A 434 11.91 -46.56 9.52
N PRO A 435 12.66 -47.67 9.46
CA PRO A 435 13.72 -47.84 8.45
C PRO A 435 13.16 -47.51 7.07
N TRP A 436 14.00 -46.98 6.20
CA TRP A 436 13.55 -46.55 4.91
C TRP A 436 13.45 -47.72 3.94
N VAL A 437 12.47 -47.63 3.05
CA VAL A 437 12.36 -48.55 1.92
C VAL A 437 12.83 -47.83 0.67
N GLU A 438 12.86 -48.52 -0.46
CA GLU A 438 13.32 -47.88 -1.69
C GLU A 438 12.48 -46.67 -2.14
N SER A 439 11.16 -46.73 -1.97
CA SER A 439 10.30 -45.58 -2.35
C SER A 439 10.52 -44.31 -1.50
N ASP A 440 11.13 -44.47 -0.33
CA ASP A 440 11.36 -43.33 0.56
C ASP A 440 12.44 -42.42 0.02
N TYR A 441 13.41 -42.98 -0.70
CA TYR A 441 14.54 -42.21 -1.13
C TYR A 441 14.17 -41.05 -2.05
N PRO A 442 13.44 -41.33 -3.15
CA PRO A 442 13.15 -40.20 -4.02
C PRO A 442 12.21 -39.16 -3.40
N ILE A 443 11.38 -39.54 -2.44
CA ILE A 443 10.52 -38.59 -1.72
C ILE A 443 11.36 -37.62 -0.85
N ALA A 444 12.38 -38.16 -0.16
CA ALA A 444 13.21 -37.38 0.73
C ALA A 444 14.11 -36.44 -0.06
N LYS A 445 14.59 -36.94 -1.18
CA LYS A 445 15.37 -36.13 -2.11
C LYS A 445 14.48 -35.04 -2.73
N ALA A 446 13.30 -35.41 -3.21
CA ALA A 446 12.37 -34.39 -3.71
C ALA A 446 11.99 -33.35 -2.64
N SER A 447 11.94 -33.76 -1.37
CA SER A 447 11.66 -32.85 -0.26
C SER A 447 12.77 -31.83 -0.03
N MET A 448 14.02 -32.29 -0.09
CA MET A 448 15.19 -31.39 -0.02
C MET A 448 15.16 -30.37 -1.16
N PHE A 449 14.93 -30.85 -2.39
CA PHE A 449 14.91 -29.96 -3.55
C PHE A 449 13.87 -28.89 -3.41
N SER A 450 12.66 -29.28 -2.98
CA SER A 450 11.55 -28.35 -2.87
C SER A 450 11.85 -27.26 -1.86
N GLU A 451 12.39 -27.66 -0.70
CA GLU A 451 12.75 -26.71 0.33
C GLU A 451 13.93 -25.87 -0.14
N ALA A 452 14.96 -26.51 -0.67
CA ALA A 452 16.10 -25.73 -1.18
C ALA A 452 15.61 -24.64 -2.11
N GLU A 453 14.68 -25.01 -2.98
CA GLU A 453 14.05 -24.09 -3.93
C GLU A 453 13.25 -22.97 -3.27
N ARG A 454 12.33 -23.30 -2.36
CA ARG A 454 11.61 -22.28 -1.58
C ARG A 454 12.55 -21.33 -0.82
N LEU A 455 13.66 -21.85 -0.31
CA LEU A 455 14.42 -21.15 0.75
C LEU A 455 15.67 -20.40 0.29
N ARG A 456 16.19 -20.80 -0.87
CA ARG A 456 17.48 -20.31 -1.40
C ARG A 456 17.65 -18.78 -1.46
N ASP A 457 16.56 -18.05 -1.63
CA ASP A 457 16.63 -16.62 -1.86
C ASP A 457 16.24 -15.75 -0.63
N HIS A 458 16.05 -16.39 0.51
CA HIS A 458 15.70 -15.69 1.73
C HIS A 458 16.96 -15.45 2.52
N PRO A 459 17.37 -14.17 2.67
CA PRO A 459 18.63 -13.82 3.35
C PRO A 459 18.66 -14.18 4.83
N SER A 460 17.49 -14.34 5.46
CA SER A 460 17.42 -14.76 6.86
C SER A 460 18.04 -16.14 7.12
N VAL A 461 17.85 -17.06 6.17
CA VAL A 461 18.36 -18.42 6.29
C VAL A 461 19.88 -18.49 6.32
N ILE A 462 20.44 -19.04 7.41
CA ILE A 462 21.89 -19.10 7.58
C ILE A 462 22.47 -20.51 7.38
N SER A 463 21.60 -21.52 7.37
CA SER A 463 21.99 -22.92 7.16
C SER A 463 20.78 -23.82 6.98
N PHE A 464 21.03 -25.05 6.54
CA PHE A 464 20.04 -26.10 6.60
C PHE A 464 20.62 -27.29 7.33
N HIS A 465 19.95 -27.70 8.41
CA HIS A 465 20.34 -28.92 9.13
C HIS A 465 19.79 -30.15 8.41
N ILE A 466 20.66 -31.01 7.88
CA ILE A 466 20.19 -32.24 7.17
C ILE A 466 19.94 -33.44 8.07
N GLY A 467 20.28 -33.27 9.34
CA GLY A 467 19.88 -34.20 10.39
C GLY A 467 19.78 -33.39 11.67
N SER A 468 19.18 -34.00 12.69
CA SER A 468 18.99 -33.33 13.96
C SER A 468 19.78 -34.07 15.04
N ASP A 469 19.18 -35.12 15.61
CA ASP A 469 19.88 -35.99 16.55
C ASP A 469 20.84 -36.89 15.76
N PHE A 470 20.36 -37.52 14.69
CA PHE A 470 21.22 -38.37 13.91
C PHE A 470 21.56 -37.77 12.56
N ALA A 471 22.86 -37.75 12.25
CA ALA A 471 23.33 -37.33 10.95
C ALA A 471 22.82 -38.36 9.93
N PRO A 472 22.57 -37.94 8.69
CA PRO A 472 22.20 -38.93 7.69
C PRO A 472 23.37 -39.85 7.33
N ASP A 473 23.05 -41.02 6.79
CA ASP A 473 24.08 -41.91 6.30
C ASP A 473 24.54 -41.39 4.94
N ARG A 474 25.50 -42.07 4.32
CA ARG A 474 26.10 -41.55 3.10
C ARG A 474 25.11 -41.52 1.93
N ARG A 475 24.23 -42.51 1.80
CA ARG A 475 23.28 -42.54 0.68
C ARG A 475 22.28 -41.38 0.83
N ILE A 476 21.69 -41.26 2.01
CA ILE A 476 20.71 -40.21 2.26
C ILE A 476 21.37 -38.82 2.17
N GLU A 477 22.53 -38.65 2.78
CA GLU A 477 23.26 -37.38 2.65
C GLU A 477 23.59 -36.97 1.21
N GLN A 478 23.99 -37.93 0.37
CA GLN A 478 24.30 -37.66 -1.02
C GLN A 478 23.04 -37.19 -1.72
N GLY A 479 21.91 -37.79 -1.33
CA GLY A 479 20.61 -37.37 -1.83
C GLY A 479 20.33 -35.93 -1.49
N TYR A 480 20.61 -35.54 -0.25
CA TYR A 480 20.40 -34.15 0.17
C TYR A 480 21.34 -33.15 -0.54
N LEU A 481 22.63 -33.47 -0.61
CA LEU A 481 23.63 -32.62 -1.28
C LEU A 481 23.33 -32.46 -2.77
N ASP A 482 22.93 -33.53 -3.43
CA ASP A 482 22.54 -33.48 -4.85
C ASP A 482 21.32 -32.59 -5.06
N ALA A 483 20.30 -32.76 -4.22
CA ALA A 483 19.13 -31.92 -4.31
C ALA A 483 19.49 -30.44 -4.18
N MET A 484 20.22 -30.09 -3.14
CA MET A 484 20.59 -28.69 -2.93
C MET A 484 21.41 -28.15 -4.10
N LYS A 485 22.44 -28.89 -4.50
CA LYS A 485 23.26 -28.52 -5.67
C LYS A 485 22.38 -28.17 -6.84
N ALA A 486 21.39 -29.01 -7.12
CA ALA A 486 20.48 -28.82 -8.25
C ALA A 486 19.57 -27.59 -8.08
N ALA A 487 19.32 -27.18 -6.85
CA ALA A 487 18.52 -25.98 -6.58
C ALA A 487 19.38 -24.72 -6.41
N ASP A 488 20.69 -24.86 -6.58
CA ASP A 488 21.67 -23.79 -6.34
C ASP A 488 21.53 -23.22 -4.93
N PHE A 489 21.13 -24.07 -3.99
CA PHE A 489 21.08 -23.72 -2.59
C PHE A 489 22.50 -23.77 -2.05
N LEU A 490 23.02 -22.62 -1.68
CA LEU A 490 24.43 -22.51 -1.44
C LEU A 490 24.77 -22.20 0.01
N LEU A 491 23.83 -22.40 0.91
CA LEU A 491 24.06 -22.05 2.32
C LEU A 491 24.84 -23.14 3.07
N PRO A 492 25.40 -22.81 4.25
CA PRO A 492 26.04 -23.86 5.08
C PRO A 492 25.12 -25.05 5.38
N VAL A 493 25.62 -26.27 5.18
CA VAL A 493 24.87 -27.48 5.50
C VAL A 493 25.40 -28.08 6.80
N ILE A 494 24.55 -28.18 7.81
CA ILE A 494 25.00 -28.76 9.06
C ILE A 494 24.51 -30.20 9.12
N PRO A 495 25.42 -31.17 9.38
CA PRO A 495 25.05 -32.60 9.34
C PRO A 495 24.12 -33.03 10.47
N ALA A 496 24.32 -32.50 11.67
CA ALA A 496 23.45 -32.80 12.82
C ALA A 496 23.44 -31.61 13.76
N ALA A 497 22.57 -31.69 14.78
CA ALA A 497 22.49 -30.68 15.83
C ALA A 497 23.15 -31.26 17.08
N SER A 498 23.28 -32.59 17.09
CA SER A 498 24.13 -33.28 18.07
C SER A 498 25.59 -33.23 17.57
N ALA A 499 26.49 -33.86 18.30
CA ALA A 499 27.89 -34.03 17.89
C ALA A 499 28.13 -35.11 16.83
N ARG A 500 27.08 -35.75 16.33
CA ARG A 500 27.28 -36.80 15.34
C ARG A 500 27.71 -36.26 13.98
N PRO A 501 28.83 -36.77 13.44
CA PRO A 501 29.30 -36.36 12.12
C PRO A 501 28.52 -37.09 11.02
N SER A 502 28.49 -36.51 9.83
CA SER A 502 28.00 -37.22 8.64
C SER A 502 29.22 -37.68 7.81
N PRO A 503 29.00 -38.66 6.92
CA PRO A 503 30.14 -39.20 6.18
C PRO A 503 30.79 -38.21 5.21
N ILE A 504 29.99 -37.35 4.58
CA ILE A 504 30.52 -36.42 3.58
C ILE A 504 30.84 -35.00 4.13
N THR A 505 29.84 -34.34 4.72
CA THR A 505 30.00 -32.97 5.21
C THR A 505 30.91 -32.92 6.45
N GLY A 506 30.82 -33.96 7.28
CA GLY A 506 31.77 -34.15 8.37
C GLY A 506 31.22 -33.71 9.70
N ALA A 507 32.11 -33.16 10.53
CA ALA A 507 31.79 -32.73 11.88
C ALA A 507 30.63 -31.75 11.87
N SER A 508 29.81 -31.83 12.91
CA SER A 508 28.66 -30.94 13.01
C SER A 508 29.09 -29.60 13.59
N GLY A 509 30.07 -29.63 14.49
CA GLY A 509 30.45 -28.45 15.26
C GLY A 509 29.39 -28.04 16.29
N MET A 510 28.47 -28.95 16.60
CA MET A 510 27.46 -28.67 17.64
C MET A 510 27.35 -29.83 18.64
N LYS A 511 26.50 -29.65 19.63
CA LYS A 511 26.30 -30.64 20.66
C LYS A 511 24.85 -30.60 21.13
N MET A 512 24.35 -31.78 21.46
CA MET A 512 23.05 -31.96 22.04
C MET A 512 23.24 -32.77 23.34
N ASN A 513 23.85 -32.17 24.35
CA ASN A 513 24.13 -32.95 25.57
C ASN A 513 23.09 -32.74 26.65
N GLY A 514 21.99 -32.06 26.31
CA GLY A 514 21.07 -31.58 27.35
C GLY A 514 21.71 -30.42 28.10
N PRO A 515 21.06 -29.93 29.17
CA PRO A 515 19.84 -30.44 29.80
C PRO A 515 18.57 -30.03 29.08
N TYR A 516 17.45 -30.53 29.57
CA TYR A 516 16.12 -30.22 29.03
C TYR A 516 15.17 -30.12 30.21
N ASP A 517 15.73 -30.24 31.42
CA ASP A 517 14.97 -30.12 32.66
C ASP A 517 15.86 -29.48 33.72
N TYR A 518 15.34 -29.34 34.95
CA TYR A 518 15.94 -28.42 35.91
C TYR A 518 17.44 -28.60 36.15
N VAL A 519 18.17 -27.50 36.04
CA VAL A 519 19.54 -27.41 36.50
C VAL A 519 19.67 -26.03 37.14
N PRO A 520 20.57 -25.89 38.13
CA PRO A 520 20.63 -24.57 38.73
C PRO A 520 21.46 -23.63 37.85
N PRO A 521 21.39 -22.31 38.11
CA PRO A 521 22.07 -21.31 37.28
C PRO A 521 23.53 -21.60 36.96
N VAL A 522 24.31 -21.97 37.96
CA VAL A 522 25.75 -22.11 37.83
C VAL A 522 26.16 -23.26 36.89
N TYR A 523 25.26 -24.21 36.67
CA TYR A 523 25.46 -25.30 35.71
C TYR A 523 25.89 -24.72 34.39
N TRP A 524 25.24 -23.64 33.97
CA TRP A 524 25.52 -23.08 32.65
C TRP A 524 26.97 -22.61 32.51
N TYR A 525 27.56 -22.16 33.61
CA TYR A 525 28.96 -21.72 33.60
C TYR A 525 30.03 -22.82 33.53
N ASP A 526 29.60 -24.08 33.40
CA ASP A 526 30.55 -25.20 33.35
C ASP A 526 31.21 -25.38 31.99
N LYS A 527 32.53 -25.56 32.04
CA LYS A 527 33.34 -25.90 30.89
C LYS A 527 34.11 -27.20 31.18
N SER A 528 33.93 -27.74 32.39
CA SER A 528 34.69 -28.91 32.82
C SER A 528 34.12 -30.27 32.32
N GLN A 529 32.80 -30.36 32.13
CA GLN A 529 32.16 -31.63 31.76
C GLN A 529 31.80 -31.65 30.29
N LYS A 530 32.56 -32.40 29.50
CA LYS A 530 32.38 -32.30 28.04
C LYS A 530 31.24 -33.14 27.47
N ASP A 531 30.54 -33.84 28.34
CA ASP A 531 29.30 -34.50 27.94
C ASP A 531 28.06 -33.76 28.42
N ARG A 532 28.26 -32.52 28.92
CA ARG A 532 27.17 -31.70 29.43
C ARG A 532 26.90 -30.43 28.60
N GLY A 533 25.93 -29.63 29.06
CA GLY A 533 25.43 -28.49 28.30
C GLY A 533 25.87 -27.11 28.77
N GLY A 534 27.06 -27.04 29.35
CA GLY A 534 27.68 -25.76 29.64
C GLY A 534 27.99 -24.86 28.43
N ALA A 535 28.40 -23.65 28.77
CA ALA A 535 28.67 -22.58 27.84
C ALA A 535 29.98 -22.81 27.09
N TRP A 536 29.91 -23.63 26.04
CA TRP A 536 31.05 -23.92 25.19
C TRP A 536 30.53 -24.72 24.00
N SER A 537 31.21 -24.57 22.85
CA SER A 537 30.75 -25.10 21.57
C SER A 537 29.39 -24.50 21.19
N PHE A 538 28.59 -25.19 20.38
CA PHE A 538 27.36 -24.61 19.87
C PHE A 538 26.21 -25.38 20.45
N ASN A 539 25.52 -24.77 21.41
CA ASN A 539 24.36 -25.40 22.06
C ASN A 539 23.09 -25.32 21.20
N SER A 540 22.82 -26.39 20.46
CA SER A 540 21.76 -26.42 19.46
C SER A 540 20.32 -26.57 19.98
N GLU A 541 20.13 -27.02 21.22
CA GLU A 541 18.78 -27.14 21.78
C GLU A 541 18.79 -27.51 23.26
N THR A 542 18.63 -26.52 24.13
CA THR A 542 18.72 -26.76 25.56
C THR A 542 18.00 -25.70 26.42
N SER A 543 17.48 -26.15 27.57
CA SER A 543 16.84 -25.30 28.55
C SER A 543 16.80 -26.01 29.91
N ALA A 544 16.26 -25.33 30.91
CA ALA A 544 16.14 -25.93 32.23
C ALA A 544 14.69 -26.41 32.45
N GLY A 545 13.97 -26.60 31.35
CA GLY A 545 12.75 -27.38 31.32
C GLY A 545 11.47 -26.62 31.53
N VAL A 546 10.87 -26.82 32.70
CA VAL A 546 9.58 -26.25 33.04
C VAL A 546 9.57 -24.73 33.02
N ASP A 547 8.56 -24.17 32.33
CA ASP A 547 8.34 -22.75 32.26
C ASP A 547 6.87 -22.41 32.52
N ILE A 548 6.52 -22.28 33.80
CA ILE A 548 5.16 -21.92 34.20
C ILE A 548 4.76 -20.56 33.65
N PRO A 549 3.66 -20.50 32.86
CA PRO A 549 3.23 -19.24 32.30
C PRO A 549 2.56 -18.36 33.33
N THR A 550 2.17 -17.15 32.89
CA THR A 550 1.51 -16.18 33.78
C THR A 550 0.22 -16.78 34.30
N MET A 551 -0.18 -16.30 35.48
CA MET A 551 -1.44 -16.68 36.08
C MET A 551 -2.61 -16.51 35.08
N ASP A 552 -2.57 -15.49 34.24
CA ASP A 552 -3.64 -15.26 33.25
C ASP A 552 -3.70 -16.34 32.18
N THR A 553 -2.54 -16.87 31.79
CA THR A 553 -2.50 -17.98 30.85
C THR A 553 -2.93 -19.27 31.53
N LEU A 554 -2.38 -19.52 32.71
CA LEU A 554 -2.79 -20.66 33.55
C LEU A 554 -4.31 -20.83 33.62
N LYS A 555 -5.01 -19.79 34.03
CA LYS A 555 -6.45 -19.85 34.19
C LYS A 555 -7.21 -20.09 32.87
N ARG A 556 -6.59 -19.78 31.74
CA ARG A 556 -7.22 -20.10 30.44
C ARG A 556 -6.93 -21.55 29.98
N MET A 557 -5.89 -22.20 30.53
CA MET A 557 -5.40 -23.49 30.00
C MET A 557 -5.64 -24.72 30.88
N MET A 558 -5.98 -24.49 32.14
CA MET A 558 -6.16 -25.59 33.11
C MET A 558 -7.27 -25.29 34.09
N SER A 559 -7.93 -26.33 34.59
CA SER A 559 -8.99 -26.14 35.59
C SER A 559 -8.40 -25.82 36.96
N ALA A 560 -9.24 -25.31 37.85
CA ALA A 560 -8.86 -25.08 39.25
C ALA A 560 -8.23 -26.31 39.88
N SER A 561 -8.83 -27.48 39.62
CA SER A 561 -8.31 -28.73 40.17
C SER A 561 -6.96 -29.11 39.56
N GLU A 562 -6.82 -28.94 38.25
CA GLU A 562 -5.56 -29.17 37.54
C GLU A 562 -4.46 -28.30 38.12
N LEU A 563 -4.80 -27.04 38.39
CA LEU A 563 -3.84 -26.08 38.95
C LEU A 563 -3.52 -26.34 40.43
N ASP A 564 -4.51 -26.90 41.15
CA ASP A 564 -4.33 -27.25 42.56
C ASP A 564 -3.28 -28.33 42.63
N THR A 565 -3.43 -29.33 41.78
CA THR A 565 -2.54 -30.48 41.69
C THR A 565 -1.12 -30.04 41.34
N MET A 566 -1.00 -29.21 40.30
CA MET A 566 0.28 -28.67 39.88
C MET A 566 1.14 -28.15 41.05
N TRP A 567 0.58 -27.29 41.89
CA TRP A 567 1.40 -26.73 42.97
C TRP A 567 1.54 -27.66 44.16
N LYS A 568 0.46 -28.40 44.46
CA LYS A 568 0.48 -29.36 45.58
C LYS A 568 1.33 -30.60 45.29
N ASN A 569 1.23 -31.12 44.06
CA ASN A 569 1.91 -32.35 43.67
C ASN A 569 2.65 -32.21 42.32
N PRO A 570 3.81 -31.53 42.33
CA PRO A 570 4.55 -31.34 41.06
C PRO A 570 4.87 -32.68 40.41
N SER A 571 4.91 -33.74 41.22
CA SER A 571 5.21 -35.07 40.72
C SER A 571 4.12 -35.66 39.82
N ALA A 572 2.89 -35.19 39.97
CA ALA A 572 1.80 -35.69 39.14
C ALA A 572 1.89 -35.23 37.69
N LYS A 573 1.37 -36.09 36.81
CA LYS A 573 1.39 -35.84 35.36
C LYS A 573 0.50 -34.66 34.98
N GLN A 574 1.02 -33.85 34.06
CA GLN A 574 0.31 -32.69 33.54
C GLN A 574 0.15 -32.84 32.03
N TYR A 575 -1.10 -32.81 31.58
CA TYR A 575 -1.40 -32.98 30.17
C TYR A 575 -0.71 -31.88 29.36
N HIS A 576 -0.55 -30.72 29.96
CA HIS A 576 0.04 -29.58 29.25
C HIS A 576 1.56 -29.44 29.32
N ARG A 577 2.24 -30.41 29.92
CA ARG A 577 3.68 -30.51 29.66
C ARG A 577 3.84 -31.38 28.43
N SER A 578 3.96 -32.70 28.61
CA SER A 578 4.40 -33.55 27.51
C SER A 578 3.81 -34.95 27.54
N SER A 579 3.58 -35.51 26.35
CA SER A 579 3.23 -36.92 26.17
C SER A 579 4.34 -37.88 26.57
N SER A 580 5.59 -37.40 26.50
CA SER A 580 6.75 -38.21 26.92
C SER A 580 6.74 -38.45 28.43
N ASP A 581 7.02 -39.68 28.84
CA ASP A 581 7.06 -40.03 30.27
C ASP A 581 8.18 -39.29 30.98
N THR A 582 9.24 -39.01 30.24
CA THR A 582 10.38 -38.33 30.77
C THR A 582 10.00 -36.91 31.19
N PHE A 583 9.18 -36.25 30.37
CA PHE A 583 8.79 -34.87 30.62
C PHE A 583 7.30 -34.77 30.88
N GLY A 584 6.79 -35.72 31.64
CA GLY A 584 5.35 -35.84 31.86
C GLY A 584 4.88 -35.00 33.01
N ASN A 585 5.78 -34.76 33.96
CA ASN A 585 5.47 -34.12 35.24
C ASN A 585 6.45 -32.98 35.55
N LEU A 586 6.29 -32.34 36.71
CA LEU A 586 7.15 -31.21 37.09
C LEU A 586 8.02 -31.55 38.29
N LYS A 587 8.39 -32.81 38.45
CA LYS A 587 9.00 -33.22 39.71
C LYS A 587 10.33 -32.51 39.97
N LEU A 588 11.21 -32.48 38.98
CA LEU A 588 12.54 -31.96 39.20
C LEU A 588 12.43 -30.47 39.50
N PHE A 589 11.55 -29.82 38.74
CA PHE A 589 11.22 -28.41 38.93
C PHE A 589 10.60 -28.11 40.32
N GLY A 590 9.50 -28.80 40.63
CA GLY A 590 8.87 -28.67 41.94
C GLY A 590 9.88 -28.87 43.07
N ASP A 591 10.72 -29.90 42.94
CA ASP A 591 11.69 -30.26 43.98
C ASP A 591 12.69 -29.16 44.25
N ALA A 592 13.25 -28.59 43.17
CA ALA A 592 14.25 -27.53 43.28
C ALA A 592 13.58 -26.22 43.67
N LEU A 593 12.33 -26.03 43.21
CA LEU A 593 11.58 -24.86 43.63
C LEU A 593 11.45 -24.79 45.15
N THR A 594 10.87 -25.84 45.73
CA THR A 594 10.72 -25.95 47.18
C THR A 594 12.08 -25.78 47.86
N LYS A 595 13.07 -26.56 47.42
CA LYS A 595 14.41 -26.53 48.02
C LYS A 595 15.02 -25.14 48.02
N ARG A 596 14.95 -24.45 46.88
CA ARG A 596 15.72 -23.23 46.67
C ARG A 596 14.99 -21.94 47.08
N TYR A 597 13.69 -21.86 46.80
CA TYR A 597 12.88 -20.69 47.15
C TYR A 597 12.00 -20.94 48.38
N GLY A 598 11.94 -22.19 48.85
CA GLY A 598 11.03 -22.55 49.93
C GLY A 598 9.72 -23.16 49.44
N ALA A 599 9.14 -24.02 50.28
CA ALA A 599 7.87 -24.69 50.00
C ALA A 599 6.76 -23.71 49.65
N SER A 600 5.87 -24.12 48.76
CA SER A 600 4.80 -23.24 48.30
C SER A 600 3.59 -23.29 49.22
N ALA A 601 3.08 -22.12 49.59
CA ALA A 601 1.95 -22.02 50.52
C ALA A 601 0.61 -22.13 49.81
N ASN A 602 0.63 -21.86 48.49
CA ASN A 602 -0.56 -21.86 47.65
C ASN A 602 -0.18 -21.60 46.19
N LEU A 603 -1.18 -21.57 45.32
CA LEU A 603 -0.99 -21.44 43.90
C LEU A 603 -0.21 -20.17 43.59
N ASN A 604 -0.68 -19.04 44.14
CA ASN A 604 -0.03 -17.75 43.95
C ASN A 604 1.45 -17.79 44.34
N ASP A 605 1.74 -18.42 45.47
CA ASP A 605 3.10 -18.61 45.96
C ASP A 605 3.94 -19.45 44.97
N PHE A 606 3.38 -20.58 44.53
CA PHE A 606 4.03 -21.40 43.55
C PHE A 606 4.36 -20.59 42.28
N VAL A 607 3.40 -19.81 41.80
CA VAL A 607 3.55 -19.09 40.53
C VAL A 607 4.59 -17.98 40.67
N ARG A 608 4.47 -17.16 41.73
CA ARG A 608 5.44 -16.09 42.00
C ARG A 608 6.90 -16.65 42.02
N LYS A 609 7.13 -17.75 42.75
CA LYS A 609 8.43 -18.38 42.80
C LYS A 609 8.85 -19.01 41.47
N ALA A 610 7.88 -19.57 40.75
CA ALA A 610 8.12 -20.14 39.43
C ALA A 610 8.73 -19.10 38.52
N GLN A 611 8.20 -17.89 38.56
CA GLN A 611 8.66 -16.83 37.68
C GLN A 611 10.07 -16.41 38.03
N LEU A 612 10.31 -16.17 39.32
CA LEU A 612 11.67 -15.86 39.81
C LEU A 612 12.69 -16.90 39.34
N SER A 613 12.34 -18.18 39.51
CA SER A 613 13.21 -19.27 39.09
C SER A 613 13.51 -19.28 37.59
N GLN A 614 12.49 -19.01 36.78
CA GLN A 614 12.61 -19.06 35.32
C GLN A 614 13.43 -17.87 34.81
N TYR A 615 13.17 -16.70 35.38
CA TYR A 615 13.92 -15.51 35.08
C TYR A 615 15.41 -15.76 35.33
N GLU A 616 15.72 -16.20 36.54
CA GLU A 616 17.06 -16.45 37.04
C GLU A 616 17.77 -17.49 36.22
N ASN A 617 17.04 -18.53 35.86
CA ASN A 617 17.62 -19.61 35.12
C ASN A 617 17.90 -19.30 33.67
N VAL A 618 16.89 -18.74 32.97
CA VAL A 618 17.05 -18.43 31.56
C VAL A 618 18.08 -17.32 31.43
N ARG A 619 18.04 -16.35 32.35
CA ARG A 619 19.03 -15.27 32.36
C ARG A 619 20.44 -15.85 32.35
N ALA A 620 20.71 -16.77 33.27
CA ALA A 620 22.07 -17.32 33.40
C ALA A 620 22.45 -18.15 32.18
N GLU A 621 21.46 -18.78 31.55
CA GLU A 621 21.74 -19.66 30.41
C GLU A 621 22.30 -18.85 29.25
N PHE A 622 21.71 -17.69 29.00
CA PHE A 622 22.18 -16.87 27.92
C PHE A 622 23.46 -16.12 28.32
N GLU A 623 23.49 -15.58 29.55
CA GLU A 623 24.58 -14.72 29.99
C GLU A 623 25.93 -15.45 29.91
N SER A 624 25.93 -16.65 30.46
CA SER A 624 27.06 -17.57 30.40
C SER A 624 27.57 -17.76 28.97
N HIS A 625 26.65 -18.01 28.03
CA HIS A 625 27.01 -18.21 26.62
C HIS A 625 27.53 -16.93 26.01
N SER A 626 26.94 -15.80 26.37
CA SER A 626 27.52 -14.52 25.98
C SER A 626 28.92 -14.28 26.52
N ARG A 627 29.16 -14.62 27.77
CA ARG A 627 30.47 -14.38 28.37
C ARG A 627 31.58 -15.22 27.70
N ASN A 628 31.29 -16.49 27.50
CA ASN A 628 32.26 -17.46 27.04
C ASN A 628 32.52 -17.43 25.54
N TYR A 629 31.72 -16.65 24.81
CA TYR A 629 31.88 -16.47 23.35
C TYR A 629 33.30 -16.01 22.94
N THR A 630 33.96 -15.28 23.84
CA THR A 630 35.29 -14.76 23.56
C THR A 630 36.43 -15.51 24.31
N ASP A 631 36.16 -16.75 24.70
CA ASP A 631 37.20 -17.62 25.24
C ASP A 631 38.12 -18.09 24.11
N SER A 632 39.43 -18.04 24.38
CA SER A 632 40.45 -18.43 23.39
C SER A 632 40.35 -19.91 23.08
N THR A 633 39.78 -20.65 24.02
CA THR A 633 39.70 -22.11 23.99
C THR A 633 38.25 -22.50 24.25
N ASN A 634 37.73 -23.41 23.43
CA ASN A 634 36.33 -23.84 23.48
C ASN A 634 35.35 -22.71 23.77
N PRO A 635 35.30 -21.71 22.89
CA PRO A 635 34.31 -20.66 23.06
C PRO A 635 32.91 -21.22 22.82
N SER A 636 31.92 -20.63 23.48
CA SER A 636 30.50 -20.81 23.12
C SER A 636 30.29 -20.10 21.80
N THR A 637 29.79 -20.82 20.80
CA THR A 637 29.55 -20.26 19.49
C THR A 637 28.04 -20.15 19.18
N GLY A 638 27.20 -20.71 20.05
CA GLY A 638 25.77 -20.70 19.81
C GLY A 638 24.95 -21.18 21.00
N LEU A 639 23.70 -20.71 21.03
CA LEU A 639 22.72 -21.11 22.03
C LEU A 639 21.33 -21.04 21.41
N ILE A 640 20.65 -22.17 21.38
CA ILE A 640 19.28 -22.17 21.01
C ILE A 640 18.53 -22.63 22.24
N TYR A 641 17.75 -21.73 22.84
CA TYR A 641 16.93 -22.07 24.00
C TYR A 641 15.85 -23.04 23.55
N TRP A 642 15.52 -24.00 24.41
CA TRP A 642 14.49 -24.97 24.08
C TRP A 642 13.26 -24.77 24.98
N MET A 643 12.21 -24.13 24.46
CA MET A 643 12.13 -23.62 23.09
C MET A 643 11.73 -22.15 23.19
N LEU A 644 11.69 -21.49 22.03
CA LEU A 644 11.16 -20.12 21.95
C LEU A 644 9.67 -20.07 22.34
N ASN A 645 8.90 -20.94 21.71
CA ASN A 645 7.48 -20.97 21.96
C ASN A 645 7.01 -22.40 21.97
N SER A 646 5.76 -22.58 22.35
CA SER A 646 5.13 -23.86 22.35
C SER A 646 4.13 -23.92 21.19
N PRO A 647 3.82 -25.13 20.71
CA PRO A 647 2.76 -25.29 19.70
C PRO A 647 1.38 -25.06 20.30
N TRP A 648 1.30 -25.00 21.63
CA TRP A 648 0.00 -24.86 22.30
C TRP A 648 0.16 -24.27 23.70
N THR A 649 -0.89 -24.34 24.49
CA THR A 649 -0.82 -23.96 25.88
C THR A 649 -0.02 -25.02 26.61
N SER A 650 0.99 -24.55 27.36
CA SER A 650 2.06 -25.44 27.85
C SER A 650 2.64 -24.99 29.17
N LEU A 651 3.47 -25.86 29.74
CA LEU A 651 4.11 -25.65 31.00
C LEU A 651 5.63 -25.77 30.90
N HIS A 652 6.15 -25.92 29.68
CA HIS A 652 7.61 -26.03 29.54
C HIS A 652 8.15 -25.56 28.19
N TRP A 653 9.48 -25.41 28.15
CA TRP A 653 10.14 -25.16 26.89
C TRP A 653 9.51 -24.00 26.10
N GLN A 654 9.50 -22.82 26.71
CA GLN A 654 8.97 -21.61 26.10
C GLN A 654 9.49 -20.36 26.78
N LEU A 655 9.66 -19.30 25.99
CA LEU A 655 9.93 -17.96 26.51
C LEU A 655 8.60 -17.17 26.53
N PHE A 656 7.89 -17.18 25.40
CA PHE A 656 6.54 -16.65 25.35
C PHE A 656 5.47 -17.74 25.18
N ASP A 657 4.35 -17.62 25.89
CA ASP A 657 3.28 -18.61 25.79
C ASP A 657 2.41 -18.52 24.54
N ALA A 658 1.49 -19.49 24.42
CA ALA A 658 0.61 -19.60 23.25
C ALA A 658 -0.24 -18.36 23.04
N TYR A 659 -0.49 -17.60 24.10
CA TYR A 659 -1.27 -16.35 23.96
C TYR A 659 -0.39 -15.10 23.85
N MET A 660 0.92 -15.30 23.70
CA MET A 660 1.90 -14.22 23.58
C MET A 660 2.07 -13.46 24.90
N ASP A 661 1.72 -14.08 26.00
CA ASP A 661 1.96 -13.44 27.29
C ASP A 661 3.39 -13.64 27.70
N GLN A 662 3.85 -12.80 28.61
CA GLN A 662 5.23 -12.74 28.93
C GLN A 662 5.41 -12.96 30.41
N ASN A 663 6.23 -13.95 30.74
CA ASN A 663 6.47 -14.38 32.12
C ASN A 663 7.93 -14.16 32.54
N GLY A 664 8.33 -14.80 33.65
CA GLY A 664 9.69 -14.65 34.19
C GLY A 664 10.75 -15.16 33.25
N ALA A 665 10.40 -16.17 32.45
CA ALA A 665 11.32 -16.75 31.50
C ALA A 665 11.56 -15.76 30.34
N TYR A 666 10.49 -15.17 29.80
CA TYR A 666 10.58 -14.13 28.77
C TYR A 666 11.48 -12.97 29.23
N TYR A 667 11.09 -12.33 30.33
CA TYR A 667 11.83 -11.19 30.87
C TYR A 667 13.29 -11.52 31.15
N GLY A 668 13.53 -12.78 31.54
CA GLY A 668 14.87 -13.30 31.81
C GLY A 668 15.74 -13.38 30.56
N ALA A 669 15.16 -13.89 29.47
CA ALA A 669 15.83 -13.96 28.19
C ALA A 669 16.14 -12.55 27.67
N LYS A 670 15.16 -11.68 27.83
CA LYS A 670 15.25 -10.26 27.51
C LYS A 670 16.34 -9.51 28.31
N LYS A 671 16.39 -9.68 29.61
CA LYS A 671 17.50 -9.10 30.39
C LYS A 671 18.84 -9.55 29.81
N ALA A 672 19.03 -10.86 29.73
CA ALA A 672 20.27 -11.43 29.22
C ALA A 672 20.74 -10.82 27.91
N ASN A 673 19.79 -10.60 26.99
CA ASN A 673 20.09 -10.24 25.61
C ASN A 673 20.07 -8.75 25.26
N GLU A 674 19.97 -7.91 26.30
CA GLU A 674 20.14 -6.46 26.16
C GLU A 674 21.33 -6.16 25.27
N PRO A 675 21.20 -5.18 24.35
CA PRO A 675 22.29 -4.85 23.42
C PRO A 675 23.55 -4.33 24.14
N LEU A 676 23.35 -3.50 25.17
CA LEU A 676 24.46 -3.05 26.03
C LEU A 676 24.15 -3.49 27.46
N HIS A 677 24.90 -4.48 27.93
CA HIS A 677 24.43 -5.27 29.05
C HIS A 677 25.43 -5.48 30.19
N ILE A 678 24.92 -5.45 31.40
CA ILE A 678 25.77 -5.77 32.55
C ILE A 678 25.27 -7.06 33.20
N GLN A 679 26.20 -7.95 33.51
CA GLN A 679 25.85 -9.26 34.07
C GLN A 679 26.81 -9.72 35.19
N TYR A 680 26.26 -10.58 36.07
CA TYR A 680 26.98 -11.24 37.15
C TYR A 680 27.16 -12.73 36.87
N SER A 681 28.42 -13.20 36.81
CA SER A 681 28.75 -14.61 36.60
C SER A 681 28.55 -15.42 37.88
N HIS A 682 27.74 -16.48 37.79
CA HIS A 682 27.40 -17.29 38.94
C HIS A 682 28.54 -18.22 39.38
N ASP A 683 29.47 -18.53 38.48
CA ASP A 683 30.62 -19.35 38.85
C ASP A 683 31.65 -18.57 39.68
N ASN A 684 32.18 -17.48 39.14
CA ASN A 684 33.32 -16.82 39.76
C ASN A 684 33.04 -15.41 40.31
N ARG A 685 31.79 -14.97 40.25
CA ARG A 685 31.40 -13.68 40.82
C ARG A 685 32.06 -12.47 40.13
N SER A 686 32.43 -12.61 38.86
CA SER A 686 32.89 -11.48 38.07
C SER A 686 31.68 -10.77 37.45
N VAL A 687 31.78 -9.44 37.47
CA VAL A 687 30.85 -8.57 36.81
C VAL A 687 31.36 -8.25 35.41
N VAL A 688 30.51 -8.54 34.44
CA VAL A 688 30.91 -8.57 33.06
C VAL A 688 29.98 -7.66 32.26
N VAL A 689 30.59 -6.90 31.36
CA VAL A 689 29.89 -6.05 30.44
C VAL A 689 29.92 -6.70 29.05
N ILE A 690 28.74 -6.85 28.45
CA ILE A 690 28.59 -7.43 27.10
C ILE A 690 28.04 -6.38 26.16
N ASN A 691 28.73 -6.17 25.05
CA ASN A 691 28.24 -5.28 24.00
C ASN A 691 27.81 -6.07 22.76
N GLN A 692 26.51 -6.11 22.49
CA GLN A 692 25.96 -6.84 21.33
C GLN A 692 25.91 -6.00 20.05
N THR A 693 26.16 -4.70 20.19
CA THR A 693 25.95 -3.74 19.10
C THR A 693 27.01 -3.84 18.03
N SER A 694 26.76 -3.20 16.90
CA SER A 694 27.69 -3.31 15.79
C SER A 694 28.87 -2.34 15.90
N ASN A 695 28.93 -1.60 17.03
CA ASN A 695 29.97 -0.58 17.31
C ASN A 695 30.63 -0.69 18.70
N ALA A 696 31.95 -0.53 18.75
CA ALA A 696 32.66 -0.50 20.02
C ALA A 696 32.18 0.68 20.90
N VAL A 697 32.16 0.48 22.21
CA VAL A 697 31.68 1.52 23.12
C VAL A 697 32.73 1.85 24.17
N SER A 698 32.78 3.14 24.57
CA SER A 698 33.78 3.68 25.48
C SER A 698 33.12 4.46 26.59
N GLY A 699 33.89 4.76 27.65
CA GLY A 699 33.46 5.65 28.72
C GLY A 699 32.32 5.13 29.58
N LEU A 700 32.21 3.81 29.67
CA LEU A 700 31.19 3.14 30.49
C LEU A 700 31.62 3.00 31.97
N THR A 701 30.66 3.19 32.88
CA THR A 701 30.92 2.83 34.27
C THR A 701 30.02 1.72 34.76
N ALA A 702 30.62 0.77 35.47
CA ALA A 702 29.93 -0.40 35.99
C ALA A 702 29.82 -0.30 37.49
N THR A 703 28.60 -0.22 37.99
CA THR A 703 28.42 -0.05 39.42
C THR A 703 27.81 -1.30 40.00
N THR A 704 28.52 -1.91 40.94
CA THR A 704 28.03 -3.13 41.57
C THR A 704 27.88 -2.98 43.09
N LYS A 705 26.68 -3.28 43.55
CA LYS A 705 26.32 -3.06 44.95
C LYS A 705 25.61 -4.29 45.48
N LEU A 706 25.99 -4.69 46.69
CA LEU A 706 25.32 -5.77 47.41
C LEU A 706 24.52 -5.25 48.61
N TYR A 707 23.31 -5.81 48.75
CA TYR A 707 22.36 -5.46 49.81
C TYR A 707 21.87 -6.72 50.52
N ASN A 708 21.87 -6.68 51.84
CA ASN A 708 21.07 -7.60 52.64
C ASN A 708 19.60 -7.24 52.44
N LEU A 709 18.73 -8.19 52.75
CA LEU A 709 17.30 -8.05 52.55
C LEU A 709 16.62 -7.02 53.45
N ASP A 710 17.36 -6.47 54.40
CA ASP A 710 16.86 -5.43 55.28
C ASP A 710 17.15 -4.08 54.67
N GLY A 711 17.98 -4.10 53.61
CA GLY A 711 18.23 -2.90 52.82
C GLY A 711 19.61 -2.33 53.00
N THR A 712 20.36 -2.92 53.92
CA THR A 712 21.72 -2.49 54.22
C THR A 712 22.63 -2.79 53.04
N GLU A 713 23.32 -1.75 52.56
CA GLU A 713 24.38 -1.94 51.56
C GLU A 713 25.60 -2.52 52.23
N LYS A 714 26.10 -3.63 51.70
CA LYS A 714 27.23 -4.34 52.29
C LYS A 714 28.45 -4.32 51.38
N TYR A 715 28.30 -3.82 50.16
CA TYR A 715 29.42 -3.73 49.22
C TYR A 715 29.09 -2.75 48.11
N SER A 716 30.10 -1.98 47.73
CA SER A 716 29.95 -1.08 46.59
C SER A 716 31.25 -1.01 45.83
N ASN A 717 31.12 -1.01 44.50
CA ASN A 717 32.25 -0.84 43.60
C ASN A 717 31.83 -0.12 42.33
N THR A 718 32.62 0.87 41.94
CA THR A 718 32.37 1.66 40.75
C THR A 718 33.60 1.62 39.87
N LYS A 719 33.44 1.01 38.70
CA LYS A 719 34.49 0.94 37.70
C LYS A 719 34.13 1.84 36.51
N THR A 720 34.98 2.83 36.27
CA THR A 720 34.69 3.86 35.30
C THR A 720 35.61 3.71 34.10
N GLY A 721 35.25 4.38 33.01
CA GLY A 721 36.07 4.36 31.80
C GLY A 721 36.29 2.97 31.21
N LEU A 722 35.19 2.23 30.99
CA LEU A 722 35.29 0.90 30.38
C LEU A 722 35.04 0.96 28.88
N SER A 723 35.90 0.29 28.13
CA SER A 723 35.71 0.10 26.70
C SER A 723 35.29 -1.34 26.50
N VAL A 724 34.55 -1.61 25.45
CA VAL A 724 34.23 -2.98 25.08
C VAL A 724 33.86 -3.04 23.60
N GLY A 725 34.51 -3.96 22.90
CA GLY A 725 34.33 -4.12 21.46
C GLY A 725 32.91 -4.48 21.06
N ALA A 726 32.73 -4.58 19.75
CA ALA A 726 31.42 -4.82 19.16
C ALA A 726 31.09 -6.31 19.02
N LEU A 727 29.80 -6.60 18.90
CA LEU A 727 29.33 -7.90 18.40
C LEU A 727 29.65 -9.08 19.34
N GLY A 728 29.29 -8.92 20.61
CA GLY A 728 29.49 -9.96 21.58
C GLY A 728 30.74 -9.88 22.43
N ALA A 729 31.63 -8.93 22.17
CA ALA A 729 32.84 -8.82 22.99
C ALA A 729 32.46 -8.43 24.42
N LYS A 730 33.38 -8.66 25.35
CA LYS A 730 33.10 -8.42 26.76
C LYS A 730 34.19 -7.58 27.42
N ALA A 731 33.92 -7.15 28.66
CA ALA A 731 34.93 -6.57 29.53
C ALA A 731 34.57 -6.89 30.96
N THR A 732 35.60 -7.05 31.78
CA THR A 732 35.43 -7.34 33.18
C THR A 732 35.61 -6.09 34.04
N ALA A 733 34.60 -5.78 34.84
CA ALA A 733 34.59 -4.61 35.68
C ALA A 733 35.34 -4.96 36.94
N VAL A 734 34.84 -5.96 37.66
CA VAL A 734 35.41 -6.37 38.94
C VAL A 734 34.94 -7.80 39.25
N THR A 735 35.70 -8.48 40.12
CA THR A 735 35.29 -9.73 40.74
C THR A 735 34.82 -9.42 42.16
N VAL A 736 33.53 -9.60 42.42
CA VAL A 736 33.02 -9.35 43.75
C VAL A 736 33.73 -10.28 44.76
N PRO A 737 34.38 -9.71 45.80
CA PRO A 737 35.05 -10.53 46.78
C PRO A 737 34.03 -11.17 47.71
N ALA A 738 34.44 -12.16 48.51
CA ALA A 738 33.58 -12.67 49.57
C ALA A 738 33.41 -11.55 50.58
N VAL A 739 32.18 -11.39 51.06
CA VAL A 739 31.85 -10.28 51.95
C VAL A 739 31.30 -10.87 53.24
N SER A 740 31.82 -10.38 54.37
CA SER A 740 31.35 -10.87 55.65
C SER A 740 29.98 -10.27 55.93
N GLY A 741 29.11 -11.02 56.57
CA GLY A 741 27.85 -10.50 57.10
C GLY A 741 26.68 -10.34 56.16
N LEU A 742 26.72 -11.01 55.01
CA LEU A 742 25.58 -11.03 54.11
C LEU A 742 24.50 -11.94 54.66
N SER A 743 23.24 -11.50 54.58
CA SER A 743 22.10 -12.36 54.86
C SER A 743 22.10 -13.55 53.89
N THR A 744 21.63 -14.70 54.37
CA THR A 744 21.60 -15.98 53.64
C THR A 744 21.14 -15.81 52.19
N THR A 745 20.03 -15.09 52.02
CA THR A 745 19.60 -14.59 50.73
C THR A 745 19.88 -13.08 50.71
N TYR A 746 20.67 -12.65 49.71
CA TYR A 746 20.94 -11.23 49.48
C TYR A 746 20.76 -10.83 48.00
N LEU A 747 20.92 -9.53 47.74
CA LEU A 747 20.74 -8.95 46.41
C LEU A 747 22.02 -8.29 45.91
N ALA A 748 22.25 -8.44 44.61
CA ALA A 748 23.31 -7.71 43.91
C ALA A 748 22.68 -6.82 42.84
N LYS A 749 22.99 -5.53 42.92
CA LYS A 749 22.47 -4.53 42.00
C LYS A 749 23.60 -4.15 41.09
N ASN A 750 23.39 -4.42 39.79
CA ASN A 750 24.36 -4.19 38.74
C ASN A 750 23.80 -3.12 37.80
N VAL A 751 24.57 -2.05 37.63
CA VAL A 751 24.13 -0.90 36.86
C VAL A 751 25.23 -0.50 35.88
N LEU A 752 24.82 -0.28 34.63
CA LEU A 752 25.75 0.14 33.58
C LEU A 752 25.32 1.49 33.09
N THR A 753 26.23 2.44 33.09
CA THR A 753 25.93 3.78 32.62
C THR A 753 26.92 4.20 31.58
N ASP A 754 26.43 4.80 30.48
CA ASP A 754 27.29 5.30 29.39
C ASP A 754 27.88 6.69 29.69
N SER A 755 28.71 7.18 28.78
CA SER A 755 29.53 8.36 28.98
C SER A 755 28.73 9.62 29.28
N SER A 756 27.51 9.68 28.73
CA SER A 756 26.55 10.74 29.00
C SER A 756 25.78 10.57 30.33
N GLY A 757 26.05 9.47 31.03
CA GLY A 757 25.46 9.20 32.35
C GLY A 757 24.16 8.42 32.31
N LYS A 758 23.65 8.18 31.12
CA LYS A 758 22.44 7.39 30.93
C LYS A 758 22.62 5.98 31.50
N GLU A 759 21.65 5.53 32.30
CA GLU A 759 21.62 4.15 32.71
C GLU A 759 21.17 3.30 31.49
N VAL A 760 22.03 2.38 31.07
CA VAL A 760 21.80 1.62 29.83
C VAL A 760 21.45 0.13 30.12
N SER A 761 21.82 -0.34 31.31
CA SER A 761 21.50 -1.69 31.75
C SER A 761 21.44 -1.74 33.28
N ARG A 762 20.39 -2.36 33.78
CA ARG A 762 20.22 -2.58 35.21
C ARG A 762 19.93 -4.08 35.40
N ASN A 763 20.66 -4.71 36.33
CA ASN A 763 20.55 -6.15 36.53
C ASN A 763 20.63 -6.57 37.99
N VAL A 764 19.52 -7.11 38.49
CA VAL A 764 19.39 -7.41 39.92
C VAL A 764 19.26 -8.91 40.13
N TYR A 765 20.22 -9.45 40.89
CA TYR A 765 20.31 -10.88 41.16
C TYR A 765 19.97 -11.13 42.65
N TRP A 766 19.18 -12.16 42.86
CA TRP A 766 18.90 -12.64 44.20
C TRP A 766 19.79 -13.85 44.36
N LEU A 767 20.72 -13.75 45.32
CA LEU A 767 21.83 -14.68 45.44
C LEU A 767 21.81 -15.27 46.86
N SER A 768 22.63 -16.28 47.11
CA SER A 768 22.63 -16.96 48.40
C SER A 768 24.06 -17.16 48.91
N THR A 769 24.24 -17.11 50.23
CA THR A 769 25.56 -17.48 50.82
C THR A 769 25.81 -18.98 50.70
N LYS A 770 24.76 -19.74 50.34
CA LYS A 770 24.79 -21.18 50.19
C LYS A 770 24.75 -21.55 48.71
N ALA A 771 25.76 -22.26 48.25
CA ALA A 771 25.94 -22.53 46.84
C ALA A 771 25.01 -23.63 46.30
N ASP A 772 24.60 -23.46 45.04
CA ASP A 772 24.08 -24.58 44.25
C ASP A 772 25.32 -25.36 43.80
N THR A 773 25.33 -26.68 44.00
CA THR A 773 26.41 -27.51 43.47
C THR A 773 25.85 -28.78 42.85
N LEU A 774 26.57 -29.28 41.86
CA LEU A 774 26.06 -30.34 41.02
C LEU A 774 26.56 -31.70 41.44
N ASN A 775 25.66 -32.68 41.38
CA ASN A 775 26.08 -34.05 41.48
C ASN A 775 26.32 -34.54 40.06
N TRP A 776 27.49 -34.21 39.54
CA TRP A 776 27.83 -34.45 38.15
C TRP A 776 27.70 -35.91 37.71
N GLY A 777 28.10 -36.82 38.59
CA GLY A 777 28.10 -38.25 38.25
C GLY A 777 26.72 -38.86 38.18
N GLY A 778 25.73 -38.13 38.68
CA GLY A 778 24.33 -38.55 38.61
C GLY A 778 23.63 -38.05 37.36
N SER A 779 24.39 -37.44 36.44
CA SER A 779 23.84 -36.86 35.22
C SER A 779 23.15 -37.88 34.33
N ASP A 780 21.96 -37.53 33.86
CA ASP A 780 21.27 -38.25 32.82
C ASP A 780 21.45 -37.42 31.53
N TRP A 781 20.86 -37.87 30.42
CA TRP A 781 20.95 -37.11 29.17
C TRP A 781 20.17 -35.81 29.26
N TYR A 782 19.17 -35.76 30.14
CA TYR A 782 18.26 -34.60 30.25
C TYR A 782 18.45 -33.65 31.44
N TYR A 783 19.39 -33.95 32.35
CA TYR A 783 19.68 -33.06 33.49
C TYR A 783 20.87 -33.52 34.34
N THR A 784 21.35 -32.66 35.23
CA THR A 784 22.31 -33.05 36.24
C THR A 784 21.71 -32.73 37.61
N PRO A 785 21.67 -33.73 38.50
CA PRO A 785 21.05 -33.42 39.78
C PRO A 785 22.01 -32.66 40.64
N GLN A 786 21.48 -32.13 41.73
CA GLN A 786 22.25 -31.26 42.58
C GLN A 786 22.73 -31.98 43.83
N SER A 787 24.00 -31.81 44.15
CA SER A 787 24.51 -32.35 45.40
C SER A 787 24.08 -31.43 46.54
N ALA A 788 23.91 -30.15 46.21
CA ALA A 788 23.48 -29.13 47.18
C ALA A 788 22.75 -27.97 46.52
N PHE A 789 21.84 -27.36 47.27
CA PHE A 789 20.94 -26.31 46.79
C PHE A 789 21.20 -24.98 47.48
N ALA A 790 21.04 -23.91 46.70
CA ALA A 790 21.07 -22.56 47.23
C ALA A 790 19.84 -22.29 48.12
N ASP A 791 19.98 -21.32 49.01
CA ASP A 791 18.92 -20.92 49.90
C ASP A 791 18.55 -19.50 49.52
N LEU A 792 17.45 -19.38 48.80
CA LEU A 792 16.94 -18.09 48.35
C LEU A 792 15.64 -17.78 49.06
N SER A 793 15.23 -18.66 49.96
CA SER A 793 13.97 -18.53 50.69
C SER A 793 13.80 -17.22 51.48
N GLY A 794 14.88 -16.50 51.78
CA GLY A 794 14.78 -15.18 52.41
C GLY A 794 13.77 -14.23 51.75
N LEU A 795 13.60 -14.37 50.43
CA LEU A 795 12.61 -13.58 49.66
C LEU A 795 11.19 -13.72 50.21
N ASN A 796 10.93 -14.83 50.88
CA ASN A 796 9.66 -15.06 51.56
C ASN A 796 9.35 -13.98 52.59
N ASN A 797 10.39 -13.44 53.21
CA ASN A 797 10.23 -12.45 54.26
C ASN A 797 10.85 -11.09 53.95
N LEU A 798 11.23 -10.88 52.68
CA LEU A 798 11.60 -9.53 52.22
C LEU A 798 10.44 -8.57 52.56
N GLY A 799 10.75 -7.51 53.30
CA GLY A 799 9.73 -6.55 53.76
C GLY A 799 9.00 -5.85 52.62
N GLN A 800 7.76 -5.44 52.89
CA GLN A 800 6.97 -4.65 51.95
C GLN A 800 7.59 -3.27 51.64
N SER A 801 7.65 -2.97 50.34
CA SER A 801 8.05 -1.65 49.84
C SER A 801 6.80 -1.05 49.19
N ALA A 802 6.99 -0.12 48.26
CA ALA A 802 5.87 0.58 47.64
C ALA A 802 6.21 1.21 46.28
N VAL A 803 5.18 1.37 45.45
CA VAL A 803 5.28 1.94 44.10
C VAL A 803 3.83 2.43 43.73
N GLY A 804 3.63 3.65 43.22
CA GLY A 804 4.63 4.53 42.64
C GLY A 804 4.34 4.77 41.17
N ALA A 805 3.08 4.69 40.75
CA ALA A 805 2.82 4.56 39.30
C ALA A 805 1.92 5.56 38.60
N THR A 806 2.43 6.08 37.48
CA THR A 806 1.68 6.96 36.58
C THR A 806 1.76 6.45 35.13
N ALA A 807 0.69 6.62 34.35
CA ALA A 807 0.62 6.05 32.99
C ALA A 807 -0.19 6.85 31.99
N ASN A 808 0.27 6.87 30.74
CA ASN A 808 -0.42 7.59 29.66
C ASN A 808 -0.26 6.89 28.31
N SER A 809 -1.26 7.07 27.44
CA SER A 809 -1.27 6.36 26.16
C SER A 809 -1.49 7.29 25.01
N VAL A 810 -0.75 7.05 23.93
CA VAL A 810 -0.93 7.79 22.70
C VAL A 810 -1.31 6.80 21.61
N ALA A 811 -2.44 7.05 20.95
CA ALA A 811 -2.86 6.26 19.81
C ALA A 811 -2.16 6.82 18.57
N GLY A 812 -1.37 5.99 17.90
CA GLY A 812 -0.59 6.45 16.75
C GLY A 812 -1.35 6.28 15.46
N ALA A 813 -0.92 6.98 14.43
CA ALA A 813 -1.56 6.91 13.13
C ALA A 813 -1.20 5.63 12.41
N ASP A 814 -0.13 4.96 12.86
CA ASP A 814 0.28 3.68 12.26
C ASP A 814 -0.52 2.46 12.78
N GLY A 815 -1.63 2.72 13.48
CA GLY A 815 -2.45 1.66 14.09
C GLY A 815 -1.99 1.17 15.46
N THR A 816 -0.93 1.76 16.02
CA THR A 816 -0.43 1.29 17.32
C THR A 816 -0.61 2.30 18.43
N THR A 817 -0.74 1.82 19.66
CA THR A 817 -0.80 2.66 20.84
C THR A 817 0.49 2.45 21.63
N THR A 818 1.07 3.54 22.14
CA THR A 818 2.19 3.43 23.06
C THR A 818 1.76 3.89 24.43
N THR A 819 1.70 2.96 25.38
CA THR A 819 1.43 3.29 26.77
C THR A 819 2.76 3.51 27.48
N THR A 820 2.91 4.67 28.11
CA THR A 820 4.12 5.03 28.85
C THR A 820 3.78 4.93 30.33
N VAL A 821 4.69 4.33 31.12
CA VAL A 821 4.45 4.17 32.55
C VAL A 821 5.66 4.60 33.40
N THR A 822 5.40 5.49 34.35
CA THR A 822 6.45 5.95 35.24
C THR A 822 6.29 5.28 36.60
N LEU A 823 7.33 4.57 37.01
CA LEU A 823 7.34 3.84 38.25
C LEU A 823 8.35 4.48 39.19
N LYS A 824 7.92 4.69 40.43
CA LYS A 824 8.84 5.19 41.44
C LYS A 824 8.68 4.36 42.71
N ASN A 825 9.80 3.97 43.32
CA ASN A 825 9.76 3.42 44.67
C ASN A 825 9.47 4.57 45.66
N THR A 826 8.29 4.52 46.27
CA THR A 826 7.80 5.61 47.14
C THR A 826 7.86 5.31 48.64
N SER A 827 8.53 4.22 49.04
CA SER A 827 8.61 3.79 50.44
C SER A 827 9.44 4.72 51.32
N GLY A 828 9.08 4.77 52.60
CA GLY A 828 9.77 5.63 53.56
C GLY A 828 11.01 5.01 54.19
N GLY A 829 11.40 3.82 53.70
CA GLY A 829 12.49 3.05 54.26
C GLY A 829 13.67 2.78 53.33
N ARG A 830 14.22 1.58 53.43
CA ARG A 830 15.48 1.24 52.81
C ARG A 830 15.28 0.10 51.81
N LEU A 831 14.03 -0.37 51.71
CA LEU A 831 13.73 -1.60 50.97
C LEU A 831 13.50 -1.36 49.47
N PRO A 832 14.12 -2.18 48.62
CA PRO A 832 13.84 -2.04 47.20
C PRO A 832 12.43 -2.52 46.89
N ALA A 833 11.85 -1.97 45.82
CA ALA A 833 10.62 -2.55 45.25
C ALA A 833 11.16 -3.57 44.27
N PHE A 834 11.02 -4.83 44.64
CA PHE A 834 11.69 -5.91 43.95
C PHE A 834 10.80 -6.65 42.95
N TYR A 835 11.34 -6.83 41.74
CA TYR A 835 10.66 -7.58 40.68
C TYR A 835 9.23 -7.06 40.47
N VAL A 836 9.15 -5.89 39.84
CA VAL A 836 7.91 -5.18 39.60
C VAL A 836 7.48 -5.35 38.14
N ASP A 837 6.39 -6.08 37.95
CA ASP A 837 5.89 -6.47 36.63
C ASP A 837 4.71 -5.57 36.27
N SER A 838 4.81 -4.92 35.11
CA SER A 838 3.78 -4.02 34.60
C SER A 838 3.08 -4.69 33.44
N LYS A 839 1.76 -4.60 33.42
CA LYS A 839 0.96 -5.25 32.37
C LYS A 839 -0.12 -4.34 31.82
N VAL A 840 -0.06 -4.10 30.51
CA VAL A 840 -1.13 -3.41 29.82
C VAL A 840 -2.41 -4.28 29.83
N VAL A 841 -3.43 -3.82 30.55
CA VAL A 841 -4.68 -4.58 30.64
C VAL A 841 -5.85 -3.77 30.11
N ASP A 842 -6.94 -4.43 29.73
CA ASP A 842 -8.16 -3.72 29.37
C ASP A 842 -8.98 -3.41 30.65
N SER A 843 -10.22 -2.97 30.50
CA SER A 843 -11.04 -2.50 31.63
C SER A 843 -11.48 -3.64 32.54
N ALA A 844 -11.56 -4.86 32.00
CA ALA A 844 -11.79 -6.05 32.83
C ALA A 844 -10.50 -6.61 33.48
N GLY A 845 -9.33 -6.08 33.12
CA GLY A 845 -8.08 -6.55 33.69
C GLY A 845 -7.45 -7.72 32.95
N LYS A 846 -7.95 -8.00 31.75
CA LYS A 846 -7.42 -9.02 30.87
C LYS A 846 -6.27 -8.41 30.05
N PRO A 847 -5.11 -9.09 29.98
CA PRO A 847 -3.96 -8.53 29.26
C PRO A 847 -4.21 -8.28 27.78
N VAL A 848 -3.70 -7.14 27.33
CA VAL A 848 -3.64 -6.80 25.92
C VAL A 848 -2.38 -7.43 25.34
N LEU A 849 -2.58 -8.35 24.40
CA LEU A 849 -1.50 -9.11 23.79
C LEU A 849 -1.73 -9.18 22.29
N PRO A 850 -0.64 -9.24 21.48
CA PRO A 850 0.79 -9.17 21.85
C PRO A 850 1.20 -7.77 22.32
N VAL A 851 2.29 -7.69 23.08
CA VAL A 851 2.77 -6.40 23.57
C VAL A 851 4.29 -6.39 23.58
N GLU A 852 4.89 -5.23 23.30
CA GLU A 852 6.33 -5.07 23.40
C GLU A 852 6.74 -3.92 24.31
N TRP A 853 7.46 -4.27 25.37
CA TRP A 853 8.00 -3.36 26.32
C TRP A 853 9.46 -3.19 26.01
N ASN A 854 9.97 -1.98 26.24
CA ASN A 854 11.40 -1.70 26.21
C ASN A 854 12.15 -2.38 27.36
N ASP A 855 11.47 -2.55 28.49
CA ASP A 855 12.03 -3.13 29.71
C ASP A 855 10.82 -3.47 30.57
N ASN A 856 11.02 -4.31 31.59
CA ASN A 856 9.97 -4.68 32.53
C ASN A 856 10.56 -5.48 33.66
N ALA A 857 9.74 -5.96 34.58
CA ALA A 857 10.20 -6.79 35.68
C ALA A 857 11.38 -6.12 36.35
N VAL A 858 11.14 -4.87 36.75
CA VAL A 858 12.17 -3.97 37.25
C VAL A 858 12.31 -4.02 38.78
N SER A 859 13.46 -3.60 39.26
CA SER A 859 13.65 -3.38 40.69
C SER A 859 14.07 -1.94 40.87
N LEU A 860 13.49 -1.30 41.89
CA LEU A 860 13.80 0.11 42.14
C LEU A 860 14.10 0.32 43.62
N TRP A 861 15.17 1.05 43.91
CA TRP A 861 15.52 1.37 45.29
C TRP A 861 14.75 2.61 45.73
N PRO A 862 14.70 2.90 47.05
CA PRO A 862 13.87 4.03 47.49
C PRO A 862 14.23 5.31 46.77
N GLY A 863 13.21 6.02 46.30
CA GLY A 863 13.42 7.25 45.54
C GLY A 863 13.62 7.07 44.03
N GLU A 864 14.22 5.96 43.61
CA GLU A 864 14.55 5.71 42.22
C GLU A 864 13.34 5.71 41.29
N THR A 865 13.55 6.07 40.03
CA THR A 865 12.47 6.08 39.06
C THR A 865 12.83 5.41 37.73
N THR A 866 11.83 4.80 37.09
CA THR A 866 12.01 4.32 35.74
C THR A 866 10.78 4.63 34.91
N THR A 867 11.01 4.92 33.63
CA THR A 867 9.94 5.15 32.68
C THR A 867 9.92 4.00 31.68
N LEU A 868 8.76 3.35 31.58
CA LEU A 868 8.61 2.21 30.69
C LEU A 868 7.69 2.52 29.53
N THR A 869 7.95 1.86 28.41
CA THR A 869 7.17 2.05 27.18
C THR A 869 6.60 0.70 26.71
N ALA A 870 5.29 0.66 26.47
CA ALA A 870 4.66 -0.56 25.94
C ALA A 870 4.01 -0.25 24.61
N LYS A 871 4.20 -1.10 23.62
CA LYS A 871 3.53 -0.86 22.33
C LYS A 871 2.72 -2.07 21.88
N TYR A 872 1.54 -1.79 21.29
CA TYR A 872 0.57 -2.81 20.89
C TYR A 872 -0.41 -2.22 19.87
N ARG A 873 -1.05 -3.07 19.09
CA ARG A 873 -2.04 -2.61 18.15
C ARG A 873 -3.23 -2.03 18.92
N THR A 874 -3.60 -0.80 18.58
CA THR A 874 -4.78 -0.13 19.14
C THR A 874 -6.02 -1.05 19.09
N ALA A 875 -6.21 -1.78 17.98
CA ALA A 875 -7.35 -2.69 17.80
C ALA A 875 -7.45 -3.83 18.82
N ASP A 876 -6.32 -4.22 19.39
CA ASP A 876 -6.28 -5.31 20.37
C ASP A 876 -6.80 -4.89 21.75
N LEU A 877 -6.98 -3.59 21.95
CA LEU A 877 -7.76 -3.06 23.08
C LEU A 877 -9.22 -3.46 22.98
N LYS A 878 -9.66 -3.72 21.75
CA LYS A 878 -11.07 -4.06 21.43
C LYS A 878 -12.09 -3.04 21.95
N GLY A 879 -11.72 -1.76 21.87
CA GLY A 879 -12.56 -0.66 22.29
C GLY A 879 -12.41 -0.20 23.74
N SER A 880 -11.64 -0.93 24.53
CA SER A 880 -11.47 -0.54 25.92
C SER A 880 -10.38 0.53 26.05
N LYS A 881 -10.49 1.38 27.06
CA LYS A 881 -9.40 2.28 27.39
C LYS A 881 -8.32 1.42 28.03
N PRO A 882 -7.05 1.77 27.83
CA PRO A 882 -5.98 0.98 28.45
C PRO A 882 -5.76 1.32 29.92
N SER A 883 -5.47 0.29 30.72
CA SER A 883 -4.92 0.48 32.06
C SER A 883 -3.61 -0.31 32.22
N VAL A 884 -2.90 -0.06 33.31
CA VAL A 884 -1.68 -0.82 33.60
C VAL A 884 -1.78 -1.47 34.98
N ARG A 885 -1.66 -2.79 35.00
CA ARG A 885 -1.60 -3.56 36.23
C ARG A 885 -0.15 -3.75 36.68
N ILE A 886 0.11 -3.32 37.92
CA ILE A 886 1.45 -3.31 38.48
C ILE A 886 1.49 -4.15 39.72
N SER A 887 2.28 -5.23 39.66
CA SER A 887 2.44 -6.16 40.75
C SER A 887 3.92 -6.35 40.98
N GLY A 888 4.30 -6.50 42.24
CA GLY A 888 5.71 -6.66 42.57
C GLY A 888 5.81 -7.75 43.60
N TRP A 889 6.99 -8.38 43.65
CA TRP A 889 7.23 -9.36 44.68
C TRP A 889 6.83 -8.86 46.08
N ASN A 890 7.28 -7.64 46.41
CA ASN A 890 7.08 -7.08 47.75
C ASN A 890 6.33 -5.74 47.77
N THR A 891 5.50 -5.51 46.75
CA THR A 891 4.77 -4.25 46.63
C THR A 891 3.30 -4.45 46.30
N GLY A 892 2.86 -5.69 46.20
CA GLY A 892 1.45 -5.95 45.94
C GLY A 892 1.01 -5.58 44.54
N THR A 893 -0.29 -5.54 44.33
CA THR A 893 -0.87 -5.32 43.00
C THR A 893 -1.79 -4.12 43.00
N GLN A 894 -1.62 -3.26 41.99
CA GLN A 894 -2.51 -2.14 41.75
C GLN A 894 -2.73 -2.00 40.23
N THR A 895 -3.87 -1.43 39.83
CA THR A 895 -4.04 -1.00 38.43
C THR A 895 -4.36 0.49 38.28
N VAL A 896 -3.60 1.15 37.41
CA VAL A 896 -3.74 2.57 37.17
C VAL A 896 -4.31 2.79 35.78
N PRO A 897 -5.17 3.82 35.62
CA PRO A 897 -5.68 4.13 34.29
C PRO A 897 -4.51 4.62 33.44
N ALA A 898 -4.64 4.53 32.12
CA ALA A 898 -3.59 5.03 31.24
C ALA A 898 -4.11 5.76 30.00
N ASP A 899 -5.42 5.97 29.94
N ALA B 48 5.67 30.80 16.56
CA ALA B 48 4.71 31.70 15.85
C ALA B 48 3.50 30.93 15.25
N GLY B 49 3.75 29.69 14.79
CA GLY B 49 2.78 28.91 14.03
C GLY B 49 2.99 29.06 12.53
N ASN B 50 4.02 28.40 12.00
CA ASN B 50 4.46 28.55 10.61
C ASN B 50 4.23 27.27 9.79
N ALA B 51 4.36 27.40 8.47
CA ALA B 51 4.22 26.29 7.52
C ALA B 51 4.94 26.70 6.25
N THR B 52 6.08 26.08 5.98
CA THR B 52 6.92 26.43 4.84
C THR B 52 7.06 25.19 3.98
N PRO B 53 6.61 25.26 2.72
CA PRO B 53 6.86 24.12 1.83
C PRO B 53 8.35 23.94 1.56
N ILE B 54 8.77 22.71 1.32
CA ILE B 54 10.14 22.42 0.91
C ILE B 54 10.25 22.79 -0.57
N PRO B 55 11.16 23.73 -0.90
CA PRO B 55 11.16 24.29 -2.25
C PRO B 55 11.66 23.33 -3.31
N GLY B 56 12.49 22.39 -2.92
CA GLY B 56 13.11 21.48 -3.87
C GLY B 56 13.89 20.35 -3.22
N TYR B 57 14.32 19.40 -4.05
CA TYR B 57 15.02 18.20 -3.59
C TYR B 57 16.14 17.86 -4.57
N VAL B 58 17.14 17.10 -4.11
CA VAL B 58 17.95 16.34 -5.07
C VAL B 58 17.48 14.89 -5.08
N ILE B 59 17.50 14.26 -6.23
CA ILE B 59 17.02 12.87 -6.26
C ILE B 59 18.03 11.96 -6.92
N GLN B 60 17.92 10.68 -6.57
CA GLN B 60 18.67 9.62 -7.23
C GLN B 60 17.97 8.27 -7.01
N SER B 61 18.16 7.34 -7.95
CA SER B 61 17.75 5.96 -7.76
C SER B 61 18.41 5.38 -6.51
N SER B 62 17.71 4.45 -5.82
CA SER B 62 18.24 3.76 -4.65
C SER B 62 19.41 2.83 -5.02
N ALA B 63 19.63 2.70 -6.33
CA ALA B 63 20.83 2.05 -6.88
C ALA B 63 22.12 2.75 -6.46
N GLN B 64 22.04 4.04 -6.12
CA GLN B 64 23.20 4.79 -5.61
C GLN B 64 23.22 4.90 -4.08
N VAL B 65 22.38 4.07 -3.43
CA VAL B 65 22.30 3.99 -1.97
C VAL B 65 22.56 2.58 -1.45
N SER B 66 23.62 2.43 -0.66
CA SER B 66 23.96 1.14 -0.08
C SER B 66 23.49 1.05 1.37
N ASP B 67 23.23 2.19 2.00
CA ASP B 67 22.76 2.22 3.40
C ASP B 67 21.60 3.21 3.54
N ASP B 68 20.37 2.70 3.71
CA ASP B 68 19.18 3.57 3.87
C ASP B 68 19.43 4.73 4.88
N SER B 69 19.90 4.41 6.08
CA SER B 69 20.06 5.41 7.15
C SER B 69 20.92 6.62 6.77
N ALA B 70 21.80 6.47 5.79
CA ALA B 70 22.81 7.50 5.50
C ALA B 70 22.25 8.71 4.77
N VAL B 71 21.25 8.49 3.93
CA VAL B 71 20.76 9.54 3.02
C VAL B 71 20.26 10.77 3.77
N SER B 72 19.71 10.56 4.96
CA SER B 72 19.10 11.65 5.71
C SER B 72 20.05 12.20 6.75
N LYS B 73 21.29 11.72 6.75
CA LYS B 73 22.28 12.20 7.70
C LYS B 73 22.95 13.43 7.14
N PRO B 74 23.00 14.54 7.92
CA PRO B 74 23.64 15.76 7.44
C PRO B 74 25.09 15.50 7.04
N GLY B 75 25.47 15.97 5.86
CA GLY B 75 26.78 15.69 5.28
C GLY B 75 26.76 14.59 4.22
N PHE B 76 25.65 13.85 4.10
CA PHE B 76 25.51 12.86 3.03
C PHE B 76 25.88 13.50 1.68
N PRO B 77 26.95 13.00 1.02
CA PRO B 77 27.35 13.51 -0.31
C PRO B 77 26.31 13.15 -1.37
N THR B 78 26.03 14.08 -2.27
CA THR B 78 24.95 13.92 -3.25
C THR B 78 25.41 14.26 -4.67
N SER B 79 26.70 14.11 -4.91
CA SER B 79 27.26 14.36 -6.23
C SER B 79 26.56 13.50 -7.29
N GLY B 80 26.21 14.09 -8.43
CA GLY B 80 25.47 13.40 -9.48
C GLY B 80 23.97 13.28 -9.24
N TRP B 81 23.49 13.78 -8.11
CA TRP B 81 22.05 13.76 -7.84
C TRP B 81 21.35 14.88 -8.62
N TYR B 82 20.09 14.65 -8.95
CA TYR B 82 19.33 15.54 -9.83
C TYR B 82 18.51 16.53 -9.03
N PRO B 83 18.85 17.84 -9.10
CA PRO B 83 18.02 18.80 -8.39
C PRO B 83 16.66 18.89 -9.07
N VAL B 84 15.59 18.91 -8.27
CA VAL B 84 14.22 19.00 -8.77
C VAL B 84 13.40 20.01 -7.96
N SER B 85 12.41 20.63 -8.60
CA SER B 85 11.46 21.46 -7.86
C SER B 85 10.51 20.58 -7.08
N SER B 86 9.81 21.21 -6.16
CA SER B 86 8.72 20.59 -5.45
C SER B 86 7.70 20.01 -6.44
N ARG B 87 6.95 19.03 -5.98
CA ARG B 87 5.85 18.46 -6.74
C ARG B 87 6.27 17.69 -7.99
N SER B 88 7.51 17.17 -7.99
CA SER B 88 8.07 16.37 -9.10
C SER B 88 7.89 14.86 -8.99
N THR B 89 7.36 14.26 -10.07
CA THR B 89 7.57 12.84 -10.34
C THR B 89 9.04 12.71 -10.73
N VAL B 90 9.58 11.51 -10.59
CA VAL B 90 10.99 11.25 -10.88
C VAL B 90 11.25 11.59 -12.33
N TYR B 91 10.37 11.14 -13.21
CA TYR B 91 10.52 11.40 -14.64
C TYR B 91 10.43 12.88 -14.99
N ALA B 92 9.49 13.59 -14.36
CA ALA B 92 9.43 15.04 -14.52
C ALA B 92 10.75 15.72 -14.11
N GLY B 93 11.31 15.31 -12.96
CA GLY B 93 12.56 15.88 -12.48
C GLY B 93 13.75 15.58 -13.38
N LEU B 94 13.71 14.41 -14.04
CA LEU B 94 14.74 14.06 -15.01
C LEU B 94 14.60 14.91 -16.27
N LEU B 95 13.36 15.30 -16.57
CA LEU B 95 13.09 16.21 -17.69
C LEU B 95 13.45 17.65 -17.35
N GLN B 96 13.40 18.00 -16.06
CA GLN B 96 13.90 19.29 -15.59
C GLN B 96 15.39 19.39 -15.85
N ASN B 97 16.05 18.23 -15.84
CA ASN B 97 17.49 18.15 -15.93
C ASN B 97 18.04 17.82 -17.32
N GLY B 98 17.20 17.90 -18.34
CA GLY B 98 17.65 17.76 -19.73
C GLY B 98 18.10 16.36 -20.06
N LYS B 99 17.56 15.39 -19.32
CA LYS B 99 17.94 13.99 -19.47
C LYS B 99 17.35 13.22 -20.65
N TYR B 100 16.15 13.57 -21.09
CA TYR B 100 15.49 12.83 -22.19
C TYR B 100 14.81 13.73 -23.22
N ALA B 101 14.59 13.20 -24.41
CA ALA B 101 13.94 13.96 -25.48
C ALA B 101 12.47 14.27 -25.12
N ASP B 102 11.82 15.09 -25.92
CA ASP B 102 10.49 15.58 -25.59
C ASP B 102 9.40 14.51 -25.75
N PRO B 103 8.86 14.01 -24.61
CA PRO B 103 7.84 12.95 -24.63
C PRO B 103 6.58 13.35 -25.43
N PHE B 104 6.34 14.64 -25.61
CA PHE B 104 5.21 15.13 -26.40
C PHE B 104 5.44 14.95 -27.91
N TYR B 105 6.68 14.63 -28.30
CA TYR B 105 6.99 14.42 -29.72
C TYR B 105 7.23 12.97 -30.11
N SER B 106 6.44 12.50 -31.07
CA SER B 106 6.65 11.22 -31.75
C SER B 106 6.64 10.08 -30.74
N THR B 107 7.64 9.20 -30.79
CA THR B 107 7.75 8.08 -29.86
C THR B 107 8.87 8.25 -28.81
N ASN B 108 9.36 9.48 -28.65
CA ASN B 108 10.38 9.79 -27.64
C ASN B 108 10.14 9.13 -26.28
N MET B 109 8.90 9.16 -25.80
CA MET B 109 8.58 8.54 -24.49
C MET B 109 8.87 7.03 -24.47
N GLN B 110 8.63 6.35 -25.59
CA GLN B 110 8.96 4.92 -25.74
C GLN B 110 10.44 4.61 -25.55
N ASN B 111 11.31 5.59 -25.80
CA ASN B 111 12.77 5.35 -25.73
C ASN B 111 13.40 5.53 -24.33
N VAL B 112 12.58 5.83 -23.31
CA VAL B 112 13.09 5.94 -21.94
C VAL B 112 13.19 4.56 -21.30
N PRO B 113 14.40 4.20 -20.82
CA PRO B 113 14.53 2.92 -20.12
C PRO B 113 13.62 2.88 -18.89
N ALA B 114 12.78 1.85 -18.83
CA ALA B 114 11.80 1.67 -17.75
C ALA B 114 12.42 1.06 -16.50
N ALA B 115 13.41 0.20 -16.70
CA ALA B 115 13.99 -0.59 -15.62
C ALA B 115 14.44 0.26 -14.42
N GLN B 116 15.00 1.43 -14.69
CA GLN B 116 15.50 2.29 -13.61
C GLN B 116 14.42 2.74 -12.61
N PHE B 117 13.15 2.65 -13.04
CA PHE B 117 12.00 3.09 -12.23
C PHE B 117 11.28 1.92 -11.54
N SER B 118 11.90 0.74 -11.63
CA SER B 118 11.43 -0.45 -10.96
C SER B 118 12.00 -0.55 -9.52
N VAL B 119 12.88 0.37 -9.14
CA VAL B 119 13.37 0.41 -7.75
C VAL B 119 12.95 1.73 -7.12
N PRO B 120 12.95 1.83 -5.77
CA PRO B 120 12.72 3.13 -5.15
C PRO B 120 13.68 4.18 -5.65
N TRP B 121 13.25 5.44 -5.53
CA TRP B 121 14.13 6.59 -5.69
C TRP B 121 14.07 7.43 -4.44
N TRP B 122 15.18 8.08 -4.12
CA TRP B 122 15.28 8.91 -2.92
C TRP B 122 15.06 10.36 -3.26
N TYR B 123 14.29 11.05 -2.42
CA TYR B 123 14.13 12.50 -2.45
C TYR B 123 14.78 13.06 -1.21
N ARG B 124 15.72 13.98 -1.41
CA ARG B 124 16.55 14.48 -0.33
C ARG B 124 16.61 15.98 -0.25
N THR B 125 16.64 16.51 0.97
CA THR B 125 16.75 17.95 1.18
C THR B 125 17.35 18.21 2.56
N ASP B 126 18.05 19.33 2.69
CA ASP B 126 18.40 19.85 4.00
C ASP B 126 17.30 20.78 4.47
N LEU B 127 17.22 20.95 5.78
CA LEU B 127 16.42 21.97 6.44
C LEU B 127 17.30 22.73 7.40
N ASN B 128 17.22 24.05 7.37
CA ASN B 128 17.82 24.86 8.41
C ASN B 128 16.80 25.12 9.50
N VAL B 129 17.21 24.88 10.75
CA VAL B 129 16.37 25.15 11.89
C VAL B 129 17.11 26.11 12.83
N ASP B 130 16.46 27.19 13.22
CA ASP B 130 17.09 28.24 14.03
C ASP B 130 17.20 27.90 15.51
N ASP B 131 16.28 27.08 16.00
CA ASP B 131 16.37 26.51 17.34
C ASP B 131 15.35 25.40 17.55
N THR B 132 15.52 24.65 18.63
CA THR B 132 14.64 23.54 18.95
C THR B 132 13.66 23.85 20.08
N SER B 133 13.28 25.11 20.26
CA SER B 133 12.29 25.46 21.27
C SER B 133 10.89 25.15 20.75
N SER B 134 10.70 25.34 19.44
CA SER B 134 9.46 24.96 18.75
C SER B 134 9.49 23.50 18.27
N ARG B 135 8.37 22.81 18.44
CA ARG B 135 8.22 21.49 17.86
C ARG B 135 8.31 21.57 16.33
N THR B 136 8.65 20.45 15.70
CA THR B 136 8.79 20.41 14.25
C THR B 136 7.98 19.27 13.65
N TYR B 137 7.37 19.52 12.50
CA TYR B 137 6.48 18.54 11.88
C TYR B 137 6.68 18.48 10.38
N LEU B 138 6.58 17.29 9.80
CA LEU B 138 6.40 17.15 8.34
C LEU B 138 4.93 16.91 8.10
N ASP B 139 4.34 17.69 7.20
CA ASP B 139 2.91 17.58 6.89
C ASP B 139 2.84 17.53 5.38
N PHE B 140 2.25 16.46 4.84
CA PHE B 140 2.33 16.25 3.41
C PHE B 140 1.40 15.16 2.91
N SER B 141 1.08 15.24 1.61
CA SER B 141 0.49 14.15 0.85
C SER B 141 1.13 14.07 -0.53
N GLY B 142 0.53 13.28 -1.42
CA GLY B 142 0.90 13.23 -2.82
C GLY B 142 2.12 12.35 -3.02
N VAL B 143 2.32 11.40 -2.13
CA VAL B 143 3.38 10.43 -2.37
C VAL B 143 2.90 9.18 -3.07
N LEU B 144 3.53 8.95 -4.24
CA LEU B 144 3.25 7.81 -5.11
C LEU B 144 4.50 6.93 -5.17
N SER B 145 4.37 5.68 -4.73
CA SER B 145 3.10 5.09 -4.26
C SER B 145 3.05 5.05 -2.73
N LYS B 146 4.24 5.15 -2.13
CA LYS B 146 4.44 5.00 -0.68
C LYS B 146 5.89 5.32 -0.36
N ALA B 147 6.19 5.60 0.92
CA ALA B 147 7.55 5.99 1.32
C ALA B 147 7.96 5.73 2.78
N ASP B 148 9.23 5.36 2.95
CA ASP B 148 9.88 5.48 4.27
C ASP B 148 10.35 6.90 4.35
N VAL B 149 10.21 7.48 5.53
CA VAL B 149 10.55 8.86 5.76
C VAL B 149 11.64 8.88 6.79
N TRP B 150 12.74 9.53 6.47
CA TRP B 150 13.88 9.57 7.36
C TRP B 150 14.23 10.99 7.70
N VAL B 151 14.74 11.21 8.93
CA VAL B 151 15.27 12.52 9.38
C VAL B 151 16.53 12.29 10.21
N ASN B 152 17.64 12.87 9.81
CA ASN B 152 18.89 12.77 10.57
C ASN B 152 19.34 11.34 10.87
N GLY B 153 19.05 10.44 9.94
CA GLY B 153 19.42 9.03 10.08
C GLY B 153 18.43 8.14 10.80
N THR B 154 17.25 8.67 11.12
CA THR B 154 16.22 7.89 11.81
C THR B 154 15.01 7.69 10.89
N LYS B 155 14.46 6.47 10.88
CA LYS B 155 13.23 6.21 10.13
C LYS B 155 11.98 6.54 10.96
N VAL B 156 11.48 7.76 10.77
CA VAL B 156 10.31 8.26 11.49
C VAL B 156 8.99 7.67 10.98
N ALA B 157 8.99 7.06 9.80
CA ALA B 157 7.80 6.37 9.32
C ALA B 157 8.10 5.38 8.20
N THR B 158 7.29 4.33 8.09
CA THR B 158 7.49 3.33 7.05
C THR B 158 6.49 3.49 5.91
N LYS B 159 6.77 2.81 4.82
CA LYS B 159 5.91 2.71 3.67
C LYS B 159 4.57 2.04 3.97
N ASP B 160 4.43 1.44 5.15
CA ASP B 160 3.15 0.80 5.52
C ASP B 160 2.15 1.82 6.02
N GLN B 161 2.69 2.91 6.60
CA GLN B 161 1.95 4.08 7.03
C GLN B 161 1.83 5.11 5.90
N VAL B 162 2.97 5.66 5.48
CA VAL B 162 3.01 6.65 4.39
C VAL B 162 2.77 5.93 3.07
N ASN B 163 1.49 5.75 2.76
CA ASN B 163 1.09 4.85 1.69
C ASN B 163 -0.20 5.38 1.07
N GLY B 164 -0.19 5.56 -0.26
CA GLY B 164 -1.36 6.08 -0.99
C GLY B 164 -1.19 7.54 -1.35
N ALA B 165 -1.50 7.90 -2.59
CA ALA B 165 -1.29 9.26 -3.12
C ALA B 165 -2.05 10.34 -2.35
N TYR B 166 -3.20 9.98 -1.78
CA TYR B 166 -4.02 11.00 -1.12
C TYR B 166 -3.93 11.01 0.44
N THR B 167 -3.15 10.11 1.00
CA THR B 167 -3.08 10.05 2.47
C THR B 167 -2.29 11.22 3.03
N ARG B 168 -2.90 11.95 3.95
CA ARG B 168 -2.19 13.06 4.60
C ARG B 168 -1.36 12.56 5.77
N HIS B 169 -0.16 13.11 5.96
CA HIS B 169 0.71 12.70 7.06
C HIS B 169 1.24 13.89 7.84
N ASP B 170 1.22 13.75 9.16
CA ASP B 170 1.52 14.84 10.07
C ASP B 170 2.48 14.21 11.06
N LEU B 171 3.76 14.29 10.74
CA LEU B 171 4.77 13.55 11.49
C LEU B 171 5.53 14.47 12.44
N ASP B 172 5.43 14.18 13.73
CA ASP B 172 6.19 14.93 14.74
C ASP B 172 7.64 14.50 14.70
N ILE B 173 8.49 15.35 14.16
CA ILE B 173 9.91 15.03 14.08
C ILE B 173 10.76 15.79 15.11
N THR B 174 10.11 16.33 16.13
CA THR B 174 10.79 17.14 17.16
C THR B 174 11.98 16.37 17.77
N ALA B 175 11.74 15.12 18.15
CA ALA B 175 12.77 14.25 18.72
C ALA B 175 14.01 14.07 17.84
N GLN B 176 13.88 14.29 16.53
CA GLN B 176 15.02 14.09 15.60
C GLN B 176 15.75 15.38 15.30
N VAL B 177 15.08 16.49 15.50
CA VAL B 177 15.58 17.78 15.06
C VAL B 177 16.52 18.41 16.09
N HIS B 178 17.63 18.94 15.59
CA HIS B 178 18.62 19.67 16.38
C HIS B 178 18.81 21.09 15.82
N THR B 179 19.47 21.96 16.60
CA THR B 179 19.84 23.30 16.13
C THR B 179 20.71 23.20 14.85
N GLY B 180 20.36 23.98 13.82
CA GLY B 180 21.17 24.08 12.61
C GLY B 180 20.72 23.27 11.37
N VAL B 181 21.69 22.63 10.72
CA VAL B 181 21.48 21.89 9.48
C VAL B 181 20.85 20.53 9.76
N ASN B 182 19.63 20.32 9.29
CA ASN B 182 19.02 19.00 9.37
C ASN B 182 18.83 18.42 7.99
N SER B 183 18.58 17.13 7.89
CA SER B 183 18.35 16.53 6.59
C SER B 183 17.13 15.62 6.60
N VAL B 184 16.35 15.69 5.54
CA VAL B 184 15.20 14.81 5.40
C VAL B 184 15.32 14.03 4.09
N ALA B 185 14.91 12.77 4.12
CA ALA B 185 14.94 11.93 2.94
C ALA B 185 13.75 11.02 2.91
N PHE B 186 13.10 10.97 1.74
CA PHE B 186 12.00 10.07 1.46
C PHE B 186 12.50 8.99 0.53
N LYS B 187 12.18 7.75 0.87
CA LYS B 187 12.48 6.65 -0.03
C LYS B 187 11.19 6.31 -0.73
N VAL B 188 11.10 6.74 -1.97
CA VAL B 188 9.85 6.60 -2.68
C VAL B 188 9.82 5.33 -3.51
N TYR B 189 8.84 4.50 -3.20
CA TYR B 189 8.59 3.18 -3.82
C TYR B 189 7.87 3.30 -5.15
N PRO B 190 8.18 2.39 -6.09
CA PRO B 190 7.55 2.36 -7.41
C PRO B 190 6.02 2.40 -7.35
N ASN B 191 5.40 2.93 -8.40
CA ASN B 191 3.96 3.05 -8.43
C ASN B 191 3.36 2.07 -9.43
N ASP B 192 2.35 1.33 -8.97
CA ASP B 192 1.58 0.47 -9.86
C ASP B 192 0.13 0.86 -9.58
N PRO B 193 -0.51 1.53 -10.55
CA PRO B 193 -1.85 2.03 -10.34
C PRO B 193 -2.91 0.92 -10.18
N ASN B 194 -2.53 -0.31 -10.54
CA ASN B 194 -3.41 -1.46 -10.33
C ASN B 194 -3.35 -2.06 -8.94
N ARG B 195 -2.24 -1.83 -8.24
CA ARG B 195 -1.97 -2.41 -6.94
C ARG B 195 -2.02 -1.32 -5.89
N ASP B 196 -1.72 -0.09 -6.28
CA ASP B 196 -1.58 1.00 -5.32
C ASP B 196 -2.78 1.96 -5.36
N LEU B 197 -3.22 2.38 -4.18
CA LEU B 197 -4.27 3.40 -4.11
C LEU B 197 -3.64 4.76 -4.42
N SER B 198 -3.65 5.08 -5.71
CA SER B 198 -2.73 6.03 -6.32
C SER B 198 -3.38 6.71 -7.52
N MET B 199 -2.64 6.90 -8.61
CA MET B 199 -3.15 7.50 -9.83
C MET B 199 -2.61 6.73 -11.03
N GLY B 200 -3.49 6.47 -12.00
CA GLY B 200 -3.10 5.83 -13.25
C GLY B 200 -3.87 6.40 -14.42
N TRP B 201 -3.42 6.11 -15.63
CA TRP B 201 -3.94 6.83 -16.78
C TRP B 201 -4.97 6.05 -17.58
N ILE B 202 -5.52 5.01 -16.96
CA ILE B 202 -6.65 4.31 -17.56
C ILE B 202 -6.30 4.13 -19.05
N ASP B 203 -7.07 4.72 -19.96
CA ASP B 203 -6.73 4.65 -21.39
C ASP B 203 -6.60 6.01 -22.08
N TRP B 204 -6.25 7.05 -21.31
CA TRP B 204 -6.30 8.45 -21.79
C TRP B 204 -5.18 8.78 -22.76
N ALA B 205 -4.05 8.12 -22.55
CA ALA B 205 -2.81 8.48 -23.19
C ALA B 205 -1.95 7.23 -23.35
N GLN B 206 -0.76 7.26 -22.75
CA GLN B 206 0.23 6.19 -22.77
C GLN B 206 0.98 6.28 -21.43
N THR B 207 1.54 5.17 -20.98
CA THR B 207 2.04 5.07 -19.61
C THR B 207 3.34 5.86 -19.43
N PRO B 208 3.34 6.79 -18.48
CA PRO B 208 4.55 7.49 -18.10
C PRO B 208 5.63 6.48 -17.73
N PRO B 209 6.86 6.64 -18.26
CA PRO B 209 7.94 5.69 -17.99
C PRO B 209 8.16 5.35 -16.51
N ASP B 210 7.95 6.30 -15.60
CA ASP B 210 8.20 6.07 -14.17
C ASP B 210 6.90 5.79 -13.42
N GLN B 211 5.81 5.66 -14.18
CA GLN B 211 4.45 5.61 -13.63
C GLN B 211 4.21 6.62 -12.49
N ASN B 212 4.67 7.85 -12.72
CA ASN B 212 4.41 8.97 -11.80
C ASN B 212 4.97 8.80 -10.38
N MET B 213 5.94 7.91 -10.17
CA MET B 213 6.53 7.77 -8.83
C MET B 213 7.17 9.10 -8.36
N GLY B 214 6.95 9.45 -7.12
CA GLY B 214 7.56 10.67 -6.61
C GLY B 214 6.63 11.31 -5.61
N ILE B 215 6.72 12.63 -5.49
CA ILE B 215 5.96 13.37 -4.46
C ILE B 215 5.35 14.55 -5.18
N VAL B 216 4.04 14.49 -5.44
CA VAL B 216 3.42 15.38 -6.43
C VAL B 216 2.70 16.59 -5.81
N ARG B 217 2.77 16.70 -4.48
CA ARG B 217 2.27 17.85 -3.72
C ARG B 217 3.36 18.31 -2.76
N ASP B 218 3.15 19.43 -2.09
CA ASP B 218 4.18 19.96 -1.19
C ASP B 218 4.34 19.16 0.10
N VAL B 219 5.56 19.16 0.62
CA VAL B 219 5.87 18.70 1.98
C VAL B 219 6.06 19.97 2.77
N LEU B 220 5.31 20.10 3.86
CA LEU B 220 5.39 21.31 4.66
C LEU B 220 6.26 21.04 5.86
N VAL B 221 7.13 21.97 6.18
CA VAL B 221 7.81 21.91 7.47
C VAL B 221 7.00 22.81 8.37
N ARG B 222 6.41 22.23 9.41
CA ARG B 222 5.65 23.02 10.34
C ARG B 222 6.46 23.25 11.62
N ARG B 223 6.36 24.47 12.16
CA ARG B 223 6.88 24.81 13.48
C ARG B 223 5.73 25.40 14.27
N SER B 224 5.56 24.90 15.49
CA SER B 224 4.56 25.39 16.42
C SER B 224 5.12 25.19 17.84
N GLY B 225 4.40 25.66 18.86
CA GLY B 225 4.82 25.50 20.26
C GLY B 225 4.32 24.21 20.85
N ALA B 226 4.01 24.25 22.15
CA ALA B 226 3.45 23.06 22.83
C ALA B 226 2.20 22.49 22.15
N VAL B 227 1.33 23.38 21.67
CA VAL B 227 0.05 22.99 21.04
C VAL B 227 0.09 23.11 19.51
N ALA B 228 -0.39 22.06 18.83
CA ALA B 228 -0.49 22.08 17.38
C ALA B 228 -1.92 22.39 16.97
N LEU B 229 -2.09 23.26 15.99
CA LEU B 229 -3.42 23.58 15.52
C LEU B 229 -3.68 22.82 14.23
N ARG B 230 -4.81 22.15 14.14
CA ARG B 230 -5.04 21.36 12.94
C ARG B 230 -6.52 21.27 12.52
N SER B 231 -6.73 21.01 11.21
CA SER B 231 -8.06 20.73 10.65
C SER B 231 -9.12 21.77 11.03
N ALA B 232 -8.79 23.04 10.84
CA ALA B 232 -9.72 24.12 11.08
C ALA B 232 -10.61 24.27 9.86
N HIS B 233 -11.92 24.41 10.07
CA HIS B 233 -12.86 24.59 8.97
C HIS B 233 -14.16 25.23 9.42
N VAL B 234 -14.99 25.58 8.45
CA VAL B 234 -16.24 26.21 8.78
C VAL B 234 -17.39 25.43 8.15
N ILE B 235 -18.25 24.89 9.02
CA ILE B 235 -19.54 24.42 8.56
C ILE B 235 -20.36 25.67 8.23
N GLN B 236 -20.90 25.66 7.02
CA GLN B 236 -21.52 26.83 6.48
C GLN B 236 -22.90 26.43 6.00
N LYS B 237 -23.92 27.08 6.55
CA LYS B 237 -25.31 26.81 6.21
C LYS B 237 -26.03 28.09 5.79
N LEU B 238 -26.59 28.07 4.59
CA LEU B 238 -27.29 29.21 4.04
C LEU B 238 -28.79 28.93 4.03
N ASN B 239 -29.61 29.94 4.37
CA ASN B 239 -31.06 29.75 4.30
C ASN B 239 -31.53 29.84 2.83
N SER B 240 -32.72 29.35 2.52
CA SER B 240 -33.18 29.32 1.11
C SER B 240 -33.42 30.72 0.49
N ALA B 241 -33.70 31.70 1.35
CA ALA B 241 -33.79 33.10 0.90
C ALA B 241 -32.44 33.65 0.45
N LEU B 242 -31.36 33.04 0.95
CA LEU B 242 -29.96 33.38 0.64
C LEU B 242 -29.53 34.67 1.31
N ASP B 243 -30.16 35.01 2.45
CA ASP B 243 -29.92 36.26 3.15
C ASP B 243 -29.54 36.10 4.63
N HIS B 244 -29.53 34.86 5.11
CA HIS B 244 -28.88 34.52 6.37
C HIS B 244 -28.01 33.26 6.19
N ALA B 245 -26.82 33.25 6.78
CA ALA B 245 -25.97 32.07 6.82
C ALA B 245 -25.62 31.80 8.25
N ASP B 246 -25.51 30.52 8.59
CA ASP B 246 -24.99 30.10 9.88
C ASP B 246 -23.61 29.41 9.73
N LEU B 247 -22.70 29.76 10.63
CA LEU B 247 -21.28 29.40 10.53
C LEU B 247 -20.83 28.72 11.78
N THR B 248 -20.48 27.44 11.67
CA THR B 248 -19.95 26.69 12.80
C THR B 248 -18.45 26.41 12.61
N VAL B 249 -17.63 27.17 13.33
CA VAL B 249 -16.19 26.96 13.23
C VAL B 249 -15.76 25.78 14.09
N LYS B 250 -14.96 24.90 13.49
CA LYS B 250 -14.40 23.74 14.17
C LYS B 250 -12.90 23.68 13.93
N ALA B 251 -12.14 23.40 14.98
CA ALA B 251 -10.68 23.28 14.85
C ALA B 251 -10.10 22.31 15.85
N ASP B 252 -9.16 21.49 15.41
CA ASP B 252 -8.50 20.57 16.33
C ASP B 252 -7.29 21.20 17.01
N VAL B 253 -7.09 20.88 18.27
CA VAL B 253 -5.85 21.26 18.97
C VAL B 253 -5.20 20.06 19.65
N ARG B 254 -3.88 19.93 19.48
CA ARG B 254 -3.21 18.77 20.01
C ARG B 254 -2.02 19.21 20.85
N ASN B 255 -2.08 18.92 22.14
CA ASN B 255 -0.96 19.17 23.06
C ASN B 255 0.12 18.11 22.94
N ASP B 256 1.17 18.41 22.18
CA ASP B 256 2.27 17.45 21.96
C ASP B 256 3.40 17.51 23.01
N SER B 257 3.27 18.40 24.00
CA SER B 257 4.27 18.54 25.06
C SER B 257 4.04 17.53 26.18
N ALA B 258 4.99 17.49 27.10
CA ALA B 258 4.98 16.56 28.23
C ALA B 258 3.94 16.89 29.32
N ASN B 259 3.50 18.15 29.34
CA ASN B 259 2.64 18.64 30.42
C ASN B 259 1.28 19.14 29.97
N ALA B 260 0.31 19.08 30.89
CA ALA B 260 -1.02 19.63 30.69
C ALA B 260 -0.97 21.12 30.38
N VAL B 261 -1.81 21.55 29.46
CA VAL B 261 -1.96 22.97 29.15
C VAL B 261 -3.42 23.43 29.15
N GLN B 262 -3.59 24.74 29.24
CA GLN B 262 -4.78 25.44 28.80
C GLN B 262 -4.38 26.09 27.48
N THR B 263 -5.27 26.03 26.48
CA THR B 263 -5.04 26.76 25.23
C THR B 263 -6.27 27.55 24.74
N THR B 264 -6.02 28.73 24.18
CA THR B 264 -7.08 29.57 23.66
C THR B 264 -7.04 29.65 22.13
N VAL B 265 -8.13 29.23 21.50
CA VAL B 265 -8.25 29.29 20.05
C VAL B 265 -9.08 30.49 19.73
N ALA B 266 -8.44 31.49 19.14
CA ALA B 266 -9.11 32.75 18.89
C ALA B 266 -8.76 33.36 17.54
N GLY B 267 -9.62 34.22 17.04
CA GLY B 267 -9.38 34.91 15.78
C GLY B 267 -10.70 35.32 15.16
N THR B 268 -10.78 35.27 13.85
CA THR B 268 -11.98 35.77 13.18
C THR B 268 -12.52 34.75 12.21
N VAL B 269 -13.84 34.80 12.02
CA VAL B 269 -14.50 34.10 10.94
C VAL B 269 -15.46 35.09 10.29
N ALA B 270 -15.31 35.28 8.98
CA ALA B 270 -16.04 36.30 8.23
C ALA B 270 -15.98 37.68 8.90
N GLY B 271 -14.84 38.03 9.48
CA GLY B 271 -14.70 39.32 10.18
C GLY B 271 -15.33 39.40 11.56
N LYS B 272 -15.95 38.29 11.99
CA LYS B 272 -16.58 38.23 13.32
C LYS B 272 -15.64 37.52 14.29
N PRO B 273 -15.34 38.15 15.46
CA PRO B 273 -14.33 37.60 16.38
C PRO B 273 -14.88 36.40 17.13
N ILE B 274 -14.04 35.38 17.29
CA ILE B 274 -14.39 34.16 17.97
C ILE B 274 -13.26 33.77 18.92
N SER B 275 -13.59 33.02 19.96
CA SER B 275 -12.63 32.64 20.98
C SER B 275 -13.17 31.56 21.92
N GLN B 276 -12.45 30.43 21.96
CA GLN B 276 -12.74 29.35 22.89
C GLN B 276 -11.46 28.97 23.63
N THR B 277 -11.61 28.48 24.86
CA THR B 277 -10.46 28.09 25.68
C THR B 277 -10.68 26.68 26.20
N VAL B 278 -9.70 25.80 26.00
CA VAL B 278 -9.81 24.40 26.45
C VAL B 278 -8.59 23.89 27.18
N SER B 279 -8.82 22.91 28.05
CA SER B 279 -7.74 22.21 28.71
C SER B 279 -7.28 21.05 27.84
N LEU B 280 -5.96 20.87 27.76
CA LEU B 280 -5.39 19.68 27.10
C LEU B 280 -4.43 18.94 28.02
N ALA B 281 -4.75 17.68 28.32
CA ALA B 281 -3.82 16.78 29.01
C ALA B 281 -2.62 16.52 28.10
N ALA B 282 -1.51 16.06 28.66
CA ALA B 282 -0.35 15.72 27.83
C ALA B 282 -0.77 14.76 26.70
N LYS B 283 -0.47 15.15 25.46
CA LYS B 283 -0.68 14.31 24.28
C LYS B 283 -2.13 14.19 23.81
N GLU B 284 -3.03 14.98 24.39
CA GLU B 284 -4.44 14.94 24.04
C GLU B 284 -4.76 15.86 22.87
N ARG B 285 -5.66 15.38 22.02
CA ARG B 285 -6.21 16.15 20.91
C ARG B 285 -7.69 16.37 21.17
N LYS B 286 -8.12 17.62 21.07
CA LYS B 286 -9.55 17.94 21.09
C LYS B 286 -9.98 18.66 19.83
N THR B 287 -11.20 18.37 19.39
CA THR B 287 -11.92 19.18 18.44
C THR B 287 -12.71 20.22 19.21
N VAL B 288 -12.39 21.49 18.95
CA VAL B 288 -13.14 22.61 19.52
C VAL B 288 -14.21 23.05 18.52
N THR B 289 -15.45 23.12 19.01
CA THR B 289 -16.58 23.62 18.23
C THR B 289 -16.93 25.00 18.77
N PHE B 290 -16.78 26.01 17.93
CA PHE B 290 -17.13 27.38 18.31
C PHE B 290 -18.65 27.55 18.37
N PRO B 291 -19.13 28.50 19.20
CA PRO B 291 -20.57 28.81 19.19
C PRO B 291 -20.99 29.30 17.82
N LEU B 292 -22.19 28.94 17.42
CA LEU B 292 -22.72 29.37 16.14
C LEU B 292 -22.53 30.87 15.95
N VAL B 293 -22.15 31.24 14.72
CA VAL B 293 -21.97 32.63 14.30
C VAL B 293 -22.95 32.90 13.16
N GLY B 294 -23.85 33.86 13.38
CA GLY B 294 -24.80 34.29 12.35
C GLY B 294 -24.21 35.37 11.46
N LEU B 295 -24.64 35.37 10.20
CA LEU B 295 -24.14 36.30 9.20
C LEU B 295 -25.32 36.78 8.37
N ASP B 296 -25.62 38.09 8.44
CA ASP B 296 -26.75 38.65 7.69
C ASP B 296 -26.33 39.14 6.31
N ARG B 297 -27.22 38.92 5.34
CA ARG B 297 -26.99 39.25 3.95
C ARG B 297 -25.56 38.97 3.49
N PRO B 298 -25.08 37.73 3.73
CA PRO B 298 -23.74 37.34 3.33
C PRO B 298 -23.53 37.47 1.82
N ASN B 299 -22.30 37.79 1.42
CA ASN B 299 -21.90 37.79 0.03
C ASN B 299 -21.80 36.34 -0.41
N VAL B 300 -22.89 35.86 -0.98
CA VAL B 300 -23.02 34.48 -1.40
C VAL B 300 -22.06 34.23 -2.56
N TRP B 301 -21.41 33.07 -2.55
CA TRP B 301 -20.61 32.62 -3.69
C TRP B 301 -21.57 32.04 -4.76
N TRP B 302 -21.29 32.39 -6.03
CA TRP B 302 -22.04 31.89 -7.19
C TRP B 302 -21.09 31.32 -8.25
N PRO B 303 -21.59 30.37 -9.10
CA PRO B 303 -20.85 29.97 -10.29
C PRO B 303 -20.59 31.17 -11.16
N ALA B 304 -19.68 31.07 -12.11
CA ALA B 304 -19.45 32.20 -13.03
C ALA B 304 -20.75 32.62 -13.74
N GLY B 305 -20.98 33.93 -13.82
CA GLY B 305 -22.11 34.46 -14.56
C GLY B 305 -23.42 34.58 -13.79
N MET B 306 -23.46 34.03 -12.57
CA MET B 306 -24.65 34.11 -11.74
C MET B 306 -24.51 35.13 -10.60
N GLY B 307 -23.29 35.60 -10.38
CA GLY B 307 -23.00 36.59 -9.37
C GLY B 307 -21.52 36.63 -9.03
N GLY B 308 -21.20 37.00 -7.80
CA GLY B 308 -19.80 37.02 -7.38
C GLY B 308 -19.21 35.70 -6.93
N GLN B 309 -17.88 35.71 -6.79
CA GLN B 309 -17.15 34.54 -6.37
C GLN B 309 -16.46 34.76 -5.01
N HIS B 310 -17.15 35.42 -4.10
CA HIS B 310 -16.55 35.85 -2.84
C HIS B 310 -16.34 34.67 -1.90
N ARG B 311 -15.20 34.70 -1.22
CA ARG B 311 -14.87 33.79 -0.14
C ARG B 311 -14.43 34.60 1.08
N TYR B 312 -14.89 34.15 2.26
CA TYR B 312 -14.47 34.75 3.51
C TYR B 312 -13.23 34.05 4.05
N ASP B 313 -12.58 34.72 5.00
CA ASP B 313 -11.43 34.18 5.68
C ASP B 313 -11.84 33.58 7.02
N LEU B 314 -11.15 32.50 7.38
CA LEU B 314 -11.07 31.99 8.75
C LEU B 314 -9.62 32.14 9.19
N ASP B 315 -9.41 32.83 10.31
CA ASP B 315 -8.07 33.11 10.80
C ASP B 315 -8.07 32.83 12.31
N LEU B 316 -7.20 31.90 12.70
CA LEU B 316 -7.21 31.35 14.04
C LEU B 316 -5.80 31.20 14.58
N THR B 317 -5.69 31.37 15.88
CA THR B 317 -4.42 31.21 16.57
C THR B 317 -4.74 30.44 17.84
N ALA B 318 -3.95 29.40 18.11
CA ALA B 318 -4.00 28.71 19.40
C ALA B 318 -2.86 29.21 20.28
N SER B 319 -3.21 29.66 21.47
CA SER B 319 -2.19 30.22 22.37
C SER B 319 -2.11 29.44 23.66
N VAL B 320 -0.94 29.50 24.28
CA VAL B 320 -0.66 28.84 25.55
C VAL B 320 0.20 29.80 26.32
N GLY B 321 -0.18 30.05 27.58
CA GLY B 321 0.51 31.05 28.40
C GLY B 321 0.54 32.43 27.78
N GLY B 322 -0.52 32.79 27.05
CA GLY B 322 -0.61 34.10 26.43
C GLY B 322 0.35 34.41 25.27
N THR B 323 1.06 33.40 24.77
CA THR B 323 1.81 33.56 23.51
C THR B 323 1.36 32.52 22.47
N PRO B 324 1.41 32.87 21.17
CA PRO B 324 0.89 32.00 20.11
C PRO B 324 1.71 30.72 19.97
N SER B 325 1.01 29.60 19.88
CA SER B 325 1.65 28.31 19.69
C SER B 325 1.61 27.92 18.23
N ASP B 326 0.44 28.09 17.59
CA ASP B 326 0.24 27.71 16.20
C ASP B 326 -0.88 28.54 15.62
N ALA B 327 -0.89 28.68 14.29
CA ALA B 327 -1.88 29.51 13.62
C ALA B 327 -2.30 28.87 12.29
N ALA B 328 -3.47 29.28 11.77
CA ALA B 328 -3.96 28.79 10.46
C ALA B 328 -4.95 29.73 9.75
N LYS B 329 -4.61 30.11 8.52
CA LYS B 329 -5.50 30.92 7.70
C LYS B 329 -6.11 30.07 6.58
N SER B 330 -7.42 30.15 6.41
CA SER B 330 -8.08 29.48 5.29
C SER B 330 -9.25 30.29 4.81
N LYS B 331 -9.86 29.86 3.71
CA LYS B 331 -10.99 30.51 3.13
C LYS B 331 -12.16 29.53 3.00
N PHE B 332 -13.38 30.07 2.82
CA PHE B 332 -14.58 29.28 2.57
C PHE B 332 -15.58 30.13 1.79
N GLY B 333 -16.46 29.48 1.04
CA GLY B 333 -17.57 30.19 0.37
C GLY B 333 -18.87 29.97 1.12
N VAL B 334 -19.81 30.90 0.95
CA VAL B 334 -21.17 30.74 1.46
C VAL B 334 -22.06 30.44 0.24
N ARG B 335 -22.50 29.20 0.15
CA ARG B 335 -23.05 28.66 -1.09
C ARG B 335 -23.78 27.41 -0.61
N ASP B 336 -24.90 27.09 -1.24
CA ASP B 336 -25.61 25.83 -1.04
C ASP B 336 -25.57 25.03 -2.33
N VAL B 337 -25.41 23.72 -2.23
CA VAL B 337 -25.43 22.81 -3.38
CA VAL B 337 -25.50 22.85 -3.38
C VAL B 337 -26.30 21.59 -3.08
N LYS B 338 -27.16 21.21 -4.00
CA LYS B 338 -27.90 19.97 -3.86
C LYS B 338 -27.75 19.18 -5.14
N ALA B 339 -27.81 17.86 -5.03
CA ALA B 339 -27.86 17.00 -6.21
C ALA B 339 -28.82 15.86 -5.94
N THR B 340 -30.03 15.97 -6.46
CA THR B 340 -31.02 14.96 -6.15
C THR B 340 -31.53 14.31 -7.41
N LEU B 341 -32.32 13.26 -7.24
CA LEU B 341 -32.84 12.55 -8.38
C LEU B 341 -34.21 13.10 -8.69
N ASN B 342 -34.41 13.40 -9.97
CA ASN B 342 -35.67 13.94 -10.43
C ASN B 342 -36.67 12.80 -10.68
N SER B 343 -37.92 13.13 -11.03
CA SER B 343 -38.95 12.09 -11.15
C SER B 343 -38.63 11.05 -12.23
N SER B 344 -37.64 11.33 -13.07
CA SER B 344 -37.22 10.42 -14.14
C SER B 344 -35.94 9.65 -13.78
N GLY B 345 -35.46 9.82 -12.55
CA GLY B 345 -34.23 9.16 -12.14
C GLY B 345 -32.96 9.80 -12.69
N GLY B 346 -33.05 11.07 -13.06
CA GLY B 346 -31.87 11.84 -13.46
C GLY B 346 -31.34 12.66 -12.29
N ARG B 347 -30.02 12.70 -12.18
CA ARG B 347 -29.32 13.45 -11.13
C ARG B 347 -29.27 14.95 -11.50
N GLN B 348 -29.95 15.74 -10.68
CA GLN B 348 -30.11 17.17 -10.91
C GLN B 348 -29.37 17.99 -9.84
N TYR B 349 -28.39 18.79 -10.28
CA TYR B 349 -27.65 19.63 -9.35
C TYR B 349 -28.31 20.98 -9.27
N SER B 350 -28.20 21.60 -8.10
CA SER B 350 -28.53 23.01 -7.97
C SER B 350 -27.57 23.74 -7.03
N VAL B 351 -27.36 25.01 -7.33
CA VAL B 351 -26.49 25.87 -6.55
C VAL B 351 -27.36 27.02 -6.05
N ASN B 352 -27.32 27.24 -4.73
CA ASN B 352 -28.16 28.24 -4.07
C ASN B 352 -29.62 28.21 -4.53
N GLY B 353 -30.15 27.00 -4.73
CA GLY B 353 -31.57 26.78 -5.04
C GLY B 353 -31.89 26.96 -6.50
N LYS B 354 -30.85 27.22 -7.30
CA LYS B 354 -31.02 27.38 -8.73
C LYS B 354 -30.58 26.08 -9.42
N PRO B 355 -31.54 25.36 -10.03
CA PRO B 355 -31.17 24.18 -10.81
C PRO B 355 -30.36 24.63 -12.02
N LEU B 356 -29.36 23.82 -12.39
CA LEU B 356 -28.51 24.06 -13.55
C LEU B 356 -28.42 22.80 -14.41
N LEU B 357 -28.27 22.96 -15.73
CA LEU B 357 -27.67 21.92 -16.54
C LEU B 357 -26.16 21.90 -16.32
N ILE B 358 -25.59 20.80 -15.86
CA ILE B 358 -24.12 20.72 -15.86
C ILE B 358 -23.61 20.62 -17.29
N ARG B 359 -22.88 21.64 -17.72
CA ARG B 359 -22.22 21.61 -19.02
C ARG B 359 -20.71 21.69 -18.81
N GLY B 360 -19.98 20.64 -19.19
CA GLY B 360 -18.56 20.62 -18.87
C GLY B 360 -17.74 19.57 -19.55
N GLY B 361 -16.54 19.34 -18.99
CA GLY B 361 -15.61 18.37 -19.53
C GLY B 361 -14.71 17.74 -18.48
N GLY B 362 -14.14 16.60 -18.86
CA GLY B 362 -13.31 15.84 -17.96
C GLY B 362 -11.95 16.49 -17.93
N TYR B 363 -11.61 17.07 -16.78
CA TYR B 363 -10.33 17.68 -16.66
C TYR B 363 -9.31 16.59 -16.42
N THR B 364 -8.12 16.78 -16.96
CA THR B 364 -6.96 15.98 -16.56
C THR B 364 -5.70 16.86 -16.35
N PRO B 365 -4.85 16.51 -15.37
CA PRO B 365 -3.56 17.18 -15.23
C PRO B 365 -2.54 16.68 -16.24
N ASP B 366 -1.33 17.21 -16.18
CA ASP B 366 -0.21 16.80 -17.02
C ASP B 366 0.14 15.30 -16.80
N LEU B 367 0.52 14.61 -17.88
CA LEU B 367 0.89 13.19 -17.85
C LEU B 367 1.99 12.84 -16.86
N PHE B 368 2.84 13.81 -16.53
CA PHE B 368 3.91 13.59 -15.56
C PHE B 368 3.65 14.41 -14.32
N LEU B 369 2.37 14.79 -14.17
CA LEU B 369 1.89 15.50 -13.00
C LEU B 369 2.77 16.69 -12.68
N ARG B 370 3.25 17.34 -13.73
CA ARG B 370 3.99 18.60 -13.59
C ARG B 370 3.05 19.76 -13.26
N TRP B 371 3.36 20.43 -12.16
CA TRP B 371 2.49 21.49 -11.65
C TRP B 371 3.00 22.88 -12.01
N ASN B 372 2.06 23.73 -12.43
CA ASN B 372 2.30 25.14 -12.64
C ASN B 372 0.99 25.87 -12.42
N GLU B 373 1.03 26.83 -11.48
CA GLU B 373 -0.18 27.52 -11.05
C GLU B 373 -0.77 28.36 -12.18
N THR B 374 0.09 29.08 -12.88
CA THR B 374 -0.35 29.86 -14.02
C THR B 374 -1.08 28.95 -15.02
N ALA B 375 -0.45 27.84 -15.40
CA ALA B 375 -1.07 26.88 -16.34
C ALA B 375 -2.40 26.31 -15.83
N ALA B 376 -2.48 26.03 -14.54
CA ALA B 376 -3.73 25.61 -13.94
C ALA B 376 -4.78 26.70 -14.17
N ALA B 377 -4.42 27.96 -13.88
CA ALA B 377 -5.31 29.08 -14.11
C ALA B 377 -5.73 29.21 -15.57
N ASP B 378 -4.78 29.19 -16.52
CA ASP B 378 -5.10 29.27 -17.94
C ASP B 378 -6.11 28.19 -18.33
N LYS B 379 -5.89 26.98 -17.83
CA LYS B 379 -6.77 25.84 -18.18
C LYS B 379 -8.21 26.02 -17.67
N LEU B 380 -8.33 26.52 -16.44
CA LEU B 380 -9.64 26.86 -15.90
C LEU B 380 -10.28 28.06 -16.59
N LYS B 381 -9.48 29.06 -16.96
CA LYS B 381 -9.98 30.20 -17.76
C LYS B 381 -10.56 29.75 -19.12
N TYR B 382 -9.90 28.76 -19.73
CA TYR B 382 -10.40 28.17 -20.97
C TYR B 382 -11.81 27.60 -20.78
N VAL B 383 -12.05 26.98 -19.62
CA VAL B 383 -13.36 26.40 -19.31
C VAL B 383 -14.44 27.46 -19.50
N LEU B 384 -14.22 28.62 -18.89
CA LEU B 384 -15.07 29.78 -19.06
C LEU B 384 -15.09 30.37 -20.49
N ASN B 385 -13.95 30.36 -21.19
CA ASN B 385 -13.93 30.87 -22.54
C ASN B 385 -14.82 29.98 -23.43
N LEU B 386 -14.89 28.70 -23.11
CA LEU B 386 -15.71 27.74 -23.84
C LEU B 386 -17.19 27.89 -23.53
N GLY B 387 -17.49 28.58 -22.43
CA GLY B 387 -18.86 28.74 -21.94
C GLY B 387 -19.35 27.64 -21.01
N LEU B 388 -18.44 26.76 -20.60
CA LEU B 388 -18.79 25.64 -19.75
C LEU B 388 -18.90 26.08 -18.31
N ASN B 389 -19.61 25.28 -17.50
CA ASN B 389 -19.74 25.66 -16.10
C ASN B 389 -19.00 24.78 -15.12
N THR B 390 -18.45 23.66 -15.62
CA THR B 390 -18.02 22.57 -14.76
C THR B 390 -16.84 21.77 -15.35
N VAL B 391 -15.91 21.39 -14.47
CA VAL B 391 -14.97 20.32 -14.76
C VAL B 391 -15.24 19.09 -13.89
N ARG B 392 -15.06 17.90 -14.48
CA ARG B 392 -15.08 16.69 -13.70
C ARG B 392 -13.64 16.19 -13.58
N LEU B 393 -13.29 15.73 -12.37
CA LEU B 393 -11.99 15.12 -12.13
C LEU B 393 -12.18 13.66 -11.71
N GLU B 394 -11.96 12.74 -12.65
CA GLU B 394 -11.92 11.32 -12.34
C GLU B 394 -10.53 11.03 -11.80
N GLY B 395 -10.43 11.01 -10.47
CA GLY B 395 -9.14 10.83 -9.79
C GLY B 395 -8.18 11.94 -10.18
N HIS B 396 -6.88 11.65 -10.14
CA HIS B 396 -5.86 12.69 -10.37
C HIS B 396 -6.16 14.04 -9.68
N ILE B 397 -6.84 13.98 -8.55
CA ILE B 397 -7.39 15.19 -7.97
C ILE B 397 -6.26 16.17 -7.66
N GLU B 398 -6.46 17.42 -8.05
CA GLU B 398 -5.37 18.38 -8.17
C GLU B 398 -5.05 19.03 -6.83
N PRO B 399 -3.84 19.63 -6.70
CA PRO B 399 -3.38 20.33 -5.48
C PRO B 399 -4.30 21.49 -5.10
N ASP B 400 -4.14 22.00 -3.88
CA ASP B 400 -5.04 23.02 -3.32
C ASP B 400 -5.30 24.18 -4.25
N GLU B 401 -4.25 24.72 -4.85
CA GLU B 401 -4.34 25.95 -5.63
C GLU B 401 -5.30 25.82 -6.81
N PHE B 402 -5.37 24.64 -7.40
CA PHE B 402 -6.30 24.39 -8.47
C PHE B 402 -7.73 24.65 -7.99
N PHE B 403 -8.06 24.32 -6.74
CA PHE B 403 -9.43 24.54 -6.24
C PHE B 403 -9.72 26.00 -5.86
N ASP B 404 -8.72 26.66 -5.24
CA ASP B 404 -8.74 28.13 -5.10
C ASP B 404 -9.03 28.82 -6.42
N ILE B 405 -8.29 28.49 -7.47
CA ILE B 405 -8.51 29.10 -8.77
C ILE B 405 -9.95 28.87 -9.24
N ALA B 406 -10.43 27.62 -9.18
CA ALA B 406 -11.83 27.29 -9.52
C ALA B 406 -12.84 28.11 -8.69
N ASP B 407 -12.51 28.31 -7.41
CA ASP B 407 -13.32 29.14 -6.52
C ASP B 407 -13.40 30.58 -7.04
N ASP B 408 -12.23 31.15 -7.35
CA ASP B 408 -12.11 32.54 -7.78
C ASP B 408 -12.75 32.75 -9.14
N LEU B 409 -12.72 31.74 -9.99
CA LEU B 409 -13.32 31.90 -11.31
C LEU B 409 -14.79 31.51 -11.32
N GLY B 410 -15.27 30.88 -10.25
CA GLY B 410 -16.63 30.32 -10.23
C GLY B 410 -16.85 29.11 -11.15
N VAL B 411 -15.82 28.29 -11.32
CA VAL B 411 -15.91 27.07 -12.14
C VAL B 411 -16.23 25.91 -11.19
N LEU B 412 -17.33 25.20 -11.48
CA LEU B 412 -17.77 24.10 -10.63
C LEU B 412 -16.89 22.89 -10.84
N THR B 413 -16.51 22.23 -9.75
CA THR B 413 -15.68 21.03 -9.83
C THR B 413 -16.43 19.80 -9.29
N MET B 414 -16.24 18.67 -9.98
CA MET B 414 -16.82 17.35 -9.64
C MET B 414 -15.70 16.32 -9.44
N PRO B 415 -15.00 16.38 -8.27
CA PRO B 415 -13.92 15.42 -8.01
C PRO B 415 -14.46 14.04 -7.64
N GLY B 416 -13.59 13.03 -7.73
CA GLY B 416 -13.91 11.69 -7.31
C GLY B 416 -12.77 10.73 -7.61
N TRP B 417 -13.00 9.47 -7.28
CA TRP B 417 -12.04 8.43 -7.54
C TRP B 417 -12.10 8.03 -9.00
N GLU B 418 -11.06 7.33 -9.45
CA GLU B 418 -11.00 6.84 -10.83
C GLU B 418 -11.41 5.36 -10.92
N CYS B 419 -11.76 4.92 -12.14
CA CYS B 419 -12.07 3.53 -12.42
C CYS B 419 -10.80 2.81 -12.85
N CYS B 420 -10.95 1.53 -13.21
CA CYS B 420 -10.01 0.84 -14.08
C CYS B 420 -8.63 0.63 -13.46
N ASP B 421 -8.59 0.58 -12.14
CA ASP B 421 -7.35 0.28 -11.44
C ASP B 421 -7.64 -0.05 -9.98
N LYS B 422 -6.63 0.08 -9.12
CA LYS B 422 -6.76 -0.33 -7.72
C LYS B 422 -8.05 0.16 -7.02
N TRP B 423 -8.45 1.42 -7.25
CA TRP B 423 -9.60 1.99 -6.51
C TRP B 423 -10.86 1.16 -6.66
N GLU B 424 -11.09 0.62 -7.86
CA GLU B 424 -12.24 -0.22 -8.16
C GLU B 424 -11.91 -1.71 -8.27
N GLY B 425 -10.70 -2.10 -7.83
CA GLY B 425 -10.25 -3.49 -7.93
C GLY B 425 -11.03 -4.50 -7.11
N GLN B 426 -11.62 -4.05 -6.02
CA GLN B 426 -12.44 -4.95 -5.22
C GLN B 426 -13.85 -5.07 -5.80
N VAL B 427 -14.14 -4.36 -6.91
CA VAL B 427 -15.50 -4.43 -7.45
C VAL B 427 -15.65 -4.60 -8.95
N ASN B 428 -14.54 -4.50 -9.69
CA ASN B 428 -14.63 -4.38 -11.14
C ASN B 428 -14.40 -5.65 -11.97
N GLY B 429 -14.53 -6.83 -11.35
CA GLY B 429 -14.37 -8.09 -12.09
C GLY B 429 -13.03 -8.20 -12.82
N GLU B 430 -13.05 -8.64 -14.08
CA GLU B 430 -11.78 -8.85 -14.79
C GLU B 430 -11.11 -7.55 -15.29
N GLU B 431 -11.71 -6.40 -14.98
CA GLU B 431 -11.11 -5.10 -15.31
C GLU B 431 -9.83 -4.89 -14.49
N LYS B 432 -8.86 -4.17 -15.05
CA LYS B 432 -7.63 -3.83 -14.31
C LYS B 432 -7.92 -3.34 -12.90
N GLY B 433 -7.03 -3.66 -11.96
CA GLY B 433 -7.19 -3.30 -10.56
C GLY B 433 -7.29 -4.52 -9.67
N GLU B 434 -6.44 -4.60 -8.65
CA GLU B 434 -6.31 -5.82 -7.85
C GLU B 434 -7.26 -5.85 -6.66
N PRO B 435 -7.82 -7.03 -6.34
CA PRO B 435 -8.71 -7.18 -5.19
C PRO B 435 -8.05 -6.72 -3.90
N TRP B 436 -8.87 -6.26 -2.98
CA TRP B 436 -8.34 -5.59 -1.83
C TRP B 436 -7.95 -6.61 -0.78
N VAL B 437 -6.84 -6.36 -0.11
CA VAL B 437 -6.47 -7.11 1.06
C VAL B 437 -6.80 -6.19 2.24
N GLU B 438 -6.77 -6.74 3.45
CA GLU B 438 -7.13 -5.99 4.66
C GLU B 438 -6.45 -4.64 4.86
N SER B 439 -5.22 -4.49 4.37
CA SER B 439 -4.45 -3.27 4.61
C SER B 439 -4.85 -2.15 3.67
N ASP B 440 -5.47 -2.52 2.54
CA ASP B 440 -6.04 -1.56 1.60
C ASP B 440 -7.15 -0.71 2.23
N TYR B 441 -7.99 -1.35 3.04
CA TYR B 441 -9.20 -0.68 3.54
C TYR B 441 -8.89 0.60 4.35
N PRO B 442 -7.87 0.58 5.24
CA PRO B 442 -7.57 1.82 5.98
C PRO B 442 -6.85 2.89 5.15
N ILE B 443 -6.08 2.48 4.15
CA ILE B 443 -5.50 3.46 3.22
C ILE B 443 -6.63 4.20 2.48
N ALA B 444 -7.60 3.46 1.97
CA ALA B 444 -8.71 4.07 1.20
C ALA B 444 -9.57 5.00 2.04
N LYS B 445 -9.84 4.61 3.29
CA LYS B 445 -10.71 5.38 4.16
C LYS B 445 -9.97 6.64 4.60
N ALA B 446 -8.67 6.52 4.82
CA ALA B 446 -7.85 7.69 5.16
C ALA B 446 -7.62 8.60 3.93
N SER B 447 -7.50 8.00 2.74
CA SER B 447 -7.49 8.80 1.50
C SER B 447 -8.78 9.65 1.43
N MET B 448 -9.92 9.06 1.75
CA MET B 448 -11.18 9.76 1.67
C MET B 448 -11.25 10.86 2.71
N PHE B 449 -10.72 10.59 3.89
CA PHE B 449 -10.77 11.60 4.94
C PHE B 449 -9.92 12.77 4.51
N SER B 450 -8.68 12.50 4.08
CA SER B 450 -7.75 13.56 3.60
C SER B 450 -8.31 14.36 2.46
N GLU B 451 -8.90 13.69 1.47
CA GLU B 451 -9.53 14.44 0.38
C GLU B 451 -10.77 15.21 0.88
N ALA B 452 -11.58 14.61 1.75
CA ALA B 452 -12.76 15.32 2.32
C ALA B 452 -12.34 16.57 3.12
N GLU B 453 -11.26 16.47 3.88
CA GLU B 453 -10.73 17.57 4.70
C GLU B 453 -10.11 18.64 3.80
N ARG B 454 -9.44 18.21 2.74
CA ARG B 454 -8.88 19.16 1.79
C ARG B 454 -9.98 19.95 1.02
N LEU B 455 -11.08 19.29 0.69
CA LEU B 455 -12.04 19.84 -0.27
C LEU B 455 -13.27 20.54 0.31
N ARG B 456 -13.56 20.30 1.59
CA ARG B 456 -14.82 20.72 2.22
C ARG B 456 -15.08 22.21 2.23
N ASP B 457 -14.04 23.02 2.18
CA ASP B 457 -14.22 24.48 2.31
C ASP B 457 -14.02 25.23 0.99
N HIS B 458 -14.05 24.49 -0.12
CA HIS B 458 -13.93 25.04 -1.47
C HIS B 458 -15.30 25.12 -2.13
N PRO B 459 -15.86 26.33 -2.30
CA PRO B 459 -17.23 26.45 -2.83
C PRO B 459 -17.43 25.91 -4.25
N SER B 460 -16.36 25.76 -5.02
CA SER B 460 -16.43 25.20 -6.36
C SER B 460 -16.74 23.69 -6.41
N VAL B 461 -16.54 22.99 -5.30
CA VAL B 461 -16.79 21.54 -5.25
C VAL B 461 -18.31 21.30 -5.11
N ILE B 462 -18.90 20.53 -6.03
CA ILE B 462 -20.37 20.33 -6.03
C ILE B 462 -20.81 18.92 -5.58
N SER B 463 -19.84 18.02 -5.53
CA SER B 463 -20.04 16.64 -5.12
C SER B 463 -18.71 15.91 -5.12
N PHE B 464 -18.69 14.73 -4.52
CA PHE B 464 -17.60 13.77 -4.70
C PHE B 464 -18.16 12.44 -5.27
N HIS B 465 -17.42 11.84 -6.19
CA HIS B 465 -17.78 10.52 -6.73
C HIS B 465 -16.94 9.49 -6.00
N ILE B 466 -17.61 8.63 -5.21
CA ILE B 466 -16.96 7.54 -4.48
C ILE B 466 -16.81 6.30 -5.37
N GLY B 467 -17.42 6.35 -6.54
CA GLY B 467 -17.22 5.33 -7.57
C GLY B 467 -17.28 6.00 -8.94
N SER B 468 -16.62 5.41 -9.93
CA SER B 468 -16.68 5.93 -11.27
C SER B 468 -17.43 4.93 -12.14
N ASP B 469 -16.75 3.88 -12.60
CA ASP B 469 -17.40 2.85 -13.43
C ASP B 469 -18.30 1.93 -12.62
N PHE B 470 -17.80 1.50 -11.45
CA PHE B 470 -18.58 0.66 -10.54
C PHE B 470 -18.69 1.36 -9.21
N ALA B 471 -19.89 1.32 -8.64
CA ALA B 471 -20.10 1.82 -7.27
C ALA B 471 -19.33 0.92 -6.29
N PRO B 472 -18.90 1.47 -5.14
CA PRO B 472 -18.34 0.58 -4.13
C PRO B 472 -19.34 -0.41 -3.55
N ASP B 473 -18.81 -1.48 -2.93
CA ASP B 473 -19.59 -2.35 -2.05
C ASP B 473 -19.87 -1.64 -0.71
N ARG B 474 -20.67 -2.29 0.13
CA ARG B 474 -21.14 -1.71 1.37
C ARG B 474 -19.96 -1.38 2.27
N ARG B 475 -19.02 -2.30 2.36
CA ARG B 475 -17.88 -2.15 3.26
C ARG B 475 -17.05 -0.90 2.88
N ILE B 476 -16.69 -0.79 1.60
CA ILE B 476 -15.88 0.32 1.12
C ILE B 476 -16.68 1.62 1.23
N GLU B 477 -17.91 1.57 0.76
CA GLU B 477 -18.81 2.72 0.86
C GLU B 477 -18.99 3.23 2.29
N GLN B 478 -19.32 2.34 3.22
CA GLN B 478 -19.49 2.71 4.62
C GLN B 478 -18.26 3.42 5.14
N GLY B 479 -17.09 2.87 4.80
CA GLY B 479 -15.83 3.52 5.06
C GLY B 479 -15.71 4.94 4.51
N TYR B 480 -16.00 5.11 3.21
CA TYR B 480 -15.94 6.45 2.59
C TYR B 480 -16.92 7.42 3.30
N LEU B 481 -18.17 6.97 3.46
CA LEU B 481 -19.18 7.79 4.14
C LEU B 481 -18.76 8.15 5.57
N ASP B 482 -18.09 7.21 6.25
CA ASP B 482 -17.62 7.48 7.62
C ASP B 482 -16.52 8.53 7.63
N ALA B 483 -15.55 8.39 6.73
CA ALA B 483 -14.51 9.42 6.51
C ALA B 483 -15.10 10.81 6.27
N MET B 484 -16.09 10.89 5.38
CA MET B 484 -16.73 12.17 5.09
C MET B 484 -17.46 12.79 6.29
N LYS B 485 -18.10 11.94 7.10
CA LYS B 485 -18.83 12.39 8.27
C LYS B 485 -17.82 12.94 9.32
N ALA B 486 -16.74 12.21 9.58
CA ALA B 486 -15.66 12.72 10.43
C ALA B 486 -15.04 14.03 9.87
N ALA B 487 -15.07 14.19 8.53
CA ALA B 487 -14.53 15.41 7.92
C ALA B 487 -15.53 16.56 7.77
N ASP B 488 -16.76 16.39 8.27
CA ASP B 488 -17.85 17.35 8.05
C ASP B 488 -17.98 17.71 6.56
N PHE B 489 -17.60 16.78 5.69
CA PHE B 489 -17.82 16.94 4.27
C PHE B 489 -19.30 16.73 4.02
N LEU B 490 -20.03 17.81 3.76
CA LEU B 490 -21.49 17.74 3.64
C LEU B 490 -22.03 17.82 2.21
N LEU B 491 -21.17 17.61 1.23
CA LEU B 491 -21.53 17.78 -0.19
C LEU B 491 -22.19 16.54 -0.75
N PRO B 492 -22.88 16.67 -1.90
CA PRO B 492 -23.56 15.46 -2.37
C PRO B 492 -22.57 14.37 -2.76
N VAL B 493 -22.91 13.13 -2.41
CA VAL B 493 -22.10 11.97 -2.69
C VAL B 493 -22.71 11.21 -3.86
N ILE B 494 -21.95 11.08 -4.94
CA ILE B 494 -22.45 10.34 -6.08
C ILE B 494 -21.80 8.96 -6.11
N PRO B 495 -22.62 7.90 -5.96
CA PRO B 495 -22.16 6.51 -5.88
C PRO B 495 -21.35 6.05 -7.09
N ALA B 496 -21.75 6.47 -8.29
CA ALA B 496 -21.00 6.17 -9.52
C ALA B 496 -21.26 7.20 -10.61
N ALA B 497 -20.41 7.21 -11.62
CA ALA B 497 -20.67 7.97 -12.82
C ALA B 497 -21.47 7.17 -13.85
N SER B 498 -21.50 5.85 -13.68
CA SER B 498 -22.41 4.97 -14.46
C SER B 498 -23.75 4.81 -13.73
N ALA B 499 -24.62 3.96 -14.27
CA ALA B 499 -25.97 3.73 -13.71
C ALA B 499 -25.96 2.77 -12.52
N ARG B 500 -24.77 2.31 -12.18
CA ARG B 500 -24.61 1.34 -11.10
C ARG B 500 -24.88 1.94 -9.72
N PRO B 501 -25.71 1.28 -8.92
CA PRO B 501 -26.00 1.84 -7.60
C PRO B 501 -25.07 1.29 -6.51
N SER B 502 -24.85 2.06 -5.45
CA SER B 502 -24.18 1.56 -4.26
C SER B 502 -25.26 1.02 -3.31
N PRO B 503 -24.85 0.23 -2.28
CA PRO B 503 -25.91 -0.31 -1.43
C PRO B 503 -26.53 0.70 -0.48
N ILE B 504 -25.76 1.71 -0.07
CA ILE B 504 -26.24 2.67 0.94
C ILE B 504 -26.79 3.94 0.32
N THR B 505 -25.98 4.60 -0.51
CA THR B 505 -26.34 5.88 -1.11
C THR B 505 -27.40 5.73 -2.20
N GLY B 506 -27.44 4.58 -2.86
CA GLY B 506 -28.54 4.29 -3.76
C GLY B 506 -28.17 4.53 -5.19
N ALA B 507 -29.15 4.97 -5.98
CA ALA B 507 -28.95 5.16 -7.43
C ALA B 507 -28.09 6.38 -7.72
N SER B 508 -27.28 6.31 -8.76
CA SER B 508 -26.40 7.43 -9.10
C SER B 508 -27.16 8.54 -9.83
N GLY B 509 -28.14 8.15 -10.65
CA GLY B 509 -28.79 9.07 -11.56
C GLY B 509 -27.88 9.61 -12.66
N MET B 510 -26.83 8.86 -12.98
CA MET B 510 -25.94 9.23 -14.07
C MET B 510 -25.88 8.06 -15.05
N LYS B 511 -25.28 8.31 -16.22
CA LYS B 511 -25.10 7.22 -17.16
C LYS B 511 -23.72 7.23 -17.82
N MET B 512 -23.26 6.02 -18.12
CA MET B 512 -22.03 5.80 -18.82
C MET B 512 -22.30 4.75 -19.92
N ASN B 513 -23.20 5.08 -20.83
CA ASN B 513 -23.57 4.17 -21.93
C ASN B 513 -22.67 4.39 -23.13
N GLY B 514 -21.75 5.35 -23.03
CA GLY B 514 -20.93 5.75 -24.16
C GLY B 514 -21.75 6.67 -25.05
N PRO B 515 -21.24 7.04 -26.24
CA PRO B 515 -20.05 6.57 -26.95
C PRO B 515 -18.73 7.26 -26.56
N TYR B 516 -17.62 6.75 -27.10
CA TYR B 516 -16.28 7.31 -26.94
C TYR B 516 -15.56 7.34 -28.26
N ASP B 517 -16.32 7.11 -29.33
CA ASP B 517 -15.78 7.16 -30.67
C ASP B 517 -16.90 7.53 -31.63
N TYR B 518 -16.61 7.54 -32.93
CA TYR B 518 -17.44 8.31 -33.85
C TYR B 518 -18.93 7.94 -33.94
N VAL B 519 -19.76 8.94 -33.73
CA VAL B 519 -21.19 8.87 -34.03
C VAL B 519 -21.57 10.16 -34.70
N PRO B 520 -22.58 10.11 -35.59
CA PRO B 520 -22.99 11.30 -36.32
C PRO B 520 -23.73 12.29 -35.41
N PRO B 521 -23.80 13.59 -35.78
CA PRO B 521 -24.43 14.59 -34.91
C PRO B 521 -25.83 14.22 -34.42
N VAL B 522 -26.67 13.65 -35.30
CA VAL B 522 -28.08 13.36 -34.89
C VAL B 522 -28.14 12.35 -33.73
N TYR B 523 -27.04 11.63 -33.53
CA TYR B 523 -27.01 10.60 -32.49
C TYR B 523 -27.43 11.22 -31.17
N TRP B 524 -26.81 12.36 -30.84
CA TRP B 524 -26.96 13.05 -29.57
C TRP B 524 -28.39 13.44 -29.28
N TYR B 525 -29.18 13.57 -30.34
CA TYR B 525 -30.54 13.98 -30.20
C TYR B 525 -31.48 12.85 -29.83
N ASP B 526 -30.94 11.64 -29.70
CA ASP B 526 -31.79 10.48 -29.45
C ASP B 526 -32.26 10.32 -28.02
N LYS B 527 -33.55 10.03 -27.86
CA LYS B 527 -34.12 9.72 -26.55
C LYS B 527 -34.85 8.37 -26.56
N SER B 528 -34.85 7.68 -27.70
CA SER B 528 -35.58 6.40 -27.81
C SER B 528 -34.79 5.21 -27.28
N GLN B 529 -33.46 5.29 -27.32
CA GLN B 529 -32.60 4.17 -26.93
C GLN B 529 -32.11 4.29 -25.48
N LYS B 530 -32.61 3.41 -24.61
CA LYS B 530 -32.28 3.44 -23.17
C LYS B 530 -30.85 3.03 -22.80
N ASP B 531 -30.18 2.31 -23.68
CA ASP B 531 -28.81 1.82 -23.46
C ASP B 531 -27.74 2.70 -24.09
N ARG B 532 -28.12 3.87 -24.61
CA ARG B 532 -27.20 4.69 -25.39
C ARG B 532 -27.04 6.11 -24.84
N GLY B 533 -26.22 6.91 -25.53
CA GLY B 533 -25.74 8.18 -25.00
C GLY B 533 -26.49 9.46 -25.37
N GLY B 534 -27.74 9.33 -25.82
CA GLY B 534 -28.59 10.48 -26.13
C GLY B 534 -28.66 11.51 -25.02
N ALA B 535 -29.16 12.70 -25.36
CA ALA B 535 -29.36 13.77 -24.39
C ALA B 535 -30.52 13.47 -23.44
N TRP B 536 -30.24 12.76 -22.36
CA TRP B 536 -31.21 12.56 -21.31
C TRP B 536 -30.46 11.99 -20.14
N SER B 537 -31.03 12.11 -18.95
CA SER B 537 -30.32 11.83 -17.70
C SER B 537 -29.00 12.61 -17.67
N PHE B 538 -28.06 12.17 -16.85
CA PHE B 538 -26.82 12.88 -16.68
C PHE B 538 -25.75 12.10 -17.41
N ASN B 539 -25.31 12.63 -18.56
CA ASN B 539 -24.17 12.06 -19.26
C ASN B 539 -22.80 12.37 -18.63
N SER B 540 -22.33 11.51 -17.74
CA SER B 540 -21.09 11.74 -16.97
C SER B 540 -19.77 11.75 -17.74
N GLU B 541 -19.80 11.28 -18.99
CA GLU B 541 -18.58 11.20 -19.80
C GLU B 541 -18.86 10.61 -21.18
N THR B 542 -18.83 11.47 -22.18
CA THR B 542 -19.05 10.98 -23.52
C THR B 542 -18.44 11.95 -24.55
N SER B 543 -18.10 11.40 -25.71
CA SER B 543 -17.56 12.17 -26.85
C SER B 543 -17.64 11.35 -28.14
N ALA B 544 -17.24 11.95 -29.26
CA ALA B 544 -17.21 11.25 -30.54
C ALA B 544 -15.82 10.77 -30.86
N GLY B 545 -14.97 10.76 -29.83
CA GLY B 545 -13.67 10.13 -29.93
C GLY B 545 -12.61 11.08 -30.42
N VAL B 546 -12.32 10.98 -31.71
CA VAL B 546 -11.12 11.60 -32.29
C VAL B 546 -11.25 13.11 -32.36
N ASP B 547 -10.19 13.81 -31.91
CA ASP B 547 -10.11 15.28 -31.98
C ASP B 547 -8.75 15.75 -32.47
N ILE B 548 -8.55 15.67 -33.77
CA ILE B 548 -7.34 16.12 -34.43
C ILE B 548 -7.07 17.57 -34.03
N PRO B 549 -5.93 17.81 -33.38
CA PRO B 549 -5.53 19.19 -33.10
C PRO B 549 -5.23 19.99 -34.38
N THR B 550 -4.89 21.26 -34.19
CA THR B 550 -4.52 22.19 -35.23
C THR B 550 -3.29 21.69 -35.94
N MET B 551 -3.11 22.13 -37.19
CA MET B 551 -1.93 21.79 -37.96
C MET B 551 -0.69 22.23 -37.21
N ASP B 552 -0.75 23.35 -36.49
CA ASP B 552 0.43 23.81 -35.76
C ASP B 552 0.85 22.87 -34.63
N THR B 553 -0.13 22.37 -33.86
CA THR B 553 0.17 21.40 -32.80
C THR B 553 0.62 20.08 -33.40
N LEU B 554 -0.15 19.58 -34.37
CA LEU B 554 0.25 18.39 -35.14
C LEU B 554 1.77 18.36 -35.44
N LYS B 555 2.33 19.47 -35.94
CA LYS B 555 3.72 19.48 -36.35
C LYS B 555 4.70 19.53 -35.18
N ARG B 556 4.18 19.72 -33.97
CA ARG B 556 5.04 19.70 -32.79
C ARG B 556 5.01 18.34 -32.13
N MET B 557 3.98 17.54 -32.43
CA MET B 557 3.74 16.24 -31.77
C MET B 557 4.03 15.00 -32.63
N MET B 558 4.15 15.18 -33.95
CA MET B 558 4.33 14.05 -34.85
C MET B 558 5.32 14.34 -35.97
N SER B 559 5.93 13.29 -36.50
CA SER B 559 6.85 13.43 -37.62
C SER B 559 6.02 13.54 -38.88
N ALA B 560 6.65 14.05 -39.95
CA ALA B 560 5.98 14.20 -41.23
C ALA B 560 5.38 12.88 -41.71
N SER B 561 6.11 11.78 -41.51
CA SER B 561 5.64 10.48 -41.95
C SER B 561 4.59 9.84 -41.04
N GLU B 562 4.65 10.10 -39.73
CA GLU B 562 3.54 9.72 -38.84
C GLU B 562 2.27 10.45 -39.29
N LEU B 563 2.43 11.67 -39.77
CA LEU B 563 1.30 12.48 -40.20
C LEU B 563 0.82 12.03 -41.57
N ASP B 564 1.77 11.61 -42.40
CA ASP B 564 1.46 11.06 -43.69
C ASP B 564 0.70 9.77 -43.51
N THR B 565 1.07 9.00 -42.49
CA THR B 565 0.45 7.70 -42.22
C THR B 565 -0.94 7.90 -41.67
N MET B 566 -1.07 8.89 -40.80
CA MET B 566 -2.36 9.23 -40.20
C MET B 566 -3.48 9.43 -41.23
N TRP B 567 -3.28 10.29 -42.23
CA TRP B 567 -4.35 10.59 -43.20
C TRP B 567 -4.58 9.49 -44.24
N LYS B 568 -3.49 8.82 -44.65
CA LYS B 568 -3.55 7.79 -45.65
C LYS B 568 -4.15 6.54 -45.08
N ASN B 569 -3.82 6.26 -43.83
CA ASN B 569 -4.37 5.08 -43.16
C ASN B 569 -4.78 5.39 -41.73
N PRO B 570 -6.00 5.96 -41.56
CA PRO B 570 -6.53 6.26 -40.23
C PRO B 570 -6.69 5.01 -39.39
N SER B 571 -6.75 3.84 -40.04
CA SER B 571 -6.84 2.54 -39.36
C SER B 571 -5.53 2.14 -38.67
N ALA B 572 -4.43 2.76 -39.07
CA ALA B 572 -3.15 2.42 -38.47
C ALA B 572 -3.09 2.91 -37.02
N LYS B 573 -2.46 2.10 -36.18
CA LYS B 573 -2.28 2.43 -34.77
C LYS B 573 -1.52 3.75 -34.63
N GLN B 574 -1.98 4.58 -33.70
CA GLN B 574 -1.35 5.89 -33.44
C GLN B 574 -0.93 6.03 -31.99
N TYR B 575 0.37 6.20 -31.78
CA TYR B 575 0.91 6.24 -30.42
C TYR B 575 0.28 7.35 -29.58
N HIS B 576 -0.02 8.48 -30.20
CA HIS B 576 -0.53 9.63 -29.48
C HIS B 576 -2.04 9.66 -29.41
N ARG B 577 -2.69 8.57 -29.81
CA ARG B 577 -4.06 8.37 -29.37
C ARG B 577 -4.02 7.66 -28.02
N SER B 578 -4.12 6.33 -28.04
CA SER B 578 -4.26 5.55 -26.82
C SER B 578 -3.45 4.25 -26.82
N SER B 579 -3.05 3.83 -25.62
CA SER B 579 -2.49 2.51 -25.37
C SER B 579 -3.57 1.40 -25.43
N SER B 580 -4.83 1.76 -25.21
CA SER B 580 -5.96 0.84 -25.39
C SER B 580 -5.98 0.33 -26.82
N ASP B 581 -6.39 -0.92 -27.03
CA ASP B 581 -6.53 -1.47 -28.39
C ASP B 581 -7.79 -0.96 -29.06
N THR B 582 -8.83 -0.79 -28.25
CA THR B 582 -10.13 -0.26 -28.70
C THR B 582 -9.95 1.16 -29.22
N PHE B 583 -9.06 1.92 -28.60
CA PHE B 583 -8.83 3.31 -28.98
C PHE B 583 -7.40 3.53 -29.46
N GLY B 584 -6.82 2.54 -30.12
CA GLY B 584 -5.45 2.65 -30.62
C GLY B 584 -5.32 3.32 -31.98
N ASN B 585 -6.41 3.36 -32.73
CA ASN B 585 -6.38 3.94 -34.08
C ASN B 585 -7.49 4.96 -34.33
N LEU B 586 -7.49 5.52 -35.54
CA LEU B 586 -8.47 6.51 -35.97
C LEU B 586 -9.43 5.96 -37.04
N LYS B 587 -9.68 4.65 -37.03
CA LYS B 587 -10.47 4.03 -38.11
C LYS B 587 -11.93 4.51 -38.21
N LEU B 588 -12.72 4.30 -37.16
CA LEU B 588 -14.12 4.74 -37.15
C LEU B 588 -14.24 6.19 -37.60
N PHE B 589 -13.30 7.02 -37.14
CA PHE B 589 -13.29 8.43 -37.47
C PHE B 589 -12.94 8.67 -38.94
N GLY B 590 -11.84 8.09 -39.42
CA GLY B 590 -11.38 8.28 -40.79
C GLY B 590 -12.40 7.75 -41.79
N ASP B 591 -13.10 6.69 -41.39
CA ASP B 591 -14.13 6.08 -42.21
C ASP B 591 -15.37 6.99 -42.40
N ALA B 592 -15.82 7.59 -41.30
CA ALA B 592 -16.96 8.49 -41.37
C ALA B 592 -16.54 9.83 -42.00
N LEU B 593 -15.26 10.21 -41.86
CA LEU B 593 -14.80 11.44 -42.49
C LEU B 593 -14.86 11.32 -44.02
N THR B 594 -14.36 10.18 -44.51
CA THR B 594 -14.32 9.89 -45.92
C THR B 594 -15.74 9.77 -46.47
N LYS B 595 -16.62 9.07 -45.76
CA LYS B 595 -18.00 8.90 -46.26
C LYS B 595 -18.86 10.15 -46.12
N ARG B 596 -18.58 10.97 -45.10
CA ARG B 596 -19.39 12.17 -44.85
C ARG B 596 -18.83 13.42 -45.55
N TYR B 597 -17.51 13.64 -45.45
CA TYR B 597 -16.87 14.81 -46.07
C TYR B 597 -16.13 14.55 -47.40
N GLY B 598 -16.15 13.30 -47.88
CA GLY B 598 -15.40 12.88 -49.08
C GLY B 598 -13.95 12.51 -48.76
N ALA B 599 -13.39 11.57 -49.51
CA ALA B 599 -12.02 11.12 -49.28
C ALA B 599 -11.00 12.28 -49.21
N SER B 600 -9.93 12.08 -48.42
CA SER B 600 -8.88 13.07 -48.29
C SER B 600 -7.87 13.03 -49.43
N ALA B 601 -7.50 14.23 -49.90
CA ALA B 601 -6.60 14.37 -51.04
C ALA B 601 -5.14 14.49 -50.58
N ASN B 602 -4.96 14.87 -49.32
CA ASN B 602 -3.65 15.08 -48.70
C ASN B 602 -3.83 15.41 -47.20
N LEU B 603 -2.74 15.68 -46.48
CA LEU B 603 -2.80 15.95 -45.05
C LEU B 603 -3.70 17.17 -44.74
N ASN B 604 -3.46 18.26 -45.48
CA ASN B 604 -4.25 19.48 -45.36
C ASN B 604 -5.75 19.25 -45.53
N ASP B 605 -6.12 18.40 -46.51
CA ASP B 605 -7.50 18.02 -46.75
C ASP B 605 -8.10 17.23 -45.58
N PHE B 606 -7.25 16.44 -44.94
CA PHE B 606 -7.70 15.60 -43.83
C PHE B 606 -7.93 16.46 -42.60
N VAL B 607 -6.99 17.37 -42.34
CA VAL B 607 -7.05 18.20 -41.14
C VAL B 607 -8.22 19.20 -41.21
N ARG B 608 -8.37 19.87 -42.34
CA ARG B 608 -9.43 20.83 -42.51
C ARG B 608 -10.80 20.16 -42.36
N LYS B 609 -10.92 18.90 -42.79
CA LYS B 609 -12.16 18.15 -42.70
C LYS B 609 -12.38 17.63 -41.29
N ALA B 610 -11.31 17.17 -40.65
CA ALA B 610 -11.35 16.84 -39.23
C ALA B 610 -11.91 18.00 -38.39
N GLN B 611 -11.43 19.23 -38.64
CA GLN B 611 -11.97 20.37 -37.90
C GLN B 611 -13.49 20.55 -38.10
N LEU B 612 -13.95 20.46 -39.35
CA LEU B 612 -15.37 20.57 -39.63
C LEU B 612 -16.16 19.48 -38.93
N SER B 613 -15.76 18.22 -39.09
CA SER B 613 -16.44 17.12 -38.39
C SER B 613 -16.44 17.28 -36.85
N GLN B 614 -15.32 17.73 -36.28
CA GLN B 614 -15.22 17.91 -34.84
C GLN B 614 -16.10 19.03 -34.30
N TYR B 615 -16.07 20.15 -35.01
CA TYR B 615 -16.92 21.29 -34.73
C TYR B 615 -18.37 20.84 -34.78
N GLU B 616 -18.76 20.36 -35.97
CA GLU B 616 -20.07 19.79 -36.22
C GLU B 616 -20.57 18.86 -35.09
N ASN B 617 -19.71 17.94 -34.67
CA ASN B 617 -20.10 16.93 -33.71
C ASN B 617 -20.14 17.42 -32.25
N VAL B 618 -19.07 18.05 -31.81
CA VAL B 618 -19.00 18.64 -30.44
C VAL B 618 -20.18 19.61 -30.22
N ARG B 619 -20.42 20.48 -31.20
CA ARG B 619 -21.57 21.37 -31.16
C ARG B 619 -22.89 20.62 -30.92
N ALA B 620 -23.26 19.66 -31.79
CA ALA B 620 -24.50 18.89 -31.63
C ALA B 620 -24.58 18.20 -30.26
N GLU B 621 -23.47 17.61 -29.85
CA GLU B 621 -23.42 16.96 -28.56
C GLU B 621 -23.92 17.93 -27.47
N PHE B 622 -23.42 19.16 -27.48
CA PHE B 622 -23.76 20.11 -26.42
C PHE B 622 -25.13 20.71 -26.62
N GLU B 623 -25.43 21.02 -27.88
CA GLU B 623 -26.70 21.67 -28.18
C GLU B 623 -27.91 20.81 -27.80
N SER B 624 -27.86 19.53 -28.14
CA SER B 624 -28.92 18.58 -27.80
C SER B 624 -29.21 18.53 -26.29
N HIS B 625 -28.14 18.45 -25.48
CA HIS B 625 -28.28 18.41 -24.03
C HIS B 625 -28.85 19.71 -23.46
N SER B 626 -28.50 20.85 -24.07
CA SER B 626 -29.05 22.13 -23.69
C SER B 626 -30.57 22.16 -23.95
N ARG B 627 -30.99 21.61 -25.11
CA ARG B 627 -32.37 21.71 -25.53
C ARG B 627 -33.25 20.84 -24.68
N ASN B 628 -32.78 19.62 -24.41
CA ASN B 628 -33.58 18.64 -23.71
C ASN B 628 -33.57 18.80 -22.20
N TYR B 629 -32.80 19.77 -21.70
CA TYR B 629 -32.71 20.06 -20.27
C TYR B 629 -34.05 20.45 -19.68
N THR B 630 -34.89 21.08 -20.49
CA THR B 630 -36.23 21.50 -20.04
C THR B 630 -37.38 20.59 -20.51
N ASP B 631 -37.07 19.39 -20.99
CA ASP B 631 -38.10 18.36 -21.24
C ASP B 631 -38.76 18.00 -19.92
N SER B 632 -40.07 17.75 -19.96
CA SER B 632 -40.78 17.42 -18.73
C SER B 632 -40.60 15.95 -18.36
N THR B 633 -40.14 15.17 -19.33
CA THR B 633 -39.99 13.73 -19.22
C THR B 633 -38.58 13.37 -19.66
N ASN B 634 -37.77 12.82 -18.75
CA ASN B 634 -36.41 12.41 -19.13
C ASN B 634 -35.53 13.57 -19.55
N PRO B 635 -35.50 14.66 -18.77
CA PRO B 635 -34.67 15.74 -19.28
C PRO B 635 -33.20 15.33 -19.30
N SER B 636 -32.38 15.93 -20.18
CA SER B 636 -30.93 15.85 -19.95
C SER B 636 -30.60 16.70 -18.70
N THR B 637 -29.71 16.25 -17.84
CA THR B 637 -29.45 16.98 -16.62
C THR B 637 -27.99 17.28 -16.43
N GLY B 638 -27.16 16.71 -17.29
CA GLY B 638 -25.74 17.04 -17.28
C GLY B 638 -25.02 16.49 -18.48
N LEU B 639 -23.94 17.15 -18.88
CA LEU B 639 -23.06 16.64 -19.94
C LEU B 639 -21.63 16.93 -19.57
N ILE B 640 -20.84 15.88 -19.45
CA ILE B 640 -19.42 16.06 -19.28
C ILE B 640 -18.77 15.52 -20.54
N TYR B 641 -18.26 16.40 -21.40
CA TYR B 641 -17.51 15.99 -22.59
C TYR B 641 -16.24 15.22 -22.21
N TRP B 642 -16.05 14.09 -22.87
CA TRP B 642 -14.83 13.29 -22.73
C TRP B 642 -13.79 13.56 -23.85
N MET B 643 -12.77 14.38 -23.59
CA MET B 643 -12.47 15.00 -22.29
C MET B 643 -12.18 16.47 -22.56
N LEU B 644 -12.02 17.29 -21.51
CA LEU B 644 -11.77 18.73 -21.72
C LEU B 644 -10.44 18.98 -22.38
N ASN B 645 -9.48 18.19 -21.96
CA ASN B 645 -8.10 18.35 -22.37
C ASN B 645 -7.47 17.00 -22.14
N SER B 646 -6.20 16.89 -22.52
CA SER B 646 -5.45 15.64 -22.55
C SER B 646 -4.25 15.75 -21.60
N PRO B 647 -3.71 14.61 -21.13
CA PRO B 647 -2.50 14.70 -20.30
C PRO B 647 -1.27 15.08 -21.11
N TRP B 648 -1.39 15.00 -22.45
CA TRP B 648 -0.28 15.27 -23.35
C TRP B 648 -0.78 15.58 -24.76
N THR B 649 0.15 15.54 -25.72
CA THR B 649 -0.13 15.80 -27.11
C THR B 649 -0.93 14.64 -27.68
N SER B 650 -2.18 14.91 -27.97
CA SER B 650 -3.09 13.84 -28.24
C SER B 650 -3.87 14.04 -29.53
N LEU B 651 -4.54 12.97 -29.95
CA LEU B 651 -5.33 12.96 -31.17
C LEU B 651 -6.80 12.67 -30.86
N HIS B 652 -7.18 12.61 -29.58
CA HIS B 652 -8.57 12.33 -29.20
C HIS B 652 -8.97 12.96 -27.86
N TRP B 653 -10.28 12.95 -27.61
CA TRP B 653 -10.86 13.28 -26.30
C TRP B 653 -10.27 14.55 -25.70
N GLN B 654 -10.25 15.61 -26.51
CA GLN B 654 -9.82 16.95 -26.06
C GLN B 654 -10.67 18.03 -26.68
N LEU B 655 -10.79 19.12 -25.94
CA LEU B 655 -11.32 20.35 -26.49
C LEU B 655 -10.16 21.26 -26.81
N PHE B 656 -9.38 21.63 -25.81
CA PHE B 656 -8.11 22.30 -26.11
C PHE B 656 -7.02 21.29 -25.97
N ASP B 657 -5.94 21.48 -26.73
CA ASP B 657 -4.78 20.58 -26.70
C ASP B 657 -3.70 20.97 -25.67
N ALA B 658 -2.68 20.13 -25.60
CA ALA B 658 -1.55 20.27 -24.67
C ALA B 658 -0.89 21.64 -24.72
N TYR B 659 -0.97 22.31 -25.88
CA TYR B 659 -0.33 23.62 -26.05
C TYR B 659 -1.29 24.77 -25.90
N MET B 660 -2.53 24.47 -25.50
N MET B 660 -2.53 24.45 -25.52
CA MET B 660 -3.57 25.49 -25.32
CA MET B 660 -3.59 25.43 -25.34
C MET B 660 -4.16 25.95 -26.67
C MET B 660 -4.04 26.01 -26.67
N ASP B 661 -3.82 25.27 -27.76
CA ASP B 661 -4.30 25.69 -29.06
C ASP B 661 -5.76 25.30 -29.22
N GLN B 662 -6.47 25.95 -30.13
CA GLN B 662 -7.91 25.82 -30.18
C GLN B 662 -8.30 25.41 -31.58
N ASN B 663 -8.98 24.26 -31.69
CA ASN B 663 -9.31 23.68 -32.98
C ASN B 663 -10.83 23.65 -33.25
N GLY B 664 -11.27 22.84 -34.23
CA GLY B 664 -12.67 22.70 -34.53
C GLY B 664 -13.49 22.18 -33.36
N ALA B 665 -12.93 21.27 -32.58
CA ALA B 665 -13.64 20.79 -31.36
C ALA B 665 -13.86 21.93 -30.37
N TYR B 666 -12.79 22.65 -30.05
CA TYR B 666 -12.87 23.81 -29.17
C TYR B 666 -13.96 24.78 -29.57
N TYR B 667 -13.88 25.25 -30.82
CA TYR B 667 -14.81 26.24 -31.36
C TYR B 667 -16.22 25.71 -31.42
N GLY B 668 -16.37 24.44 -31.75
CA GLY B 668 -17.67 23.80 -31.73
C GLY B 668 -18.26 23.78 -30.33
N ALA B 669 -17.42 23.54 -29.32
CA ALA B 669 -17.90 23.58 -27.92
C ALA B 669 -18.20 25.00 -27.52
N LYS B 670 -17.31 25.92 -27.91
CA LYS B 670 -17.49 27.33 -27.57
C LYS B 670 -18.83 27.87 -28.10
N LYS B 671 -19.07 27.59 -29.39
CA LYS B 671 -20.27 28.04 -30.07
C LYS B 671 -21.50 27.52 -29.36
N ALA B 672 -21.54 26.23 -29.05
CA ALA B 672 -22.70 25.62 -28.42
C ALA B 672 -23.04 26.28 -27.08
N ASN B 673 -22.00 26.65 -26.35
CA ASN B 673 -22.17 27.09 -24.97
C ASN B 673 -22.26 28.61 -24.79
N GLU B 674 -22.66 29.29 -25.87
CA GLU B 674 -22.82 30.74 -25.85
C GLU B 674 -23.94 31.06 -24.84
N PRO B 675 -23.78 32.15 -24.05
CA PRO B 675 -24.76 32.52 -23.01
C PRO B 675 -26.16 32.87 -23.56
N LEU B 676 -26.20 33.38 -24.78
CA LEU B 676 -27.43 33.70 -25.46
C LEU B 676 -27.23 33.11 -26.85
N HIS B 677 -27.84 31.95 -27.07
CA HIS B 677 -27.45 31.12 -28.19
C HIS B 677 -28.60 30.69 -29.07
N ILE B 678 -28.33 30.64 -30.35
CA ILE B 678 -29.27 30.08 -31.32
C ILE B 678 -28.66 28.80 -31.97
N GLN B 679 -29.49 27.78 -32.14
CA GLN B 679 -29.03 26.49 -32.63
C GLN B 679 -30.06 25.79 -33.53
N TYR B 680 -29.60 24.79 -34.28
CA TYR B 680 -30.45 24.04 -35.22
C TYR B 680 -30.49 22.61 -34.72
N SER B 681 -31.68 22.13 -34.42
CA SER B 681 -31.82 20.77 -33.94
C SER B 681 -31.72 19.84 -35.16
N HIS B 682 -30.66 19.03 -35.24
CA HIS B 682 -30.49 18.02 -36.31
C HIS B 682 -31.60 16.97 -36.44
N ASP B 683 -32.39 16.73 -35.39
CA ASP B 683 -33.47 15.72 -35.45
C ASP B 683 -34.74 16.23 -36.15
N ASN B 684 -35.28 17.35 -35.66
CA ASN B 684 -36.60 17.84 -36.10
C ASN B 684 -36.55 19.20 -36.82
N ARG B 685 -35.34 19.74 -36.98
CA ARG B 685 -35.07 20.98 -37.73
C ARG B 685 -35.51 22.24 -37.00
N SER B 686 -36.05 22.10 -35.80
CA SER B 686 -36.46 23.27 -35.03
C SER B 686 -35.23 24.17 -34.77
N VAL B 687 -35.47 25.47 -34.78
CA VAL B 687 -34.47 26.50 -34.54
C VAL B 687 -34.76 27.00 -33.15
N VAL B 688 -33.78 26.85 -32.27
CA VAL B 688 -33.99 27.06 -30.84
C VAL B 688 -33.03 28.09 -30.25
N VAL B 689 -33.57 28.89 -29.35
CA VAL B 689 -32.81 29.85 -28.59
C VAL B 689 -32.71 29.32 -27.16
N ILE B 690 -31.49 29.37 -26.62
CA ILE B 690 -31.14 28.92 -25.26
C ILE B 690 -30.59 30.13 -24.53
N ASN B 691 -31.09 30.36 -23.31
CA ASN B 691 -30.60 31.46 -22.49
C ASN B 691 -29.85 30.83 -21.30
N GLN B 692 -28.53 30.90 -21.34
CA GLN B 692 -27.74 30.38 -20.25
C GLN B 692 -27.68 31.37 -19.09
N THR B 693 -27.93 32.65 -19.38
CA THR B 693 -27.71 33.71 -18.38
C THR B 693 -28.70 33.63 -17.20
N SER B 694 -28.47 34.46 -16.17
CA SER B 694 -29.28 34.36 -14.97
C SER B 694 -30.53 35.26 -14.95
N ASN B 695 -30.72 36.04 -16.01
CA ASN B 695 -31.94 36.80 -16.17
C ASN B 695 -32.68 36.42 -17.44
N ALA B 696 -34.01 36.39 -17.35
CA ALA B 696 -34.87 36.21 -18.51
C ALA B 696 -34.61 37.34 -19.50
N VAL B 697 -34.76 37.05 -20.78
CA VAL B 697 -34.46 38.03 -21.82
C VAL B 697 -35.59 38.09 -22.84
N SER B 698 -36.08 39.28 -23.14
CA SER B 698 -37.14 39.43 -24.14
C SER B 698 -36.72 40.28 -25.31
N GLY B 699 -37.64 40.42 -26.26
CA GLY B 699 -37.43 41.25 -27.42
C GLY B 699 -36.34 40.71 -28.33
N LEU B 700 -36.19 39.40 -28.36
CA LEU B 700 -35.21 38.77 -29.26
C LEU B 700 -35.79 38.56 -30.64
N THR B 701 -34.94 38.67 -31.65
CA THR B 701 -35.34 38.23 -32.99
C THR B 701 -34.42 37.20 -33.64
N ALA B 702 -35.05 36.13 -34.11
CA ALA B 702 -34.36 35.00 -34.75
C ALA B 702 -34.50 35.00 -36.26
N THR B 703 -33.34 34.98 -36.92
CA THR B 703 -33.28 35.00 -38.37
C THR B 703 -32.64 33.69 -38.79
N THR B 704 -33.37 32.92 -39.60
CA THR B 704 -32.83 31.68 -40.14
C THR B 704 -33.00 31.61 -41.65
N LYS B 705 -31.95 31.14 -42.30
CA LYS B 705 -31.83 31.16 -43.74
C LYS B 705 -31.20 29.87 -44.22
N LEU B 706 -31.66 29.37 -45.36
CA LEU B 706 -31.04 28.22 -46.00
C LEU B 706 -30.43 28.66 -47.32
N TYR B 707 -29.18 28.27 -47.58
CA TYR B 707 -28.50 28.55 -48.85
C TYR B 707 -27.97 27.29 -49.50
N ASN B 708 -28.10 27.21 -50.82
CA ASN B 708 -27.36 26.25 -51.63
C ASN B 708 -25.91 26.66 -51.69
N LEU B 709 -25.05 25.75 -52.14
CA LEU B 709 -23.63 26.04 -52.21
C LEU B 709 -23.21 26.98 -53.35
N ASP B 710 -24.13 27.24 -54.30
CA ASP B 710 -23.86 28.21 -55.35
C ASP B 710 -24.13 29.62 -54.83
N GLY B 711 -24.88 29.70 -53.73
CA GLY B 711 -25.16 30.94 -53.01
C GLY B 711 -26.62 31.32 -53.01
N THR B 712 -27.42 30.58 -53.75
CA THR B 712 -28.85 30.84 -53.84
C THR B 712 -29.51 30.64 -52.48
N GLU B 713 -30.04 31.70 -51.91
CA GLU B 713 -30.92 31.59 -50.75
C GLU B 713 -32.14 30.79 -51.18
N LYS B 714 -32.59 29.87 -50.34
CA LYS B 714 -33.72 29.00 -50.66
C LYS B 714 -34.84 29.03 -49.65
N TYR B 715 -34.54 29.54 -48.45
CA TYR B 715 -35.51 29.67 -47.36
C TYR B 715 -35.12 30.84 -46.46
N SER B 716 -36.12 31.52 -45.94
CA SER B 716 -35.90 32.61 -45.01
C SER B 716 -37.05 32.66 -44.01
N ASN B 717 -36.70 32.88 -42.76
CA ASN B 717 -37.68 33.15 -41.76
C ASN B 717 -37.08 34.20 -40.86
N THR B 718 -37.92 35.11 -40.41
CA THR B 718 -37.57 36.04 -39.37
C THR B 718 -38.66 35.93 -38.31
N LYS B 719 -38.24 35.88 -37.04
CA LYS B 719 -39.16 35.73 -35.93
C LYS B 719 -38.78 36.74 -34.86
N THR B 720 -39.75 37.55 -34.47
CA THR B 720 -39.53 38.62 -33.50
C THR B 720 -40.19 38.38 -32.15
N GLY B 721 -39.82 39.19 -31.18
CA GLY B 721 -40.43 39.16 -29.86
C GLY B 721 -40.34 37.83 -29.16
N LEU B 722 -39.16 37.20 -29.27
CA LEU B 722 -38.88 35.98 -28.54
C LEU B 722 -38.38 36.32 -27.13
N SER B 723 -39.00 35.71 -26.13
CA SER B 723 -38.53 35.88 -24.77
C SER B 723 -38.22 34.49 -24.27
N VAL B 724 -37.13 34.36 -23.54
CA VAL B 724 -36.71 33.05 -23.08
C VAL B 724 -36.20 33.16 -21.65
N GLY B 725 -36.69 32.28 -20.77
CA GLY B 725 -36.36 32.30 -19.35
C GLY B 725 -34.88 32.12 -19.08
N ALA B 726 -34.55 32.17 -17.78
CA ALA B 726 -33.14 32.16 -17.33
C ALA B 726 -32.55 30.77 -17.20
N LEU B 727 -31.22 30.73 -17.13
CA LEU B 727 -30.45 29.59 -16.65
C LEU B 727 -30.79 28.27 -17.34
N GLY B 728 -30.75 28.27 -18.67
CA GLY B 728 -30.92 27.03 -19.40
C GLY B 728 -32.21 26.87 -20.17
N ALA B 729 -33.19 27.71 -19.88
CA ALA B 729 -34.47 27.66 -20.59
C ALA B 729 -34.33 27.97 -22.09
N LYS B 730 -35.37 27.64 -22.85
CA LYS B 730 -35.31 27.70 -24.30
C LYS B 730 -36.55 28.34 -24.91
N ALA B 731 -36.49 28.64 -26.21
CA ALA B 731 -37.70 28.91 -26.99
C ALA B 731 -37.48 28.48 -28.42
N THR B 732 -38.55 28.08 -29.09
CA THR B 732 -38.47 27.67 -30.50
C THR B 732 -38.80 28.87 -31.36
N ALA B 733 -37.89 29.20 -32.29
CA ALA B 733 -38.11 30.31 -33.20
C ALA B 733 -38.99 29.90 -34.39
N VAL B 734 -38.66 28.75 -34.97
CA VAL B 734 -39.40 28.22 -36.10
C VAL B 734 -38.97 26.78 -36.28
N THR B 735 -39.78 26.01 -37.02
CA THR B 735 -39.37 24.69 -37.49
C THR B 735 -39.19 24.79 -39.00
N VAL B 736 -37.95 24.69 -39.46
CA VAL B 736 -37.62 24.77 -40.88
C VAL B 736 -38.42 23.70 -41.60
N PRO B 737 -39.28 24.10 -42.56
CA PRO B 737 -40.00 23.06 -43.29
C PRO B 737 -39.11 22.40 -44.35
N ALA B 738 -39.63 21.36 -44.98
CA ALA B 738 -38.98 20.68 -46.08
C ALA B 738 -38.96 21.63 -47.25
N VAL B 739 -37.76 21.90 -47.76
CA VAL B 739 -37.56 22.93 -48.75
C VAL B 739 -37.11 22.27 -50.05
N SER B 740 -37.87 22.54 -51.11
CA SER B 740 -37.57 22.03 -52.43
CA SER B 740 -37.57 22.03 -52.44
C SER B 740 -36.34 22.72 -53.03
N GLY B 741 -35.55 21.98 -53.80
CA GLY B 741 -34.40 22.57 -54.53
C GLY B 741 -33.08 22.72 -53.79
N LEU B 742 -32.93 22.07 -52.64
CA LEU B 742 -31.66 22.17 -51.89
C LEU B 742 -30.55 21.36 -52.55
N SER B 743 -29.38 21.98 -52.70
CA SER B 743 -28.20 21.23 -53.11
C SER B 743 -27.92 20.20 -52.02
N THR B 744 -27.23 19.13 -52.42
CA THR B 744 -27.05 17.97 -51.57
C THR B 744 -26.35 18.32 -50.26
N THR B 745 -25.27 19.09 -50.34
CA THR B 745 -24.73 19.77 -49.19
C THR B 745 -25.22 21.20 -49.31
N TYR B 746 -25.84 21.69 -48.24
CA TYR B 746 -26.33 23.06 -48.17
C TYR B 746 -25.99 23.70 -46.81
N LEU B 747 -26.29 24.98 -46.63
CA LEU B 747 -25.97 25.73 -45.41
C LEU B 747 -27.21 26.27 -44.68
N ALA B 748 -27.21 26.17 -43.36
CA ALA B 748 -28.21 26.84 -42.54
C ALA B 748 -27.53 27.98 -41.81
N LYS B 749 -28.10 29.17 -41.91
CA LYS B 749 -27.53 30.32 -41.26
C LYS B 749 -28.54 30.85 -40.26
N ASN B 750 -28.19 30.69 -38.98
CA ASN B 750 -28.97 31.18 -37.87
C ASN B 750 -28.31 32.42 -37.25
N VAL B 751 -29.08 33.50 -37.08
CA VAL B 751 -28.58 34.70 -36.39
C VAL B 751 -29.60 35.21 -35.34
N LEU B 752 -29.09 35.53 -34.14
CA LEU B 752 -29.94 36.04 -33.08
C LEU B 752 -29.51 37.47 -32.70
N THR B 753 -30.46 38.40 -32.69
CA THR B 753 -30.18 39.78 -32.33
C THR B 753 -31.03 40.17 -31.14
N ASP B 754 -30.49 41.06 -30.29
CA ASP B 754 -31.23 41.51 -29.12
C ASP B 754 -32.11 42.72 -29.39
N SER B 755 -33.03 43.00 -28.47
CA SER B 755 -33.97 44.14 -28.56
C SER B 755 -33.29 45.42 -29.00
N SER B 756 -32.02 45.56 -28.66
CA SER B 756 -31.22 46.73 -29.01
C SER B 756 -30.56 46.59 -30.40
N GLY B 757 -30.75 45.44 -31.04
CA GLY B 757 -30.30 45.24 -32.40
C GLY B 757 -28.88 44.71 -32.51
N LYS B 758 -28.33 44.27 -31.39
CA LYS B 758 -26.97 43.73 -31.39
C LYS B 758 -26.98 42.26 -31.84
N GLU B 759 -25.97 41.83 -32.58
CA GLU B 759 -25.85 40.40 -32.91
C GLU B 759 -25.17 39.66 -31.76
N VAL B 760 -25.93 38.79 -31.10
CA VAL B 760 -25.46 38.04 -29.93
C VAL B 760 -25.11 36.56 -30.22
N SER B 761 -25.67 36.02 -31.30
CA SER B 761 -25.37 34.66 -31.71
C SER B 761 -25.43 34.48 -33.20
N ARG B 762 -24.35 33.92 -33.71
CA ARG B 762 -24.23 33.54 -35.11
C ARG B 762 -23.90 32.07 -35.17
N ASN B 763 -24.72 31.29 -35.89
CA ASN B 763 -24.54 29.84 -35.99
C ASN B 763 -24.79 29.32 -37.40
N VAL B 764 -23.76 28.76 -38.04
CA VAL B 764 -23.91 28.24 -39.41
C VAL B 764 -23.69 26.73 -39.44
N TYR B 765 -24.61 26.04 -40.10
CA TYR B 765 -24.60 24.58 -40.22
C TYR B 765 -24.44 24.17 -41.68
N TRP B 766 -23.46 23.31 -41.95
CA TRP B 766 -23.38 22.61 -43.23
C TRP B 766 -24.19 21.32 -43.10
N LEU B 767 -25.26 21.22 -43.91
CA LEU B 767 -26.24 20.15 -43.80
C LEU B 767 -26.39 19.38 -45.13
N SER B 768 -27.10 18.27 -45.08
CA SER B 768 -27.23 17.42 -46.25
C SER B 768 -28.68 17.01 -46.45
N THR B 769 -29.12 17.00 -47.70
CA THR B 769 -30.44 16.42 -48.02
C THR B 769 -30.53 14.91 -47.72
N LYS B 770 -29.37 14.28 -47.54
CA LYS B 770 -29.24 12.86 -47.17
C LYS B 770 -28.88 12.73 -45.67
N ALA B 771 -29.73 12.10 -44.88
CA ALA B 771 -29.57 12.07 -43.43
C ALA B 771 -28.60 11.00 -42.94
N ASP B 772 -27.79 11.34 -41.94
CA ASP B 772 -27.14 10.33 -41.11
C ASP B 772 -28.26 9.57 -40.39
N THR B 773 -28.21 8.25 -40.43
CA THR B 773 -29.14 7.43 -39.63
C THR B 773 -28.34 6.41 -38.87
N LEU B 774 -28.91 5.89 -37.79
CA LEU B 774 -28.16 4.97 -36.94
C LEU B 774 -28.53 3.51 -37.03
N ASN B 775 -27.52 2.67 -37.18
CA ASN B 775 -27.71 1.24 -36.96
C ASN B 775 -27.60 0.90 -35.46
N TRP B 776 -28.69 1.13 -34.75
CA TRP B 776 -28.74 0.94 -33.31
C TRP B 776 -28.38 -0.48 -32.94
N GLY B 777 -29.01 -1.46 -33.60
CA GLY B 777 -28.76 -2.87 -33.31
C GLY B 777 -27.31 -3.28 -33.42
N GLY B 778 -26.55 -2.56 -34.24
CA GLY B 778 -25.14 -2.89 -34.40
C GLY B 778 -24.30 -2.26 -33.31
N SER B 779 -24.96 -1.62 -32.34
CA SER B 779 -24.21 -0.86 -31.32
C SER B 779 -23.25 -1.73 -30.54
N ASP B 780 -22.04 -1.23 -30.37
CA ASP B 780 -21.14 -1.76 -29.36
C ASP B 780 -21.23 -0.83 -28.16
N TRP B 781 -20.46 -1.11 -27.12
CA TRP B 781 -20.47 -0.29 -25.90
C TRP B 781 -19.90 1.13 -26.07
N TYR B 782 -19.07 1.32 -27.10
CA TYR B 782 -18.31 2.59 -27.25
C TYR B 782 -18.71 3.44 -28.45
N TYR B 783 -19.59 2.91 -29.30
CA TYR B 783 -20.11 3.65 -30.43
C TYR B 783 -21.35 2.99 -31.05
N THR B 784 -22.04 3.70 -31.92
CA THR B 784 -23.10 3.14 -32.74
C THR B 784 -22.73 3.43 -34.18
N PRO B 785 -22.66 2.36 -35.00
CA PRO B 785 -22.41 2.51 -36.43
C PRO B 785 -23.63 3.07 -37.15
N GLN B 786 -23.42 3.49 -38.39
CA GLN B 786 -24.45 4.17 -39.15
C GLN B 786 -25.11 3.26 -40.19
N SER B 787 -26.44 3.31 -40.26
CA SER B 787 -27.19 2.70 -41.38
C SER B 787 -27.24 3.57 -42.64
N ALA B 788 -26.91 4.86 -42.51
CA ALA B 788 -26.62 5.73 -43.68
C ALA B 788 -25.74 6.91 -43.27
N PHE B 789 -25.14 7.55 -44.27
CA PHE B 789 -24.20 8.66 -44.04
C PHE B 789 -24.64 9.92 -44.77
N ALA B 790 -24.65 11.04 -44.04
CA ALA B 790 -24.94 12.33 -44.62
C ALA B 790 -23.93 12.61 -45.73
N ASP B 791 -24.34 13.32 -46.77
CA ASP B 791 -23.42 13.71 -47.83
C ASP B 791 -23.08 15.20 -47.68
N LEU B 792 -21.91 15.48 -47.15
CA LEU B 792 -21.45 16.84 -46.97
C LEU B 792 -20.24 17.08 -47.90
N SER B 793 -20.16 16.31 -48.99
CA SER B 793 -19.03 16.39 -49.92
C SER B 793 -19.08 17.62 -50.85
N GLY B 794 -20.18 18.36 -50.80
CA GLY B 794 -20.32 19.57 -51.60
C GLY B 794 -19.31 20.64 -51.20
N LEU B 795 -18.98 20.66 -49.91
CA LEU B 795 -17.98 21.57 -49.37
C LEU B 795 -16.65 21.52 -50.10
N ASN B 796 -16.32 20.37 -50.70
CA ASN B 796 -15.11 20.24 -51.50
C ASN B 796 -15.12 21.21 -52.69
N ASN B 797 -16.32 21.48 -53.21
CA ASN B 797 -16.52 22.31 -54.40
C ASN B 797 -17.15 23.68 -54.14
N LEU B 798 -17.26 24.07 -52.87
CA LEU B 798 -17.67 25.46 -52.55
C LEU B 798 -16.73 26.43 -53.25
N GLY B 799 -17.26 27.24 -54.17
CA GLY B 799 -16.45 28.23 -54.89
C GLY B 799 -15.80 29.20 -53.93
N GLN B 800 -14.67 29.76 -54.35
CA GLN B 800 -13.90 30.70 -53.51
C GLN B 800 -14.66 32.01 -53.27
N SER B 801 -14.48 32.55 -52.07
CA SER B 801 -15.02 33.84 -51.70
C SER B 801 -13.81 34.67 -51.26
N ALA B 802 -14.03 35.74 -50.49
CA ALA B 802 -12.89 36.50 -49.94
C ALA B 802 -13.20 37.26 -48.66
N VAL B 803 -12.14 37.52 -47.90
CA VAL B 803 -12.16 38.33 -46.68
C VAL B 803 -10.80 39.09 -46.75
N GLY B 804 -10.66 40.36 -46.32
CA GLY B 804 -11.64 41.16 -45.62
C GLY B 804 -11.16 41.46 -44.20
N ALA B 805 -9.91 41.87 -44.03
CA ALA B 805 -9.37 41.91 -42.64
C ALA B 805 -8.53 43.12 -42.15
N THR B 806 -8.91 43.64 -40.99
CA THR B 806 -8.20 44.73 -40.34
C THR B 806 -7.96 44.36 -38.88
N ALA B 807 -6.73 44.57 -38.40
CA ALA B 807 -6.38 44.26 -37.00
C ALA B 807 -5.59 45.35 -36.31
N ASN B 808 -5.75 45.44 -35.00
CA ASN B 808 -4.98 46.36 -34.16
C ASN B 808 -5.00 45.88 -32.71
N SER B 809 -3.98 46.28 -31.94
CA SER B 809 -3.74 45.76 -30.59
C SER B 809 -3.48 46.86 -29.57
N VAL B 810 -3.88 46.59 -28.33
CA VAL B 810 -3.61 47.48 -27.20
C VAL B 810 -2.88 46.70 -26.12
N ALA B 811 -1.64 47.08 -25.82
CA ALA B 811 -0.92 46.50 -24.69
C ALA B 811 -1.47 47.11 -23.42
N GLY B 812 -2.04 46.27 -22.56
CA GLY B 812 -2.66 46.72 -21.31
C GLY B 812 -1.66 46.90 -20.18
N ALA B 813 -2.07 47.66 -19.16
CA ALA B 813 -1.24 47.90 -17.97
C ALA B 813 -1.22 46.67 -17.06
N ASP B 814 -2.22 45.82 -17.23
CA ASP B 814 -2.36 44.55 -16.50
C ASP B 814 -1.46 43.42 -17.03
N GLY B 815 -0.70 43.74 -18.08
CA GLY B 815 0.19 42.76 -18.72
C GLY B 815 -0.52 41.92 -19.78
N THR B 816 -1.77 42.24 -20.09
CA THR B 816 -2.42 41.59 -21.22
C THR B 816 -2.48 42.48 -22.46
N THR B 817 -2.48 41.86 -23.64
CA THR B 817 -2.76 42.58 -24.87
C THR B 817 -4.14 42.16 -25.37
N THR B 818 -4.86 43.12 -25.94
CA THR B 818 -6.08 42.82 -26.63
C THR B 818 -5.89 43.13 -28.11
N THR B 819 -6.15 42.12 -28.95
CA THR B 819 -6.12 42.32 -30.39
C THR B 819 -7.55 42.32 -30.92
N THR B 820 -7.87 43.39 -31.63
CA THR B 820 -9.21 43.58 -32.20
C THR B 820 -9.10 43.42 -33.71
N VAL B 821 -9.88 42.48 -34.25
CA VAL B 821 -9.82 42.25 -35.67
C VAL B 821 -11.18 42.35 -36.31
N THR B 822 -11.27 43.18 -37.34
CA THR B 822 -12.51 43.30 -38.10
C THR B 822 -12.46 42.48 -39.38
N LEU B 823 -13.49 41.69 -39.60
CA LEU B 823 -13.61 40.89 -40.80
C LEU B 823 -14.83 41.26 -41.61
N LYS B 824 -14.64 41.26 -42.94
CA LYS B 824 -15.67 41.66 -43.88
C LYS B 824 -15.61 40.73 -45.08
N ASN B 825 -16.76 40.26 -45.54
CA ASN B 825 -16.79 39.52 -46.80
C ASN B 825 -16.60 40.57 -47.90
N THR B 826 -15.50 40.46 -48.64
CA THR B 826 -15.18 41.39 -49.72
C THR B 826 -15.36 40.83 -51.14
N SER B 827 -16.18 39.78 -51.29
CA SER B 827 -16.44 39.21 -52.60
C SER B 827 -17.57 39.95 -53.33
N GLY B 828 -17.53 39.94 -54.66
CA GLY B 828 -18.58 40.53 -55.48
C GLY B 828 -19.68 39.56 -55.88
N GLY B 829 -19.59 38.32 -55.41
CA GLY B 829 -20.55 37.26 -55.80
C GLY B 829 -21.54 36.95 -54.69
N ARG B 830 -22.19 35.79 -54.75
CA ARG B 830 -23.11 35.39 -53.66
C ARG B 830 -22.50 34.42 -52.66
N LEU B 831 -21.19 34.17 -52.76
CA LEU B 831 -20.56 33.16 -51.90
C LEU B 831 -20.15 33.62 -50.49
N PRO B 832 -20.63 32.89 -49.47
CA PRO B 832 -20.17 33.06 -48.10
C PRO B 832 -18.70 32.78 -47.94
N ALA B 833 -18.03 33.62 -47.18
CA ALA B 833 -16.70 33.30 -46.66
C ALA B 833 -16.95 32.35 -45.50
N PHE B 834 -16.58 31.08 -45.71
CA PHE B 834 -16.93 30.00 -44.80
C PHE B 834 -15.81 29.56 -43.85
N TYR B 835 -16.21 29.35 -42.61
CA TYR B 835 -15.33 28.81 -41.60
C TYR B 835 -14.00 29.56 -41.61
N VAL B 836 -14.06 30.82 -41.20
CA VAL B 836 -12.88 31.68 -41.20
C VAL B 836 -12.25 31.73 -39.80
N ASP B 837 -11.00 31.24 -39.72
CA ASP B 837 -10.23 31.08 -38.49
C ASP B 837 -9.17 32.14 -38.38
N SER B 838 -9.21 32.88 -37.29
CA SER B 838 -8.27 33.95 -36.97
C SER B 838 -7.40 33.48 -35.82
N LYS B 839 -6.10 33.67 -36.00
CA LYS B 839 -5.12 33.20 -35.05
C LYS B 839 -4.12 34.31 -34.78
N VAL B 840 -3.98 34.68 -33.52
CA VAL B 840 -2.94 35.61 -33.12
C VAL B 840 -1.61 34.88 -33.28
N VAL B 841 -0.76 35.38 -34.16
CA VAL B 841 0.55 34.78 -34.38
C VAL B 841 1.66 35.77 -34.14
N ASP B 842 2.88 35.26 -33.99
CA ASP B 842 4.06 36.12 -33.81
C ASP B 842 4.67 36.39 -35.19
N SER B 843 5.84 37.05 -35.20
CA SER B 843 6.47 37.48 -36.45
C SER B 843 6.82 36.31 -37.35
N ALA B 844 6.96 35.13 -36.75
CA ALA B 844 7.28 33.90 -37.50
C ALA B 844 6.04 33.07 -37.90
N GLY B 845 4.85 33.55 -37.54
CA GLY B 845 3.60 32.81 -37.80
C GLY B 845 3.25 31.72 -36.79
N LYS B 846 3.95 31.74 -35.65
CA LYS B 846 3.71 30.83 -34.54
C LYS B 846 2.49 31.30 -33.73
N PRO B 847 1.52 30.41 -33.48
CA PRO B 847 0.40 30.87 -32.66
C PRO B 847 0.84 31.43 -31.31
N VAL B 848 0.20 32.51 -30.88
CA VAL B 848 0.44 33.03 -29.54
C VAL B 848 -0.57 32.43 -28.58
N LEU B 849 -0.08 31.63 -27.63
CA LEU B 849 -0.93 30.87 -26.73
C LEU B 849 -0.44 30.98 -25.30
N PRO B 850 -1.36 30.92 -24.32
CA PRO B 850 -2.82 30.76 -24.49
C PRO B 850 -3.48 32.02 -25.02
N VAL B 851 -4.74 31.91 -25.43
CA VAL B 851 -5.47 33.00 -26.04
C VAL B 851 -7.00 32.86 -25.87
N GLU B 852 -7.69 33.98 -25.67
CA GLU B 852 -9.13 33.87 -25.50
C GLU B 852 -9.81 34.81 -26.42
N TRP B 853 -10.58 34.26 -27.34
CA TRP B 853 -11.38 35.03 -28.29
C TRP B 853 -12.83 35.12 -27.81
N ASN B 854 -13.49 36.23 -28.10
CA ASN B 854 -14.94 36.33 -27.85
C ASN B 854 -15.74 35.39 -28.80
N ASP B 855 -15.27 35.28 -30.04
CA ASP B 855 -15.86 34.40 -31.05
C ASP B 855 -14.73 34.06 -32.05
N ASN B 856 -14.94 33.00 -32.85
CA ASN B 856 -13.98 32.62 -33.91
C ASN B 856 -14.61 31.62 -34.88
N ALA B 857 -13.88 31.25 -35.94
CA ALA B 857 -14.40 30.29 -36.95
C ALA B 857 -15.72 30.77 -37.50
N VAL B 858 -15.70 31.98 -38.05
CA VAL B 858 -16.92 32.70 -38.43
C VAL B 858 -17.28 32.45 -39.90
N SER B 859 -18.55 32.68 -40.23
CA SER B 859 -18.97 32.62 -41.63
C SER B 859 -19.72 33.89 -41.92
N LEU B 860 -19.25 34.60 -42.96
CA LEU B 860 -19.79 35.92 -43.32
C LEU B 860 -20.34 35.93 -44.73
N TRP B 861 -21.58 36.36 -44.90
CA TRP B 861 -22.09 36.50 -46.26
C TRP B 861 -21.67 37.84 -46.88
N PRO B 862 -21.88 38.02 -48.20
CA PRO B 862 -21.49 39.30 -48.81
C PRO B 862 -22.29 40.43 -48.17
N GLY B 863 -21.61 41.53 -47.82
CA GLY B 863 -22.26 42.64 -47.13
C GLY B 863 -22.18 42.54 -45.61
N GLU B 864 -21.61 41.45 -45.11
CA GLU B 864 -21.54 41.23 -43.67
C GLU B 864 -20.15 41.47 -43.12
N THR B 865 -20.13 41.87 -41.85
CA THR B 865 -18.92 42.26 -41.15
C THR B 865 -19.01 41.67 -39.77
N THR B 866 -17.85 41.41 -39.15
CA THR B 866 -17.81 41.05 -37.76
C THR B 866 -16.53 41.55 -37.09
N THR B 867 -16.65 41.83 -35.80
CA THR B 867 -15.50 42.35 -35.06
C THR B 867 -15.19 41.42 -33.90
N LEU B 868 -13.96 40.90 -33.95
CA LEU B 868 -13.44 39.88 -33.05
C LEU B 868 -12.39 40.44 -32.12
N THR B 869 -12.34 39.90 -30.90
CA THR B 869 -11.42 40.38 -29.88
C THR B 869 -10.68 39.20 -29.29
N ALA B 870 -9.34 39.29 -29.26
CA ALA B 870 -8.54 38.25 -28.63
C ALA B 870 -7.78 38.83 -27.43
N LYS B 871 -7.82 38.13 -26.28
CA LYS B 871 -7.05 38.54 -25.09
C LYS B 871 -5.96 37.54 -24.75
N TYR B 872 -4.75 38.04 -24.50
CA TYR B 872 -3.61 37.17 -24.18
C TYR B 872 -2.54 37.93 -23.41
N ARG B 873 -1.58 37.21 -22.81
CA ARG B 873 -0.48 37.85 -22.12
C ARG B 873 0.47 38.46 -23.14
N THR B 874 0.75 39.75 -22.95
CA THR B 874 1.73 40.47 -23.76
C THR B 874 3.05 39.67 -23.82
N ALA B 875 3.49 39.16 -22.67
CA ALA B 875 4.77 38.44 -22.58
C ALA B 875 4.87 37.22 -23.49
N ASP B 876 3.72 36.56 -23.71
CA ASP B 876 3.68 35.39 -24.57
C ASP B 876 3.91 35.71 -26.05
N LEU B 877 4.14 36.99 -26.36
CA LEU B 877 4.61 37.43 -27.68
C LEU B 877 6.13 37.31 -27.75
N LYS B 878 6.76 37.29 -26.57
CA LYS B 878 8.22 37.09 -26.46
C LYS B 878 8.98 38.11 -27.30
N GLY B 879 8.53 39.36 -27.24
CA GLY B 879 9.16 40.46 -27.96
C GLY B 879 8.57 40.76 -29.33
N SER B 880 7.79 39.83 -29.88
CA SER B 880 7.26 40.00 -31.24
C SER B 880 6.07 40.96 -31.29
N LYS B 881 6.04 41.79 -32.32
CA LYS B 881 4.80 42.45 -32.72
C LYS B 881 3.75 41.36 -33.00
N PRO B 882 2.50 41.61 -32.65
CA PRO B 882 1.47 40.63 -32.97
C PRO B 882 0.99 40.80 -34.42
N SER B 883 0.66 39.68 -35.05
CA SER B 883 -0.06 39.64 -36.33
C SER B 883 -1.28 38.71 -36.24
N VAL B 884 -2.14 38.71 -37.26
CA VAL B 884 -3.27 37.77 -37.25
C VAL B 884 -3.26 36.89 -38.51
N ARG B 885 -3.30 35.58 -38.32
CA ARG B 885 -3.40 34.68 -39.43
C ARG B 885 -4.85 34.31 -39.61
N ILE B 886 -5.35 34.55 -40.82
CA ILE B 886 -6.74 34.36 -41.15
C ILE B 886 -6.86 33.35 -42.28
N SER B 887 -7.40 32.19 -41.93
CA SER B 887 -7.60 31.09 -42.86
C SER B 887 -9.07 30.77 -42.94
N GLY B 888 -9.60 30.71 -44.15
CA GLY B 888 -10.98 30.30 -44.35
C GLY B 888 -11.04 29.05 -45.21
N TRP B 889 -12.09 28.25 -45.02
CA TRP B 889 -12.27 27.06 -45.85
C TRP B 889 -12.18 27.38 -47.33
N ASN B 890 -12.83 28.47 -47.73
CA ASN B 890 -12.90 28.88 -49.14
C ASN B 890 -12.32 30.27 -49.38
N THR B 891 -11.42 30.71 -48.50
CA THR B 891 -10.85 32.04 -48.65
C THR B 891 -9.35 32.03 -48.50
N GLY B 892 -8.74 30.86 -48.49
CA GLY B 892 -7.29 30.77 -48.35
C GLY B 892 -6.73 31.28 -47.02
N THR B 893 -5.48 31.74 -47.08
CA THR B 893 -4.76 32.22 -45.91
C THR B 893 -4.04 33.52 -46.22
N GLN B 894 -4.28 34.49 -45.34
CA GLN B 894 -3.52 35.73 -45.29
C GLN B 894 -3.09 35.97 -43.85
N THR B 895 -2.02 36.74 -43.68
CA THR B 895 -1.72 37.25 -42.36
C THR B 895 -1.61 38.76 -42.41
N VAL B 896 -2.19 39.41 -41.40
CA VAL B 896 -2.26 40.85 -41.35
C VAL B 896 -1.55 41.33 -40.08
N PRO B 897 -0.85 42.48 -40.15
CA PRO B 897 -0.26 43.05 -38.95
C PRO B 897 -1.36 43.50 -38.00
N ALA B 898 -1.06 43.52 -36.70
CA ALA B 898 -2.06 43.90 -35.72
C ALA B 898 -1.55 45.04 -34.84
N ASP B 899 -1.13 46.14 -35.50
OAD X05 C . 12.69 -32.25 22.25
CAK X05 C . 13.64 -33.14 21.62
CAL X05 C . 14.78 -33.34 22.60
CAI X05 C . 14.33 -34.06 23.86
OAB X05 C . 13.50 -35.20 23.51
CAE X05 C . 15.69 -34.54 24.39
CAF X05 C . 16.61 -34.62 23.17
NAM X05 C . 15.75 -34.29 22.02
CAG X05 C . 16.45 -33.75 20.82
CAH X05 C . 15.41 -33.38 19.73
NAA X05 C . 16.07 -32.61 18.65
CAJ X05 C . 14.20 -32.56 20.29
OAC X05 C . 13.13 -32.39 19.35
CD CD D . 16.13 -0.01 0.92
CD CD E . 30.80 -2.01 -11.31
CD CD F . -15.22 -31.59 -19.41
CD CD G . 8.36 -14.03 -0.70
CD CD H . 31.35 -8.27 -10.93
CD CD I . -4.84 -1.24 15.76
CD CD J . -4.06 -26.16 9.71
CD CD K . 13.07 -37.97 12.13
CD CD L . -7.03 -46.26 2.77
OAD X05 M . -11.56 6.61 -20.57
CAK X05 M . -12.40 5.78 -19.74
CAL X05 M . -13.64 5.38 -20.53
CAI X05 M . -13.29 4.52 -21.74
OAB X05 M . -12.33 3.53 -21.36
CAE X05 M . -14.62 3.82 -22.02
CAF X05 M . -15.39 3.90 -20.69
NAM X05 M . -14.40 4.40 -19.73
CAG X05 M . -14.96 4.93 -18.46
CAH X05 M . -13.86 5.59 -17.60
NAA X05 M . -14.51 6.41 -16.57
CAJ X05 M . -12.85 6.46 -18.42
OAC X05 M . -11.68 6.83 -17.63
CD CD N . 20.98 15.25 16.25
CD CD O . -6.83 28.24 -0.19
CD CD P . 5.89 19.82 -10.79
CD CD Q . -6.39 16.97 4.29
CD CD R . -10.11 -6.18 -11.14
CD CD S . -17.54 23.40 0.02
CD CD T . 0.33 10.78 0.29
CD CD U . 7.53 19.86 -1.27
CD CD V . -18.46 14.89 -8.18
CD CD W . -7.62 26.54 -35.14
#